data_3D3I
#
_entry.id   3D3I
#
_cell.length_a   61.6870
_cell.length_b   138.5490
_cell.length_c   87.5430
_cell.angle_alpha   90
_cell.angle_beta   96.60
_cell.angle_gamma   90
#
_symmetry.space_group_name_H-M   'P 1 21 1'
#
loop_
_entity.id
_entity.type
_entity.pdbx_description
1 polymer 'Uncharacterized protein ygjK'
2 non-polymer 'CALCIUM ION'
3 non-polymer GLYCEROL
4 water water
#
_entity_poly.entity_id   1
_entity_poly.type   'polypeptide(L)'
_entity_poly.pdbx_seq_one_letter_code
;ANADNYKNVINRTGAPQY(MSE)KDYDYDDHQRFNPFFDLGAWHGHLLPDGPNT(MSE)GGFPGVALLTEEYINF(MSE)
ASNFDRLTVWQDGKKVDFTLEAYSIPGALVQKLTAKDVQVE(MSE)TLRFATPRTSLLETKITSNKPLDLVWDGELLEKL
EAKEGKPLSDKTIAGEYPDYQRKISATRDGLKVTFGKVRATWDLLTSGESEYQVHKSLPVQTEINGNRFTSKAHINGSTT
LYTTYSHLLTAQEVSKEQ(MSE)QIRDILARPAFYLTASQQRWEEYLKKGLTNPDATPEQTRVAVKAIETLNGNWRSPGG
AVKFNTVTPSVTGRWFSGNQTWPWDTWKQAFA(MSE)AHFNPDIAKENIRAVFSWQIQPGDSVRPQDVGFVPDLIAWNLS
PERGGDGGNWNERNTKPSLAAWSV(MSE)EVYNVTQDKTWVAE(MSE)YPKLVAYHDWWLRNRDHNGNGVPEYGATRDKA
HNTESGE(MSE)LFTVKKGDKEETQSGLNNYARVVEKGQYDSLEIPAQVAASWESGRDDAAVFGFIDKEQLDKYVANGGK
RSDWTVKFAENRSQDGTLLGYSLLQESVDQASY(MSE)YSDNHYLAE(MSE)ATILGKPEEAKRYRQLAQQLADYINTC
(MSE)FDPTTQFYYDVRIEDKPLANGCAGKPIVERGKGPEGWSPLFNGAATQANADAVVKV(MSE)LDPKEFNTFVPLGT
AALTNPAFGADIYWRGRVWVDQFWFGLKG(MSE)ERYGYRDDALKLADTFFRHAKGLTADGPIQENYNPLTGAQQGAPNF
SWSAAHLY(MSE)LYNDFFRKQ
;
_entity_poly.pdbx_strand_id   A,B
#
loop_
_chem_comp.id
_chem_comp.type
_chem_comp.name
_chem_comp.formula
CA non-polymer 'CALCIUM ION' 'Ca 2'
GOL non-polymer GLYCEROL 'C3 H8 O3'
#
# COMPACT_ATOMS: atom_id res chain seq x y z
N ALA A 3 -48.99 -17.71 3.88
CA ALA A 3 -47.80 -17.35 3.06
C ALA A 3 -48.18 -17.00 1.62
N ASP A 4 -49.31 -17.51 1.16
CA ASP A 4 -49.76 -17.23 -0.20
C ASP A 4 -50.17 -15.80 -0.44
N ASN A 5 -50.33 -15.03 0.63
CA ASN A 5 -50.71 -13.63 0.50
C ASN A 5 -49.50 -12.76 0.21
N TYR A 6 -48.32 -13.37 0.17
CA TYR A 6 -47.08 -12.63 -0.06
C TYR A 6 -46.22 -13.24 -1.15
N LYS A 7 -46.65 -13.07 -2.41
CA LYS A 7 -45.90 -13.61 -3.54
C LYS A 7 -44.86 -12.62 -4.04
N ASN A 8 -43.68 -13.13 -4.36
CA ASN A 8 -42.59 -12.32 -4.88
C ASN A 8 -42.27 -11.05 -4.08
N VAL A 9 -42.13 -11.19 -2.77
CA VAL A 9 -41.80 -10.05 -1.93
C VAL A 9 -40.43 -9.52 -2.37
N ILE A 10 -39.53 -10.45 -2.69
CA ILE A 10 -38.21 -10.13 -3.19
C ILE A 10 -38.08 -10.84 -4.53
N ASN A 11 -37.50 -10.18 -5.52
CA ASN A 11 -37.32 -10.78 -6.83
C ASN A 11 -36.26 -11.88 -6.73
N ARG A 12 -36.67 -13.13 -6.87
CA ARG A 12 -35.74 -14.25 -6.78
C ARG A 12 -35.48 -14.93 -8.11
N THR A 13 -35.73 -14.22 -9.21
CA THR A 13 -35.50 -14.78 -10.54
C THR A 13 -34.07 -14.51 -10.97
N GLY A 14 -33.57 -15.33 -11.88
CA GLY A 14 -32.22 -15.12 -12.36
C GLY A 14 -31.58 -16.35 -12.98
N ALA A 15 -30.69 -16.12 -13.93
CA ALA A 15 -29.96 -17.18 -14.61
C ALA A 15 -28.50 -16.79 -14.61
N PRO A 16 -27.80 -17.03 -13.49
CA PRO A 16 -26.38 -16.70 -13.35
C PRO A 16 -25.54 -17.34 -14.44
N GLN A 17 -24.56 -16.60 -14.95
CA GLN A 17 -23.70 -17.09 -16.02
C GLN A 17 -22.24 -17.12 -15.58
N TYR A 18 -22.01 -16.71 -14.33
CA TYR A 18 -20.65 -16.67 -13.77
C TYR A 18 -20.67 -17.18 -12.33
N MSE A 19 -19.56 -17.76 -11.87
CA MSE A 19 -19.50 -18.24 -10.49
C MSE A 19 -19.67 -17.02 -9.60
O MSE A 19 -20.36 -17.08 -8.57
CB MSE A 19 -18.16 -18.90 -10.18
CG MSE A 19 -18.08 -19.43 -8.76
SE MSE A 19 -16.48 -20.45 -8.41
CE MSE A 19 -15.32 -19.03 -7.83
N LYS A 20 -19.03 -15.94 -10.01
CA LYS A 20 -19.09 -14.66 -9.30
C LYS A 20 -19.88 -13.72 -10.23
N ASP A 21 -21.21 -13.76 -10.12
CA ASP A 21 -22.06 -12.90 -10.94
C ASP A 21 -22.39 -11.74 -10.02
N TYR A 22 -21.44 -10.81 -9.92
CA TYR A 22 -21.55 -9.68 -9.01
C TYR A 22 -22.22 -8.40 -9.47
N ASP A 23 -22.63 -7.60 -8.50
CA ASP A 23 -23.20 -6.30 -8.77
C ASP A 23 -21.99 -5.36 -8.69
N TYR A 24 -22.21 -4.05 -8.72
CA TYR A 24 -21.10 -3.13 -8.70
C TYR A 24 -20.22 -3.17 -7.44
N ASP A 25 -20.75 -3.71 -6.34
CA ASP A 25 -19.99 -3.80 -5.10
C ASP A 25 -19.48 -5.21 -4.76
N ASP A 26 -19.46 -6.08 -5.78
CA ASP A 26 -18.98 -7.45 -5.65
C ASP A 26 -19.88 -8.45 -4.91
N HIS A 27 -21.15 -8.12 -4.76
CA HIS A 27 -22.10 -9.01 -4.09
C HIS A 27 -22.83 -9.77 -5.20
N GLN A 28 -23.29 -10.99 -4.93
CA GLN A 28 -24.01 -11.75 -5.95
C GLN A 28 -25.28 -10.96 -6.28
N ARG A 29 -25.48 -10.70 -7.57
CA ARG A 29 -26.60 -9.89 -8.06
C ARG A 29 -27.98 -10.54 -8.11
N PHE A 30 -28.10 -11.74 -7.57
CA PHE A 30 -29.36 -12.45 -7.54
C PHE A 30 -29.70 -12.78 -6.09
N ASN A 31 -30.96 -13.11 -5.82
CA ASN A 31 -31.38 -13.40 -4.45
C ASN A 31 -31.97 -14.80 -4.28
N PRO A 32 -31.08 -15.81 -4.18
CA PRO A 32 -31.49 -17.20 -4.02
C PRO A 32 -32.25 -17.46 -2.73
N PHE A 33 -33.11 -18.47 -2.77
CA PHE A 33 -33.91 -18.87 -1.62
C PHE A 33 -33.12 -19.89 -0.79
N PHE A 34 -32.90 -19.55 0.48
CA PHE A 34 -32.18 -20.39 1.44
C PHE A 34 -33.13 -20.55 2.62
N ASP A 35 -33.11 -21.69 3.28
CA ASP A 35 -33.98 -21.90 4.44
C ASP A 35 -33.43 -23.02 5.32
N LEU A 36 -33.90 -23.08 6.56
CA LEU A 36 -33.50 -24.10 7.52
C LEU A 36 -32.00 -24.11 7.84
N GLY A 37 -31.32 -23.01 7.51
CA GLY A 37 -29.89 -22.92 7.78
C GLY A 37 -29.04 -23.72 6.81
N ALA A 38 -29.63 -24.09 5.68
CA ALA A 38 -28.93 -24.88 4.67
C ALA A 38 -27.78 -24.14 4.00
N TRP A 39 -26.92 -24.88 3.32
CA TRP A 39 -25.76 -24.28 2.67
C TRP A 39 -25.81 -24.21 1.15
N HIS A 40 -27.02 -24.20 0.59
CA HIS A 40 -27.20 -24.05 -0.85
C HIS A 40 -28.55 -23.33 -1.05
N GLY A 41 -28.66 -22.60 -2.15
CA GLY A 41 -29.89 -21.86 -2.44
C GLY A 41 -30.34 -21.99 -3.88
N HIS A 42 -31.58 -21.61 -4.14
CA HIS A 42 -32.17 -21.72 -5.47
C HIS A 42 -32.83 -20.43 -5.98
N LEU A 43 -32.90 -20.30 -7.30
CA LEU A 43 -33.54 -19.14 -7.92
C LEU A 43 -34.75 -19.60 -8.74
N LEU A 44 -35.59 -18.64 -9.10
CA LEU A 44 -36.77 -18.93 -9.91
C LEU A 44 -36.39 -18.73 -11.38
N PRO A 45 -37.04 -19.47 -12.29
CA PRO A 45 -36.71 -19.32 -13.71
C PRO A 45 -37.18 -17.94 -14.19
N ASP A 46 -36.40 -17.32 -15.08
CA ASP A 46 -36.73 -16.00 -15.59
C ASP A 46 -37.49 -16.00 -16.91
N GLY A 47 -37.57 -17.17 -17.54
CA GLY A 47 -38.27 -17.26 -18.81
C GLY A 47 -38.11 -18.61 -19.49
N PRO A 48 -38.41 -18.69 -20.80
CA PRO A 48 -38.32 -19.92 -21.58
C PRO A 48 -36.98 -20.64 -21.49
N ASN A 49 -35.90 -19.88 -21.28
CA ASN A 49 -34.56 -20.44 -21.20
C ASN A 49 -34.29 -21.27 -19.93
N THR A 50 -34.99 -20.95 -18.85
CA THR A 50 -34.78 -21.67 -17.59
C THR A 50 -36.04 -22.38 -17.11
N MSE A 51 -37.14 -22.14 -17.81
CA MSE A 51 -38.42 -22.76 -17.48
C MSE A 51 -38.25 -24.27 -17.34
O MSE A 51 -37.58 -24.91 -18.15
CB MSE A 51 -39.40 -22.42 -18.59
CG MSE A 51 -40.69 -23.20 -18.59
SE MSE A 51 -41.74 -22.57 -20.09
CE MSE A 51 -40.82 -23.48 -21.52
N GLY A 52 -38.85 -24.84 -16.30
CA GLY A 52 -38.75 -26.28 -16.08
C GLY A 52 -37.78 -26.66 -14.98
N GLY A 53 -37.06 -25.67 -14.47
CA GLY A 53 -36.12 -25.91 -13.40
C GLY A 53 -35.89 -24.66 -12.57
N PHE A 54 -35.22 -24.82 -11.44
CA PHE A 54 -34.92 -23.68 -10.58
C PHE A 54 -33.43 -23.47 -10.77
N PRO A 55 -33.08 -22.51 -11.64
CA PRO A 55 -31.70 -22.18 -11.98
C PRO A 55 -30.88 -21.52 -10.88
N GLY A 56 -29.59 -21.35 -11.17
CA GLY A 56 -28.71 -20.69 -10.25
C GLY A 56 -28.45 -21.37 -8.92
N VAL A 57 -27.99 -22.62 -8.96
CA VAL A 57 -27.67 -23.33 -7.73
C VAL A 57 -26.57 -22.52 -7.04
N ALA A 58 -26.85 -22.01 -5.86
CA ALA A 58 -25.88 -21.23 -5.11
C ALA A 58 -25.28 -22.06 -4.00
N LEU A 59 -23.96 -22.23 -4.03
CA LEU A 59 -23.28 -23.02 -3.01
C LEU A 59 -22.56 -22.13 -2.00
N LEU A 60 -22.78 -22.40 -0.72
CA LEU A 60 -22.08 -21.64 0.31
C LEU A 60 -20.84 -22.45 0.64
N THR A 61 -19.73 -22.09 0.00
CA THR A 61 -18.47 -22.79 0.21
C THR A 61 -17.73 -22.29 1.44
N GLU A 62 -18.20 -22.75 2.60
CA GLU A 62 -17.66 -22.42 3.92
C GLU A 62 -17.76 -20.96 4.35
N GLU A 63 -17.26 -20.04 3.54
CA GLU A 63 -17.30 -18.63 3.91
C GLU A 63 -17.71 -17.69 2.77
N TYR A 64 -18.04 -18.27 1.62
CA TYR A 64 -18.42 -17.48 0.45
C TYR A 64 -19.59 -18.10 -0.31
N ILE A 65 -20.28 -17.28 -1.10
CA ILE A 65 -21.37 -17.77 -1.92
C ILE A 65 -20.86 -17.81 -3.35
N ASN A 66 -20.99 -18.97 -3.99
CA ASN A 66 -20.53 -19.17 -5.36
C ASN A 66 -21.56 -19.96 -6.15
N PHE A 67 -21.90 -19.47 -7.35
CA PHE A 67 -22.87 -20.17 -8.18
C PHE A 67 -22.20 -21.38 -8.83
N MSE A 68 -22.97 -22.46 -8.97
CA MSE A 68 -22.47 -23.70 -9.54
C MSE A 68 -22.90 -23.90 -10.98
O MSE A 68 -22.15 -24.43 -11.81
CB MSE A 68 -22.97 -24.89 -8.70
CG MSE A 68 -22.48 -26.25 -9.16
SE MSE A 68 -23.41 -27.70 -8.26
CE MSE A 68 -24.95 -27.83 -9.42
N ALA A 69 -24.12 -23.48 -11.29
CA ALA A 69 -24.67 -23.64 -12.63
C ALA A 69 -25.93 -22.80 -12.84
N SER A 70 -26.28 -22.58 -14.10
CA SER A 70 -27.49 -21.84 -14.41
C SER A 70 -28.57 -22.92 -14.42
N ASN A 71 -28.71 -23.63 -15.54
CA ASN A 71 -29.69 -24.72 -15.62
C ASN A 71 -29.07 -25.97 -15.02
N PHE A 72 -29.79 -26.61 -14.08
CA PHE A 72 -29.32 -27.85 -13.48
C PHE A 72 -30.54 -28.66 -13.04
N ASP A 73 -30.76 -29.78 -13.71
CA ASP A 73 -31.89 -30.67 -13.46
C ASP A 73 -33.17 -30.00 -13.95
N ARG A 74 -33.04 -29.29 -15.08
CA ARG A 74 -34.18 -28.61 -15.70
C ARG A 74 -34.97 -29.64 -16.48
N LEU A 75 -36.28 -29.63 -16.29
CA LEU A 75 -37.17 -30.58 -16.97
C LEU A 75 -37.80 -30.08 -18.26
N THR A 76 -37.81 -30.95 -19.28
CA THR A 76 -38.47 -30.65 -20.54
C THR A 76 -39.30 -31.91 -20.78
N VAL A 77 -40.47 -31.76 -21.38
CA VAL A 77 -41.35 -32.88 -21.62
C VAL A 77 -41.52 -33.14 -23.11
N TRP A 78 -41.47 -34.41 -23.50
CA TRP A 78 -41.58 -34.77 -24.90
C TRP A 78 -42.63 -35.84 -25.17
N GLN A 79 -43.26 -35.73 -26.34
CA GLN A 79 -44.28 -36.69 -26.75
C GLN A 79 -44.11 -36.90 -28.26
N ASP A 80 -43.89 -38.15 -28.65
CA ASP A 80 -43.71 -38.49 -30.06
C ASP A 80 -42.52 -37.75 -30.67
N GLY A 81 -41.46 -37.58 -29.88
CA GLY A 81 -40.27 -36.90 -30.35
C GLY A 81 -40.37 -35.38 -30.44
N LYS A 82 -41.54 -34.84 -30.11
CA LYS A 82 -41.75 -33.40 -30.15
C LYS A 82 -41.84 -32.83 -28.74
N LYS A 83 -41.12 -31.74 -28.50
CA LYS A 83 -41.11 -31.12 -27.19
C LYS A 83 -42.43 -30.42 -26.90
N VAL A 84 -42.96 -30.62 -25.70
CA VAL A 84 -44.21 -30.00 -25.30
C VAL A 84 -43.95 -28.51 -25.07
N ASP A 85 -44.80 -27.67 -25.64
CA ASP A 85 -44.64 -26.23 -25.49
C ASP A 85 -45.48 -25.74 -24.31
N PHE A 86 -44.78 -25.28 -23.27
CA PHE A 86 -45.42 -24.79 -22.04
C PHE A 86 -45.36 -23.27 -21.89
N THR A 87 -46.28 -22.75 -21.09
CA THR A 87 -46.29 -21.32 -20.77
C THR A 87 -45.90 -21.36 -19.30
N LEU A 88 -45.17 -20.35 -18.84
CA LEU A 88 -44.68 -20.32 -17.47
C LEU A 88 -45.30 -19.37 -16.47
N GLU A 89 -45.39 -19.85 -15.23
CA GLU A 89 -45.88 -19.08 -14.10
C GLU A 89 -44.94 -19.47 -12.98
N ALA A 90 -44.30 -18.49 -12.36
CA ALA A 90 -43.35 -18.77 -11.29
C ALA A 90 -43.36 -17.68 -10.26
N TYR A 91 -43.30 -18.07 -8.99
CA TYR A 91 -43.30 -17.10 -7.91
C TYR A 91 -42.73 -17.66 -6.63
N SER A 92 -42.33 -16.77 -5.74
CA SER A 92 -41.80 -17.18 -4.46
C SER A 92 -42.83 -16.77 -3.43
N ILE A 93 -42.84 -17.47 -2.30
CA ILE A 93 -43.70 -17.14 -1.19
C ILE A 93 -42.79 -17.37 0.00
N PRO A 94 -43.15 -16.84 1.17
CA PRO A 94 -42.26 -17.07 2.31
C PRO A 94 -42.09 -18.56 2.54
N GLY A 95 -40.87 -19.06 2.37
CA GLY A 95 -40.61 -20.47 2.59
C GLY A 95 -40.69 -21.42 1.41
N ALA A 96 -40.96 -20.92 0.21
CA ALA A 96 -41.04 -21.80 -0.94
C ALA A 96 -40.92 -21.12 -2.29
N LEU A 97 -40.57 -21.91 -3.30
CA LEU A 97 -40.49 -21.46 -4.68
C LEU A 97 -41.46 -22.35 -5.44
N VAL A 98 -42.22 -21.75 -6.35
CA VAL A 98 -43.22 -22.50 -7.12
C VAL A 98 -43.23 -22.10 -8.58
N GLN A 99 -43.41 -23.07 -9.46
CA GLN A 99 -43.51 -22.77 -10.88
C GLN A 99 -44.48 -23.75 -11.49
N LYS A 100 -45.27 -23.27 -12.44
CA LYS A 100 -46.26 -24.09 -13.09
C LYS A 100 -46.08 -23.99 -14.60
N LEU A 101 -46.04 -25.15 -15.26
CA LEU A 101 -45.89 -25.20 -16.70
C LEU A 101 -47.24 -25.65 -17.25
N THR A 102 -47.81 -24.85 -18.15
CA THR A 102 -49.11 -25.18 -18.70
C THR A 102 -49.13 -25.42 -20.20
N ALA A 103 -49.77 -26.52 -20.58
CA ALA A 103 -49.93 -26.92 -21.97
C ALA A 103 -51.35 -27.45 -22.07
N LYS A 104 -51.81 -27.74 -23.30
CA LYS A 104 -53.16 -28.23 -23.51
C LYS A 104 -53.47 -29.55 -22.80
N ASP A 105 -52.70 -30.58 -23.10
CA ASP A 105 -52.93 -31.90 -22.51
C ASP A 105 -51.93 -32.29 -21.43
N VAL A 106 -51.00 -31.39 -21.12
CA VAL A 106 -50.00 -31.66 -20.10
C VAL A 106 -49.72 -30.44 -19.23
N GLN A 107 -49.66 -30.65 -17.92
CA GLN A 107 -49.36 -29.57 -16.99
C GLN A 107 -48.38 -30.08 -15.95
N VAL A 108 -47.53 -29.19 -15.45
CA VAL A 108 -46.55 -29.56 -14.44
C VAL A 108 -46.57 -28.53 -13.32
N GLU A 109 -46.64 -29.00 -12.08
CA GLU A 109 -46.63 -28.11 -10.93
C GLU A 109 -45.45 -28.51 -10.07
N MSE A 110 -44.52 -27.57 -9.87
CA MSE A 110 -43.33 -27.84 -9.07
C MSE A 110 -43.26 -26.95 -7.83
O MSE A 110 -43.42 -25.73 -7.92
CB MSE A 110 -42.07 -27.64 -9.91
CG MSE A 110 -41.83 -28.73 -10.94
SE MSE A 110 -40.40 -28.29 -12.16
CE MSE A 110 -41.44 -27.45 -13.53
N THR A 111 -43.01 -27.57 -6.69
CA THR A 111 -42.89 -26.86 -5.42
C THR A 111 -41.57 -27.23 -4.79
N LEU A 112 -40.80 -26.23 -4.40
CA LEU A 112 -39.50 -26.45 -3.78
C LEU A 112 -39.45 -25.82 -2.40
N ARG A 113 -39.15 -26.65 -1.40
CA ARG A 113 -39.05 -26.21 -0.01
C ARG A 113 -37.83 -26.90 0.60
N PHE A 114 -37.35 -26.42 1.75
CA PHE A 114 -36.22 -27.08 2.37
C PHE A 114 -36.70 -28.13 3.35
N ALA A 115 -35.99 -29.25 3.40
CA ALA A 115 -36.36 -30.37 4.27
C ALA A 115 -35.45 -30.58 5.47
N THR A 116 -34.16 -30.29 5.30
CA THR A 116 -33.19 -30.41 6.39
C THR A 116 -32.15 -29.30 6.21
N PRO A 117 -31.24 -29.15 7.19
CA PRO A 117 -30.20 -28.12 7.12
C PRO A 117 -29.18 -28.33 6.00
N ARG A 118 -29.39 -29.36 5.18
CA ARG A 118 -28.48 -29.64 4.06
C ARG A 118 -29.22 -30.10 2.81
N THR A 119 -30.55 -30.16 2.88
CA THR A 119 -31.33 -30.67 1.75
C THR A 119 -32.63 -29.95 1.42
N SER A 120 -32.85 -29.69 0.13
CA SER A 120 -34.08 -29.07 -0.32
C SER A 120 -34.89 -30.15 -1.04
N LEU A 121 -36.21 -30.02 -1.01
CA LEU A 121 -37.10 -31.01 -1.61
C LEU A 121 -37.95 -30.42 -2.72
N LEU A 122 -37.95 -31.09 -3.87
CA LEU A 122 -38.71 -30.63 -5.02
C LEU A 122 -39.82 -31.63 -5.37
N GLU A 123 -41.05 -31.13 -5.41
CA GLU A 123 -42.19 -31.97 -5.78
C GLU A 123 -42.50 -31.66 -7.23
N THR A 124 -42.47 -32.68 -8.09
CA THR A 124 -42.78 -32.48 -9.50
C THR A 124 -44.06 -33.26 -9.82
N LYS A 125 -45.17 -32.54 -9.93
CA LYS A 125 -46.47 -33.14 -10.22
C LYS A 125 -46.81 -32.97 -11.68
N ILE A 126 -46.85 -34.08 -12.41
CA ILE A 126 -47.15 -34.05 -13.83
C ILE A 126 -48.53 -34.62 -14.11
N THR A 127 -49.35 -33.83 -14.81
CA THR A 127 -50.70 -34.27 -15.16
C THR A 127 -50.72 -34.42 -16.67
N SER A 128 -51.01 -35.63 -17.14
CA SER A 128 -51.05 -35.90 -18.57
C SER A 128 -52.09 -36.95 -18.93
N ASN A 129 -52.67 -36.80 -20.12
CA ASN A 129 -53.69 -37.72 -20.61
C ASN A 129 -53.04 -38.78 -21.49
N LYS A 130 -51.75 -38.63 -21.74
CA LYS A 130 -51.02 -39.58 -22.59
C LYS A 130 -49.63 -39.85 -22.01
N PRO A 131 -48.99 -40.94 -22.44
CA PRO A 131 -47.65 -41.26 -21.93
C PRO A 131 -46.69 -40.15 -22.34
N LEU A 132 -45.59 -40.00 -21.62
CA LEU A 132 -44.63 -38.94 -21.92
C LEU A 132 -43.19 -39.36 -21.68
N ASP A 133 -42.28 -38.69 -22.37
CA ASP A 133 -40.86 -38.94 -22.21
C ASP A 133 -40.30 -37.71 -21.50
N LEU A 134 -39.71 -37.94 -20.32
CA LEU A 134 -39.16 -36.85 -19.53
C LEU A 134 -37.66 -36.73 -19.73
N VAL A 135 -37.17 -35.49 -19.73
CA VAL A 135 -35.74 -35.23 -19.90
C VAL A 135 -35.31 -34.13 -18.93
N TRP A 136 -34.24 -34.39 -18.18
CA TRP A 136 -33.69 -33.42 -17.24
C TRP A 136 -32.27 -33.14 -17.72
N ASP A 137 -31.89 -31.87 -17.78
CA ASP A 137 -30.56 -31.52 -18.24
C ASP A 137 -29.91 -30.50 -17.31
N GLY A 138 -28.59 -30.38 -17.42
CA GLY A 138 -27.87 -29.44 -16.59
C GLY A 138 -26.45 -29.26 -17.07
N GLU A 139 -25.84 -28.14 -16.71
CA GLU A 139 -24.47 -27.88 -17.10
C GLU A 139 -23.81 -26.95 -16.09
N LEU A 140 -22.58 -27.27 -15.72
CA LEU A 140 -21.85 -26.45 -14.75
C LEU A 140 -21.37 -25.17 -15.40
N LEU A 141 -21.26 -24.11 -14.62
CA LEU A 141 -20.79 -22.83 -15.13
C LEU A 141 -19.34 -22.94 -15.57
N GLU A 142 -18.94 -22.07 -16.50
CA GLU A 142 -17.59 -22.08 -17.02
C GLU A 142 -16.86 -20.77 -16.75
N LYS A 143 -17.56 -19.66 -16.90
CA LYS A 143 -16.99 -18.33 -16.70
C LYS A 143 -16.84 -17.96 -15.22
N LEU A 144 -15.72 -17.32 -14.90
CA LEU A 144 -15.41 -16.96 -13.52
C LEU A 144 -16.09 -15.74 -12.90
N GLU A 145 -15.89 -14.57 -13.49
CA GLU A 145 -16.41 -13.35 -12.89
C GLU A 145 -16.96 -12.28 -13.84
N ALA A 146 -17.97 -11.55 -13.35
CA ALA A 146 -18.59 -10.47 -14.10
C ALA A 146 -19.12 -9.44 -13.11
N LYS A 147 -19.22 -8.20 -13.57
CA LYS A 147 -19.75 -7.12 -12.74
C LYS A 147 -20.92 -6.52 -13.52
N GLU A 148 -22.12 -6.72 -12.99
CA GLU A 148 -23.36 -6.26 -13.62
C GLU A 148 -23.42 -6.61 -15.11
N GLY A 149 -23.14 -7.88 -15.40
CA GLY A 149 -23.22 -8.36 -16.78
C GLY A 149 -21.95 -8.29 -17.61
N LYS A 150 -21.00 -7.43 -17.24
CA LYS A 150 -19.77 -7.31 -18.00
C LYS A 150 -18.64 -8.12 -17.36
N PRO A 151 -18.14 -9.13 -18.08
CA PRO A 151 -17.05 -9.96 -17.53
C PRO A 151 -15.85 -9.13 -17.12
N LEU A 152 -15.29 -9.44 -15.95
CA LEU A 152 -14.14 -8.73 -15.43
C LEU A 152 -12.86 -9.25 -16.04
N SER A 153 -12.97 -10.37 -16.75
CA SER A 153 -11.83 -11.00 -17.42
C SER A 153 -12.35 -12.19 -18.20
N ASP A 154 -11.46 -12.87 -18.92
CA ASP A 154 -11.86 -14.05 -19.69
C ASP A 154 -11.49 -15.30 -18.93
N LYS A 155 -11.14 -15.13 -17.66
CA LYS A 155 -10.77 -16.27 -16.81
C LYS A 155 -11.91 -17.25 -16.64
N THR A 156 -11.57 -18.53 -16.58
CA THR A 156 -12.56 -19.58 -16.40
C THR A 156 -12.42 -20.09 -14.97
N ILE A 157 -13.44 -20.78 -14.49
CA ILE A 157 -13.42 -21.33 -13.14
C ILE A 157 -12.30 -22.36 -12.98
N ALA A 158 -12.20 -23.28 -13.94
CA ALA A 158 -11.18 -24.32 -13.89
C ALA A 158 -9.77 -23.75 -14.03
N GLY A 159 -9.65 -22.69 -14.83
CA GLY A 159 -8.35 -22.07 -15.02
C GLY A 159 -7.89 -21.34 -13.78
N GLU A 160 -8.83 -20.69 -13.11
CA GLU A 160 -8.53 -19.95 -11.89
C GLU A 160 -8.28 -20.88 -10.70
N TYR A 161 -9.03 -21.97 -10.65
CA TYR A 161 -8.91 -22.95 -9.57
C TYR A 161 -8.67 -24.35 -10.14
N PRO A 162 -7.42 -24.66 -10.52
CA PRO A 162 -7.02 -25.94 -11.09
C PRO A 162 -7.34 -27.16 -10.23
N ASP A 163 -7.42 -26.98 -8.92
CA ASP A 163 -7.72 -28.10 -8.04
C ASP A 163 -9.20 -28.31 -7.74
N TYR A 164 -10.04 -27.38 -8.22
CA TYR A 164 -11.48 -27.48 -7.99
C TYR A 164 -12.00 -28.76 -8.64
N GLN A 165 -11.50 -29.04 -9.84
CA GLN A 165 -11.85 -30.24 -10.59
C GLN A 165 -13.28 -30.76 -10.41
N ARG A 166 -14.26 -29.92 -10.73
CA ARG A 166 -15.66 -30.30 -10.62
C ARG A 166 -15.96 -31.50 -11.51
N LYS A 167 -16.66 -32.49 -10.98
CA LYS A 167 -16.98 -33.68 -11.76
C LYS A 167 -18.38 -34.20 -11.51
N ILE A 168 -19.13 -34.42 -12.59
CA ILE A 168 -20.48 -34.94 -12.48
C ILE A 168 -20.43 -36.44 -12.68
N SER A 169 -21.11 -37.19 -11.82
CA SER A 169 -21.16 -38.64 -11.94
C SER A 169 -22.59 -39.11 -11.82
N ALA A 170 -22.93 -40.16 -12.55
CA ALA A 170 -24.28 -40.70 -12.49
C ALA A 170 -24.37 -41.65 -11.30
N THR A 171 -25.56 -41.76 -10.73
CA THR A 171 -25.80 -42.66 -9.60
C THR A 171 -27.07 -43.45 -9.90
N ARG A 172 -27.32 -44.50 -9.13
CA ARG A 172 -28.49 -45.34 -9.35
C ARG A 172 -29.82 -44.60 -9.19
N ASP A 173 -29.83 -43.50 -8.47
CA ASP A 173 -31.07 -42.75 -8.27
C ASP A 173 -30.97 -41.26 -8.60
N GLY A 174 -29.98 -40.90 -9.41
CA GLY A 174 -29.80 -39.51 -9.78
C GLY A 174 -28.39 -39.24 -10.26
N LEU A 175 -27.74 -38.26 -9.63
CA LEU A 175 -26.37 -37.90 -9.99
C LEU A 175 -25.76 -37.09 -8.87
N LYS A 176 -24.48 -36.78 -9.01
CA LYS A 176 -23.79 -35.99 -8.01
C LYS A 176 -22.65 -35.21 -8.65
N VAL A 177 -22.26 -34.13 -7.99
CA VAL A 177 -21.15 -33.33 -8.46
C VAL A 177 -20.15 -33.34 -7.30
N THR A 178 -18.90 -33.67 -7.57
CA THR A 178 -17.89 -33.69 -6.53
C THR A 178 -16.93 -32.54 -6.77
N PHE A 179 -16.25 -32.11 -5.71
CA PHE A 179 -15.34 -30.98 -5.79
C PHE A 179 -14.02 -31.29 -5.11
N GLY A 180 -12.93 -30.86 -5.76
CA GLY A 180 -11.62 -31.08 -5.19
C GLY A 180 -11.39 -30.08 -4.07
N LYS A 181 -10.29 -30.23 -3.35
CA LYS A 181 -9.98 -29.34 -2.24
C LYS A 181 -9.35 -28.02 -2.70
N VAL A 182 -10.02 -26.92 -2.40
CA VAL A 182 -9.56 -25.59 -2.76
C VAL A 182 -9.52 -24.71 -1.51
N ARG A 183 -8.34 -24.19 -1.18
CA ARG A 183 -8.21 -23.35 -0.01
C ARG A 183 -7.91 -21.90 -0.40
N ALA A 184 -8.79 -21.32 -1.21
CA ALA A 184 -8.63 -19.94 -1.64
C ALA A 184 -9.31 -19.08 -0.58
N THR A 185 -8.51 -18.68 0.40
CA THR A 185 -8.90 -17.88 1.55
C THR A 185 -9.95 -16.79 1.35
N TRP A 186 -9.86 -16.07 0.23
CA TRP A 186 -10.77 -14.97 -0.04
C TRP A 186 -11.80 -15.22 -1.12
N ASP A 187 -11.87 -16.44 -1.65
CA ASP A 187 -12.80 -16.70 -2.74
C ASP A 187 -13.60 -18.00 -2.72
N LEU A 188 -12.90 -19.11 -2.44
CA LEU A 188 -13.53 -20.42 -2.48
C LEU A 188 -12.87 -21.39 -1.51
N LEU A 189 -13.67 -21.96 -0.62
CA LEU A 189 -13.14 -22.88 0.37
C LEU A 189 -13.90 -24.20 0.35
N THR A 190 -13.18 -25.28 0.08
CA THR A 190 -13.76 -26.61 0.03
C THR A 190 -12.84 -27.60 0.76
N SER A 191 -13.44 -28.66 1.28
CA SER A 191 -12.71 -29.66 2.04
C SER A 191 -12.07 -30.75 1.18
N GLY A 192 -12.57 -30.89 -0.05
CA GLY A 192 -12.07 -31.93 -0.93
C GLY A 192 -12.98 -33.13 -0.83
N GLU A 193 -14.00 -33.01 0.01
CA GLU A 193 -14.98 -34.08 0.21
C GLU A 193 -16.42 -33.56 0.05
N SER A 194 -16.57 -32.31 -0.35
CA SER A 194 -17.92 -31.76 -0.52
C SER A 194 -18.55 -32.27 -1.82
N GLU A 195 -19.88 -32.33 -1.82
CA GLU A 195 -20.62 -32.82 -2.98
C GLU A 195 -21.99 -32.18 -3.07
N TYR A 196 -22.54 -32.17 -4.28
CA TYR A 196 -23.90 -31.66 -4.50
C TYR A 196 -24.60 -32.90 -5.06
N GLN A 197 -25.54 -33.44 -4.31
CA GLN A 197 -26.23 -34.65 -4.74
C GLN A 197 -27.69 -34.46 -5.13
N VAL A 198 -28.10 -35.22 -6.14
CA VAL A 198 -29.47 -35.21 -6.63
C VAL A 198 -30.01 -36.63 -6.51
N HIS A 199 -31.07 -36.79 -5.72
CA HIS A 199 -31.70 -38.11 -5.54
C HIS A 199 -33.16 -38.01 -5.97
N LYS A 200 -33.64 -39.00 -6.71
CA LYS A 200 -35.03 -38.98 -7.17
C LYS A 200 -35.81 -40.23 -6.83
N SER A 201 -37.12 -40.08 -6.70
CA SER A 201 -38.01 -41.18 -6.38
C SER A 201 -38.25 -42.12 -7.56
N LEU A 202 -37.89 -41.70 -8.76
CA LEU A 202 -38.09 -42.55 -9.92
C LEU A 202 -36.79 -42.80 -10.67
N PRO A 203 -36.62 -44.03 -11.20
CA PRO A 203 -35.42 -44.40 -11.94
C PRO A 203 -35.24 -43.56 -13.20
N VAL A 204 -34.00 -43.15 -13.46
CA VAL A 204 -33.69 -42.36 -14.64
C VAL A 204 -32.32 -42.79 -15.17
N GLN A 205 -32.15 -42.70 -16.49
CA GLN A 205 -30.86 -43.05 -17.09
C GLN A 205 -30.14 -41.74 -17.36
N THR A 206 -28.98 -41.58 -16.74
CA THR A 206 -28.21 -40.35 -16.87
C THR A 206 -26.93 -40.48 -17.69
N GLU A 207 -26.78 -39.58 -18.65
CA GLU A 207 -25.63 -39.54 -19.52
C GLU A 207 -24.82 -38.30 -19.18
N ILE A 208 -23.51 -38.47 -19.05
CA ILE A 208 -22.63 -37.35 -18.73
C ILE A 208 -21.69 -37.05 -19.88
N ASN A 209 -21.57 -35.77 -20.22
CA ASN A 209 -20.70 -35.31 -21.29
C ASN A 209 -19.92 -34.11 -20.77
N GLY A 210 -18.74 -34.37 -20.21
CA GLY A 210 -17.94 -33.28 -19.67
C GLY A 210 -18.66 -32.66 -18.48
N ASN A 211 -18.95 -31.38 -18.57
CA ASN A 211 -19.64 -30.71 -17.47
C ASN A 211 -21.14 -30.55 -17.67
N ARG A 212 -21.72 -31.39 -18.51
CA ARG A 212 -23.16 -31.34 -18.74
C ARG A 212 -23.73 -32.73 -18.59
N PHE A 213 -25.03 -32.83 -18.34
CA PHE A 213 -25.67 -34.13 -18.19
C PHE A 213 -27.08 -34.13 -18.75
N THR A 214 -27.57 -35.32 -19.04
CA THR A 214 -28.92 -35.50 -19.56
C THR A 214 -29.48 -36.76 -18.89
N SER A 215 -30.65 -36.64 -18.28
CA SER A 215 -31.30 -37.77 -17.61
C SER A 215 -32.63 -38.02 -18.30
N LYS A 216 -32.96 -39.28 -18.52
CA LYS A 216 -34.21 -39.61 -19.20
C LYS A 216 -35.04 -40.66 -18.46
N ALA A 217 -36.35 -40.54 -18.60
CA ALA A 217 -37.29 -41.46 -17.98
C ALA A 217 -38.60 -41.42 -18.77
N HIS A 218 -39.33 -42.53 -18.76
CA HIS A 218 -40.60 -42.61 -19.48
C HIS A 218 -41.74 -42.88 -18.51
N ILE A 219 -42.82 -42.13 -18.64
CA ILE A 219 -43.99 -42.32 -17.77
C ILE A 219 -45.19 -42.69 -18.63
N ASN A 220 -46.10 -43.47 -18.06
CA ASN A 220 -47.29 -43.91 -18.79
C ASN A 220 -48.45 -42.94 -18.65
N GLY A 221 -48.27 -41.91 -17.84
CA GLY A 221 -49.33 -40.93 -17.64
C GLY A 221 -49.03 -40.03 -16.46
N SER A 222 -50.06 -39.42 -15.89
CA SER A 222 -49.91 -38.53 -14.75
C SER A 222 -49.13 -39.21 -13.64
N THR A 223 -48.18 -38.49 -13.06
CA THR A 223 -47.39 -39.02 -11.97
C THR A 223 -46.73 -37.89 -11.20
N THR A 224 -46.42 -38.15 -9.94
CA THR A 224 -45.76 -37.16 -9.11
C THR A 224 -44.45 -37.75 -8.60
N LEU A 225 -43.35 -37.05 -8.84
CA LEU A 225 -42.06 -37.52 -8.38
C LEU A 225 -41.48 -36.53 -7.39
N TYR A 226 -40.49 -37.00 -6.64
CA TYR A 226 -39.82 -36.19 -5.65
C TYR A 226 -38.32 -36.25 -5.88
N THR A 227 -37.68 -35.10 -5.71
CA THR A 227 -36.24 -34.98 -5.91
C THR A 227 -35.63 -34.20 -4.75
N THR A 228 -34.47 -34.65 -4.29
CA THR A 228 -33.79 -33.94 -3.23
C THR A 228 -32.48 -33.38 -3.78
N TYR A 229 -32.12 -32.19 -3.31
CA TYR A 229 -30.87 -31.53 -3.70
C TYR A 229 -30.14 -31.28 -2.40
N SER A 230 -28.89 -31.74 -2.30
CA SER A 230 -28.12 -31.58 -1.09
C SER A 230 -26.69 -31.10 -1.31
N HIS A 231 -26.30 -30.06 -0.58
CA HIS A 231 -24.93 -29.57 -0.65
C HIS A 231 -24.34 -30.01 0.68
N LEU A 232 -23.41 -30.96 0.60
CA LEU A 232 -22.76 -31.54 1.78
C LEU A 232 -21.30 -31.12 1.72
N LEU A 233 -20.82 -30.49 2.78
CA LEU A 233 -19.46 -29.96 2.82
C LEU A 233 -18.33 -30.84 3.34
N THR A 234 -18.66 -31.97 3.96
CA THR A 234 -17.64 -32.87 4.48
C THR A 234 -18.05 -34.32 4.28
N ALA A 235 -17.09 -35.23 4.41
CA ALA A 235 -17.36 -36.65 4.25
C ALA A 235 -18.39 -37.10 5.28
N GLN A 236 -18.26 -36.57 6.50
CA GLN A 236 -19.19 -36.92 7.57
C GLN A 236 -20.60 -36.45 7.21
N GLU A 237 -20.73 -35.25 6.65
CA GLU A 237 -22.04 -34.74 6.27
C GLU A 237 -22.65 -35.60 5.17
N VAL A 238 -21.82 -36.03 4.23
CA VAL A 238 -22.28 -36.87 3.12
C VAL A 238 -22.87 -38.18 3.65
N SER A 239 -22.17 -38.81 4.58
CA SER A 239 -22.64 -40.08 5.15
C SER A 239 -23.92 -39.90 5.93
N LYS A 240 -23.93 -38.92 6.82
CA LYS A 240 -25.08 -38.62 7.67
C LYS A 240 -26.37 -38.26 6.93
N GLU A 241 -26.25 -37.58 5.80
CA GLU A 241 -27.43 -37.14 5.07
C GLU A 241 -28.17 -38.26 4.33
N GLN A 242 -27.49 -39.35 4.03
CA GLN A 242 -28.13 -40.43 3.29
C GLN A 242 -29.40 -40.95 3.96
N MSE A 243 -29.37 -41.18 5.26
CA MSE A 243 -30.55 -41.67 5.95
C MSE A 243 -31.65 -40.61 5.97
O MSE A 243 -32.83 -40.93 6.00
CB MSE A 243 -30.23 -42.11 7.39
CG MSE A 243 -29.90 -41.00 8.37
SE MSE A 243 -29.42 -41.73 10.11
CE MSE A 243 -31.13 -42.52 10.57
N GLN A 244 -31.25 -39.34 5.92
CA GLN A 244 -32.21 -38.24 5.90
C GLN A 244 -32.92 -38.23 4.54
N ILE A 245 -32.15 -38.38 3.47
CA ILE A 245 -32.70 -38.40 2.13
C ILE A 245 -33.70 -39.54 2.01
N ARG A 246 -33.36 -40.69 2.57
CA ARG A 246 -34.25 -41.85 2.52
C ARG A 246 -35.57 -41.54 3.24
N ASP A 247 -35.49 -40.91 4.41
CA ASP A 247 -36.69 -40.57 5.17
C ASP A 247 -37.53 -39.54 4.43
N ILE A 248 -36.89 -38.59 3.77
CA ILE A 248 -37.58 -37.56 3.01
C ILE A 248 -38.36 -38.19 1.86
N LEU A 249 -37.70 -39.07 1.11
CA LEU A 249 -38.35 -39.70 -0.02
C LEU A 249 -39.45 -40.69 0.38
N ALA A 250 -39.43 -41.10 1.64
CA ALA A 250 -40.42 -42.03 2.17
C ALA A 250 -41.66 -41.30 2.68
N ARG A 251 -41.50 -40.02 3.02
CA ARG A 251 -42.60 -39.19 3.53
C ARG A 251 -42.50 -37.76 3.01
N PRO A 252 -42.38 -37.58 1.69
CA PRO A 252 -42.26 -36.25 1.12
C PRO A 252 -43.34 -35.24 1.53
N ALA A 253 -44.60 -35.68 1.53
CA ALA A 253 -45.71 -34.80 1.89
C ALA A 253 -45.58 -34.27 3.31
N PHE A 254 -45.03 -35.09 4.21
CA PHE A 254 -44.84 -34.68 5.61
C PHE A 254 -43.82 -33.56 5.71
N TYR A 255 -42.77 -33.61 4.89
CA TYR A 255 -41.75 -32.58 4.92
C TYR A 255 -42.28 -31.27 4.32
N LEU A 256 -43.09 -31.39 3.27
CA LEU A 256 -43.66 -30.20 2.67
C LEU A 256 -44.57 -29.52 3.70
N THR A 257 -45.40 -30.32 4.37
CA THR A 257 -46.30 -29.79 5.38
C THR A 257 -45.54 -29.16 6.53
N ALA A 258 -44.47 -29.80 6.98
CA ALA A 258 -43.68 -29.28 8.09
C ALA A 258 -43.11 -27.90 7.76
N SER A 259 -42.63 -27.74 6.53
CA SER A 259 -42.07 -26.46 6.09
C SER A 259 -43.18 -25.40 6.06
N GLN A 260 -44.31 -25.77 5.46
CA GLN A 260 -45.45 -24.88 5.37
C GLN A 260 -45.88 -24.39 6.75
N GLN A 261 -46.01 -25.32 7.69
CA GLN A 261 -46.43 -24.97 9.05
C GLN A 261 -45.40 -24.10 9.78
N ARG A 262 -44.12 -24.40 9.59
CA ARG A 262 -43.06 -23.63 10.24
C ARG A 262 -43.15 -22.18 9.78
N TRP A 263 -43.39 -21.98 8.49
CA TRP A 263 -43.49 -20.62 7.97
C TRP A 263 -44.78 -19.91 8.36
N GLU A 264 -45.87 -20.66 8.50
CA GLU A 264 -47.12 -20.03 8.91
C GLU A 264 -46.89 -19.49 10.33
N GLU A 265 -46.11 -20.23 11.11
CA GLU A 265 -45.82 -19.81 12.48
C GLU A 265 -44.94 -18.56 12.51
N TYR A 266 -43.94 -18.48 11.63
CA TYR A 266 -43.09 -17.29 11.59
C TYR A 266 -43.97 -16.07 11.34
N LEU A 267 -44.87 -16.19 10.37
CA LEU A 267 -45.76 -15.08 10.01
C LEU A 267 -46.76 -14.75 11.10
N LYS A 268 -47.32 -15.77 11.75
CA LYS A 268 -48.29 -15.53 12.82
C LYS A 268 -47.64 -14.83 14.00
N LYS A 269 -46.45 -15.26 14.36
CA LYS A 269 -45.71 -14.66 15.48
C LYS A 269 -45.17 -13.27 15.15
N GLY A 270 -44.72 -13.09 13.93
CA GLY A 270 -44.12 -11.82 13.54
C GLY A 270 -45.03 -10.69 13.11
N LEU A 271 -46.10 -10.98 12.37
CA LEU A 271 -46.98 -9.93 11.89
C LEU A 271 -48.09 -9.61 12.89
N THR A 272 -47.74 -8.88 13.94
CA THR A 272 -48.70 -8.54 14.99
C THR A 272 -49.11 -7.08 15.07
N ASN A 273 -48.80 -6.29 14.06
CA ASN A 273 -49.18 -4.88 14.04
C ASN A 273 -50.47 -4.76 13.24
N PRO A 274 -51.62 -4.70 13.92
CA PRO A 274 -52.93 -4.60 13.26
C PRO A 274 -53.21 -3.24 12.61
N ASP A 275 -52.35 -2.26 12.87
CA ASP A 275 -52.54 -0.93 12.29
C ASP A 275 -51.64 -0.65 11.10
N ALA A 276 -50.88 -1.65 10.67
CA ALA A 276 -50.00 -1.47 9.52
C ALA A 276 -50.77 -1.61 8.22
N THR A 277 -50.31 -0.90 7.19
CA THR A 277 -50.93 -0.98 5.88
C THR A 277 -50.39 -2.24 5.21
N PRO A 278 -51.04 -2.70 4.13
CA PRO A 278 -50.56 -3.90 3.43
C PRO A 278 -49.12 -3.73 3.00
N GLU A 279 -48.77 -2.51 2.59
CA GLU A 279 -47.42 -2.19 2.12
C GLU A 279 -46.40 -2.31 3.25
N GLN A 280 -46.78 -1.86 4.44
CA GLN A 280 -45.89 -1.93 5.59
C GLN A 280 -45.73 -3.37 6.07
N THR A 281 -46.81 -4.14 5.98
CA THR A 281 -46.77 -5.54 6.39
C THR A 281 -45.83 -6.31 5.45
N ARG A 282 -45.89 -5.99 4.16
CA ARG A 282 -45.04 -6.63 3.17
C ARG A 282 -43.56 -6.39 3.46
N VAL A 283 -43.25 -5.20 3.97
CA VAL A 283 -41.86 -4.87 4.32
C VAL A 283 -41.43 -5.79 5.47
N ALA A 284 -42.34 -6.02 6.41
CA ALA A 284 -42.05 -6.89 7.55
C ALA A 284 -41.78 -8.30 7.04
N VAL A 285 -42.57 -8.73 6.06
CA VAL A 285 -42.40 -10.07 5.50
C VAL A 285 -41.06 -10.16 4.78
N LYS A 286 -40.68 -9.09 4.07
CA LYS A 286 -39.40 -9.11 3.38
C LYS A 286 -38.29 -9.27 4.41
N ALA A 287 -38.43 -8.57 5.54
CA ALA A 287 -37.44 -8.64 6.62
C ALA A 287 -37.33 -10.06 7.16
N ILE A 288 -38.48 -10.70 7.35
CA ILE A 288 -38.51 -12.07 7.86
C ILE A 288 -37.84 -13.02 6.88
N GLU A 289 -38.17 -12.89 5.59
CA GLU A 289 -37.56 -13.74 4.58
C GLU A 289 -36.05 -13.54 4.53
N THR A 290 -35.62 -12.28 4.65
CA THR A 290 -34.20 -11.96 4.59
C THR A 290 -33.42 -12.54 5.76
N LEU A 291 -33.89 -12.30 6.98
CA LEU A 291 -33.21 -12.83 8.16
C LEU A 291 -33.17 -14.37 8.16
N ASN A 292 -34.29 -15.01 7.81
CA ASN A 292 -34.31 -16.47 7.78
C ASN A 292 -33.38 -17.02 6.70
N GLY A 293 -33.20 -16.26 5.62
CA GLY A 293 -32.32 -16.71 4.56
C GLY A 293 -30.86 -16.58 4.93
N ASN A 294 -30.56 -15.66 5.85
CA ASN A 294 -29.19 -15.43 6.29
C ASN A 294 -28.80 -16.30 7.48
N TRP A 295 -29.74 -17.14 7.91
CA TRP A 295 -29.53 -18.06 9.02
C TRP A 295 -28.79 -19.30 8.48
N ARG A 296 -27.72 -19.67 9.17
CA ARG A 296 -26.91 -20.82 8.78
C ARG A 296 -26.89 -21.84 9.92
N SER A 297 -26.94 -23.12 9.58
CA SER A 297 -26.89 -24.16 10.60
C SER A 297 -25.42 -24.29 11.04
N PRO A 298 -25.15 -25.07 12.09
CA PRO A 298 -23.75 -25.20 12.51
C PRO A 298 -22.86 -25.62 11.36
N GLY A 299 -21.63 -25.12 11.35
CA GLY A 299 -20.70 -25.46 10.30
C GLY A 299 -19.27 -25.17 10.72
N GLY A 300 -18.38 -26.13 10.50
CA GLY A 300 -16.99 -25.93 10.87
C GLY A 300 -16.81 -25.63 12.35
N ALA A 301 -16.05 -24.58 12.64
CA ALA A 301 -15.76 -24.19 14.01
C ALA A 301 -16.95 -23.61 14.78
N VAL A 302 -17.99 -23.19 14.06
CA VAL A 302 -19.17 -22.63 14.69
C VAL A 302 -20.14 -23.79 14.96
N LYS A 303 -20.30 -24.13 16.23
CA LYS A 303 -21.14 -25.27 16.63
C LYS A 303 -22.60 -24.95 16.92
N PHE A 304 -23.02 -23.74 16.57
CA PHE A 304 -24.39 -23.30 16.78
C PHE A 304 -24.96 -22.71 15.50
N ASN A 305 -26.28 -22.64 15.43
CA ASN A 305 -26.93 -22.02 14.28
C ASN A 305 -26.54 -20.56 14.46
N THR A 306 -26.40 -19.82 13.36
CA THR A 306 -26.02 -18.42 13.43
C THR A 306 -26.69 -17.66 12.30
N VAL A 307 -26.50 -16.34 12.27
CA VAL A 307 -27.08 -15.50 11.22
C VAL A 307 -25.98 -14.55 10.79
N THR A 308 -25.75 -14.45 9.48
CA THR A 308 -24.71 -13.56 8.95
C THR A 308 -25.32 -12.28 8.39
N PRO A 309 -24.49 -11.26 8.11
CA PRO A 309 -25.01 -10.01 7.57
C PRO A 309 -25.72 -10.15 6.22
N SER A 310 -25.28 -11.11 5.41
CA SER A 310 -25.90 -11.34 4.10
C SER A 310 -25.37 -12.58 3.40
N VAL A 311 -26.27 -13.50 3.06
CA VAL A 311 -25.89 -14.72 2.38
C VAL A 311 -25.36 -14.44 0.97
N THR A 312 -25.71 -13.28 0.41
CA THR A 312 -25.25 -12.93 -0.93
C THR A 312 -24.07 -11.95 -0.92
N GLY A 313 -23.65 -11.52 0.27
CA GLY A 313 -22.57 -10.57 0.38
C GLY A 313 -21.19 -11.08 0.01
N ARG A 314 -20.34 -10.19 -0.50
CA ARG A 314 -18.98 -10.57 -0.89
C ARG A 314 -18.17 -11.06 0.29
N TRP A 315 -18.35 -10.42 1.43
CA TRP A 315 -17.60 -10.76 2.63
C TRP A 315 -18.48 -11.10 3.82
N PHE A 316 -19.78 -11.24 3.60
CA PHE A 316 -20.72 -11.54 4.68
C PHE A 316 -21.38 -12.92 4.58
N SER A 317 -20.93 -13.75 3.65
CA SER A 317 -21.54 -15.06 3.44
C SER A 317 -21.00 -16.23 4.27
N GLY A 318 -21.30 -17.45 3.86
CA GLY A 318 -20.89 -18.62 4.62
C GLY A 318 -21.56 -18.45 5.97
N ASN A 319 -20.86 -18.74 7.06
CA ASN A 319 -21.44 -18.55 8.38
C ASN A 319 -20.68 -17.50 9.18
N GLN A 320 -20.06 -16.56 8.48
CA GLN A 320 -19.30 -15.48 9.13
C GLN A 320 -20.25 -14.67 10.00
N THR A 321 -19.90 -14.53 11.28
CA THR A 321 -20.75 -13.85 12.24
C THR A 321 -20.03 -12.76 13.04
N TRP A 322 -20.68 -11.62 13.22
CA TRP A 322 -20.14 -10.48 13.98
C TRP A 322 -21.07 -10.23 15.17
N PRO A 323 -20.53 -9.73 16.30
CA PRO A 323 -21.36 -9.46 17.47
C PRO A 323 -22.40 -8.36 17.28
N TRP A 324 -21.96 -7.22 16.76
CA TRP A 324 -22.81 -6.06 16.52
C TRP A 324 -24.07 -6.45 15.74
N ASP A 325 -23.88 -7.14 14.62
CA ASP A 325 -25.00 -7.57 13.80
C ASP A 325 -25.88 -8.53 14.57
N THR A 326 -25.26 -9.47 15.27
CA THR A 326 -25.99 -10.46 16.04
C THR A 326 -26.95 -9.86 17.07
N TRP A 327 -26.53 -8.83 17.79
CA TRP A 327 -27.40 -8.23 18.80
C TRP A 327 -28.70 -7.76 18.16
N LYS A 328 -28.59 -7.03 17.05
CA LYS A 328 -29.78 -6.52 16.38
C LYS A 328 -30.55 -7.62 15.67
N GLN A 329 -29.86 -8.59 15.10
CA GLN A 329 -30.52 -9.70 14.43
C GLN A 329 -31.39 -10.49 15.41
N ALA A 330 -30.82 -10.82 16.56
CA ALA A 330 -31.52 -11.59 17.58
C ALA A 330 -32.66 -10.83 18.21
N PHE A 331 -32.49 -9.52 18.36
CA PHE A 331 -33.54 -8.67 18.94
C PHE A 331 -34.79 -8.80 18.08
N ALA A 332 -34.61 -8.69 16.76
CA ALA A 332 -35.72 -8.78 15.83
C ALA A 332 -36.28 -10.19 15.74
N MSE A 333 -35.38 -11.15 15.56
CA MSE A 333 -35.80 -12.54 15.43
C MSE A 333 -36.46 -13.14 16.66
O MSE A 333 -37.15 -14.15 16.58
CB MSE A 333 -34.61 -13.38 14.97
CG MSE A 333 -34.24 -13.06 13.53
SE MSE A 333 -32.70 -13.99 12.85
CE MSE A 333 -33.56 -15.64 12.32
N ALA A 334 -36.28 -12.50 17.82
CA ALA A 334 -36.92 -12.96 19.03
C ALA A 334 -38.42 -12.97 18.80
N HIS A 335 -38.88 -12.07 17.94
CA HIS A 335 -40.31 -11.93 17.65
C HIS A 335 -40.95 -12.85 16.61
N PHE A 336 -40.17 -13.73 15.99
CA PHE A 336 -40.76 -14.66 15.03
C PHE A 336 -40.00 -15.98 14.88
N ASN A 337 -38.70 -15.95 15.17
CA ASN A 337 -37.88 -17.18 15.10
C ASN A 337 -36.97 -17.16 16.32
N PRO A 338 -37.54 -17.18 17.53
CA PRO A 338 -36.76 -17.16 18.77
C PRO A 338 -35.70 -18.24 18.94
N ASP A 339 -35.96 -19.45 18.45
CA ASP A 339 -34.99 -20.52 18.57
C ASP A 339 -33.67 -20.11 17.93
N ILE A 340 -33.75 -19.48 16.76
CA ILE A 340 -32.55 -19.07 16.05
C ILE A 340 -31.95 -17.79 16.64
N ALA A 341 -32.79 -16.94 17.22
CA ALA A 341 -32.28 -15.72 17.85
C ALA A 341 -31.36 -16.17 19.00
N LYS A 342 -31.83 -17.15 19.77
CA LYS A 342 -31.03 -17.66 20.88
C LYS A 342 -29.73 -18.29 20.38
N GLU A 343 -29.83 -19.11 19.33
CA GLU A 343 -28.66 -19.76 18.76
C GLU A 343 -27.62 -18.76 18.26
N ASN A 344 -28.09 -17.70 17.58
CA ASN A 344 -27.20 -16.67 17.05
C ASN A 344 -26.38 -16.06 18.18
N ILE A 345 -27.04 -15.79 19.31
CA ILE A 345 -26.37 -15.23 20.47
C ILE A 345 -25.37 -16.24 21.02
N ARG A 346 -25.80 -17.49 21.12
CA ARG A 346 -24.92 -18.56 21.62
C ARG A 346 -23.67 -18.73 20.77
N ALA A 347 -23.83 -18.56 19.45
CA ALA A 347 -22.71 -18.73 18.53
C ALA A 347 -21.61 -17.73 18.85
N VAL A 348 -21.98 -16.46 19.00
CA VAL A 348 -21.03 -15.41 19.31
C VAL A 348 -20.30 -15.67 20.63
N PHE A 349 -21.05 -16.03 21.66
CA PHE A 349 -20.45 -16.29 22.97
C PHE A 349 -19.72 -17.62 23.09
N SER A 350 -19.99 -18.53 22.16
CA SER A 350 -19.33 -19.84 22.22
C SER A 350 -17.82 -19.70 22.10
N TRP A 351 -17.37 -18.61 21.48
CA TRP A 351 -15.95 -18.38 21.33
C TRP A 351 -15.43 -17.25 22.20
N GLN A 352 -16.20 -16.92 23.23
CA GLN A 352 -15.81 -15.89 24.18
C GLN A 352 -14.55 -16.45 24.87
N ILE A 353 -13.55 -15.59 25.08
CA ILE A 353 -12.29 -16.03 25.69
C ILE A 353 -12.45 -16.53 27.12
N GLN A 354 -11.91 -17.71 27.39
CA GLN A 354 -11.98 -18.31 28.71
C GLN A 354 -10.61 -18.25 29.40
N PRO A 355 -10.61 -18.35 30.74
CA PRO A 355 -9.34 -18.32 31.48
C PRO A 355 -8.38 -19.36 30.94
N GLY A 356 -7.13 -18.97 30.74
CA GLY A 356 -6.13 -19.89 30.24
C GLY A 356 -6.12 -20.08 28.74
N ASP A 357 -6.80 -19.19 28.02
CA ASP A 357 -6.86 -19.28 26.55
C ASP A 357 -5.44 -19.42 26.00
N SER A 358 -5.29 -20.24 24.97
CA SER A 358 -3.98 -20.49 24.37
C SER A 358 -3.43 -19.35 23.52
N VAL A 359 -4.28 -18.40 23.14
CA VAL A 359 -3.84 -17.30 22.30
C VAL A 359 -3.78 -15.96 23.02
N ARG A 360 -4.85 -15.62 23.73
CA ARG A 360 -4.93 -14.35 24.43
C ARG A 360 -5.51 -14.50 25.83
N PRO A 361 -4.75 -15.15 26.73
CA PRO A 361 -5.22 -15.35 28.09
C PRO A 361 -5.48 -14.03 28.83
N GLN A 362 -4.96 -12.94 28.28
CA GLN A 362 -5.14 -11.63 28.89
C GLN A 362 -6.46 -10.97 28.47
N ASP A 363 -7.26 -11.68 27.66
CA ASP A 363 -8.54 -11.17 27.18
C ASP A 363 -9.77 -11.96 27.66
N VAL A 364 -9.74 -12.48 28.88
CA VAL A 364 -10.89 -13.24 29.37
C VAL A 364 -12.16 -12.40 29.30
N GLY A 365 -13.21 -12.97 28.72
CA GLY A 365 -14.48 -12.27 28.58
C GLY A 365 -14.68 -11.64 27.21
N PHE A 366 -13.58 -11.50 26.46
CA PHE A 366 -13.59 -10.92 25.13
C PHE A 366 -14.42 -11.72 24.12
N VAL A 367 -15.17 -11.01 23.29
CA VAL A 367 -16.00 -11.62 22.26
C VAL A 367 -15.41 -11.23 20.89
N PRO A 368 -14.93 -12.22 20.11
CA PRO A 368 -14.33 -11.99 18.79
C PRO A 368 -15.18 -11.17 17.80
N ASP A 369 -14.50 -10.32 17.04
CA ASP A 369 -15.15 -9.49 16.03
C ASP A 369 -15.79 -10.37 14.95
N LEU A 370 -15.09 -11.43 14.57
CA LEU A 370 -15.56 -12.30 13.50
C LEU A 370 -15.21 -13.78 13.68
N ILE A 371 -16.24 -14.62 13.72
CA ILE A 371 -16.04 -16.06 13.82
C ILE A 371 -16.60 -16.65 12.53
N ALA A 372 -16.09 -17.81 12.14
CA ALA A 372 -16.54 -18.45 10.91
C ALA A 372 -16.11 -19.91 10.87
N TRP A 373 -16.50 -20.58 9.78
CA TRP A 373 -16.19 -21.99 9.56
C TRP A 373 -14.75 -22.33 9.90
N ASN A 374 -13.81 -21.55 9.36
CA ASN A 374 -12.39 -21.78 9.57
C ASN A 374 -11.70 -20.91 10.61
N LEU A 375 -11.07 -21.57 11.58
CA LEU A 375 -10.34 -20.88 12.63
C LEU A 375 -9.11 -20.22 12.03
N SER A 376 -8.60 -19.21 12.72
CA SER A 376 -7.40 -18.51 12.28
C SER A 376 -6.22 -19.48 12.42
N PRO A 377 -5.10 -19.18 11.76
CA PRO A 377 -3.92 -20.05 11.86
C PRO A 377 -3.45 -20.11 13.31
N GLU A 378 -3.67 -19.03 14.05
CA GLU A 378 -3.28 -18.96 15.44
C GLU A 378 -4.02 -19.98 16.29
N ARG A 379 -5.18 -20.42 15.80
CA ARG A 379 -5.97 -21.41 16.52
C ARG A 379 -6.01 -22.76 15.78
N GLY A 380 -5.07 -22.95 14.87
CA GLY A 380 -4.97 -24.21 14.14
C GLY A 380 -5.67 -24.35 12.80
N GLY A 381 -6.32 -23.30 12.31
CA GLY A 381 -7.00 -23.40 11.03
C GLY A 381 -6.30 -22.64 9.93
N ASP A 382 -6.95 -22.53 8.77
CA ASP A 382 -6.37 -21.79 7.65
C ASP A 382 -7.32 -20.68 7.20
N GLY A 383 -8.21 -20.26 8.10
CA GLY A 383 -9.16 -19.22 7.78
C GLY A 383 -8.56 -17.83 7.87
N GLY A 384 -8.90 -16.97 6.91
CA GLY A 384 -8.38 -15.61 6.92
C GLY A 384 -9.35 -14.57 7.43
N ASN A 385 -10.60 -14.98 7.66
CA ASN A 385 -11.60 -14.04 8.14
C ASN A 385 -11.67 -13.95 9.66
N TRP A 386 -11.57 -15.10 10.33
CA TRP A 386 -11.60 -15.17 11.79
C TRP A 386 -10.78 -14.01 12.33
N ASN A 387 -11.41 -13.15 13.12
CA ASN A 387 -10.71 -11.97 13.64
C ASN A 387 -10.88 -11.70 15.13
N GLU A 388 -9.76 -11.49 15.81
CA GLU A 388 -9.75 -11.19 17.23
C GLU A 388 -8.94 -9.92 17.53
N ARG A 389 -8.77 -9.08 16.52
CA ARG A 389 -8.04 -7.82 16.67
C ARG A 389 -8.88 -6.80 17.41
N ASN A 390 -10.18 -7.08 17.52
CA ASN A 390 -11.11 -6.17 18.17
C ASN A 390 -12.45 -6.85 18.38
N THR A 391 -13.37 -6.16 19.05
CA THR A 391 -14.72 -6.68 19.24
C THR A 391 -15.67 -5.65 18.61
N LYS A 392 -16.87 -5.49 19.15
CA LYS A 392 -17.83 -4.53 18.61
C LYS A 392 -18.59 -3.84 19.73
N PRO A 393 -19.36 -2.78 19.40
CA PRO A 393 -20.12 -2.10 20.45
C PRO A 393 -21.02 -3.12 21.14
N SER A 394 -21.22 -2.96 22.44
CA SER A 394 -22.01 -3.93 23.16
C SER A 394 -23.47 -3.62 23.46
N LEU A 395 -24.35 -4.39 22.81
CA LEU A 395 -25.78 -4.31 23.02
C LEU A 395 -26.18 -5.75 23.28
N ALA A 396 -25.24 -6.53 23.81
CA ALA A 396 -25.47 -7.93 24.11
C ALA A 396 -26.57 -8.14 25.15
N ALA A 397 -26.52 -7.40 26.26
CA ALA A 397 -27.52 -7.54 27.30
C ALA A 397 -28.90 -7.15 26.78
N TRP A 398 -28.95 -6.08 26.02
CA TRP A 398 -30.18 -5.57 25.42
C TRP A 398 -30.81 -6.65 24.53
N SER A 399 -29.97 -7.34 23.76
CA SER A 399 -30.43 -8.39 22.86
C SER A 399 -30.90 -9.61 23.63
N VAL A 400 -30.11 -10.05 24.61
CA VAL A 400 -30.49 -11.20 25.42
C VAL A 400 -31.82 -10.92 26.12
N MSE A 401 -31.99 -9.69 26.58
CA MSE A 401 -33.22 -9.32 27.27
C MSE A 401 -34.45 -9.39 26.37
O MSE A 401 -35.53 -9.78 26.81
CB MSE A 401 -33.11 -7.91 27.87
CG MSE A 401 -34.34 -7.47 28.64
SE MSE A 401 -34.68 -8.61 30.18
CE MSE A 401 -33.42 -7.79 31.40
N GLU A 402 -34.30 -9.00 25.11
CA GLU A 402 -35.43 -9.03 24.19
C GLU A 402 -35.93 -10.46 24.02
N VAL A 403 -35.00 -11.41 23.97
CA VAL A 403 -35.38 -12.81 23.84
C VAL A 403 -36.20 -13.20 25.07
N TYR A 404 -35.78 -12.73 26.24
CA TYR A 404 -36.52 -13.04 27.47
C TYR A 404 -37.88 -12.36 27.45
N ASN A 405 -37.93 -11.11 27.01
CA ASN A 405 -39.19 -10.37 26.98
C ASN A 405 -40.25 -11.12 26.19
N VAL A 406 -39.82 -11.83 25.16
CA VAL A 406 -40.75 -12.58 24.33
C VAL A 406 -41.06 -13.98 24.88
N THR A 407 -40.02 -14.74 25.18
CA THR A 407 -40.20 -16.12 25.68
C THR A 407 -40.54 -16.24 27.17
N GLN A 408 -40.16 -15.24 27.94
CA GLN A 408 -40.38 -15.24 29.39
C GLN A 408 -39.68 -16.44 30.02
N ASP A 409 -38.65 -16.92 29.34
CA ASP A 409 -37.88 -18.07 29.80
C ASP A 409 -36.71 -17.65 30.69
N LYS A 410 -36.88 -17.80 32.00
CA LYS A 410 -35.83 -17.43 32.94
C LYS A 410 -34.56 -18.28 32.81
N THR A 411 -34.69 -19.49 32.28
CA THR A 411 -33.52 -20.36 32.13
C THR A 411 -32.57 -19.77 31.10
N TRP A 412 -33.14 -19.02 30.14
CA TRP A 412 -32.35 -18.37 29.10
C TRP A 412 -31.50 -17.27 29.75
N VAL A 413 -32.12 -16.48 30.62
CA VAL A 413 -31.40 -15.42 31.30
C VAL A 413 -30.31 -16.01 32.18
N ALA A 414 -30.62 -17.11 32.86
CA ALA A 414 -29.65 -17.78 33.72
C ALA A 414 -28.46 -18.26 32.90
N GLU A 415 -28.74 -18.76 31.69
CA GLU A 415 -27.73 -19.27 30.79
C GLU A 415 -26.74 -18.18 30.36
N MSE A 416 -27.27 -17.05 29.92
CA MSE A 416 -26.45 -15.96 29.40
C MSE A 416 -25.84 -14.99 30.39
O MSE A 416 -24.80 -14.39 30.11
CB MSE A 416 -27.25 -15.17 28.36
CG MSE A 416 -27.80 -16.06 27.25
SE MSE A 416 -26.39 -16.89 26.22
CE MSE A 416 -25.89 -18.34 27.36
N TYR A 417 -26.48 -14.83 31.54
CA TYR A 417 -26.01 -13.90 32.56
C TYR A 417 -24.50 -13.93 32.83
N PRO A 418 -23.94 -15.11 33.16
CA PRO A 418 -22.50 -15.16 33.42
C PRO A 418 -21.62 -14.77 32.24
N LYS A 419 -22.08 -15.06 31.03
CA LYS A 419 -21.31 -14.71 29.84
C LYS A 419 -21.33 -13.19 29.65
N LEU A 420 -22.49 -12.59 29.92
CA LEU A 420 -22.62 -11.15 29.80
C LEU A 420 -21.77 -10.48 30.87
N VAL A 421 -21.76 -11.06 32.07
CA VAL A 421 -20.97 -10.51 33.16
C VAL A 421 -19.48 -10.53 32.80
N ALA A 422 -19.03 -11.63 32.20
CA ALA A 422 -17.62 -11.75 31.83
C ALA A 422 -17.23 -10.70 30.79
N TYR A 423 -18.12 -10.44 29.84
CA TYR A 423 -17.87 -9.46 28.78
C TYR A 423 -17.82 -8.07 29.42
N HIS A 424 -18.76 -7.81 30.31
CA HIS A 424 -18.85 -6.54 31.04
C HIS A 424 -17.53 -6.25 31.75
N ASP A 425 -17.02 -7.25 32.47
CA ASP A 425 -15.78 -7.10 33.21
C ASP A 425 -14.56 -6.89 32.30
N TRP A 426 -14.58 -7.51 31.13
CA TRP A 426 -13.47 -7.38 30.18
C TRP A 426 -13.30 -5.92 29.73
N TRP A 427 -14.40 -5.22 29.48
CA TRP A 427 -14.33 -3.83 29.07
C TRP A 427 -13.62 -2.97 30.11
N LEU A 428 -13.94 -3.21 31.38
CA LEU A 428 -13.34 -2.43 32.47
C LEU A 428 -11.85 -2.71 32.67
N ARG A 429 -11.42 -3.91 32.33
CA ARG A 429 -10.01 -4.26 32.48
C ARG A 429 -9.15 -3.86 31.29
N ASN A 430 -9.67 -4.10 30.08
CA ASN A 430 -8.92 -3.85 28.87
C ASN A 430 -9.28 -2.66 27.98
N ARG A 431 -10.33 -1.93 28.33
CA ARG A 431 -10.74 -0.77 27.54
C ARG A 431 -11.05 0.46 28.38
N ASP A 432 -10.21 0.69 29.39
CA ASP A 432 -10.38 1.84 30.27
C ASP A 432 -8.98 2.35 30.62
N HIS A 433 -8.33 2.96 29.63
CA HIS A 433 -6.98 3.46 29.75
C HIS A 433 -6.67 4.32 30.97
N ASN A 434 -7.55 5.25 31.30
CA ASN A 434 -7.32 6.13 32.44
C ASN A 434 -8.01 5.67 33.72
N GLY A 435 -8.58 4.46 33.66
CA GLY A 435 -9.25 3.86 34.81
C GLY A 435 -10.33 4.63 35.55
N ASN A 436 -11.17 5.38 34.83
CA ASN A 436 -12.22 6.14 35.49
C ASN A 436 -13.58 5.45 35.41
N GLY A 437 -13.60 4.22 34.93
CA GLY A 437 -14.83 3.46 34.83
C GLY A 437 -15.67 3.74 33.59
N VAL A 438 -15.14 4.54 32.68
CA VAL A 438 -15.84 4.90 31.45
C VAL A 438 -15.01 4.35 30.27
N PRO A 439 -15.35 3.14 29.78
CA PRO A 439 -14.60 2.54 28.68
C PRO A 439 -14.43 3.34 27.38
N GLU A 440 -13.44 2.93 26.58
CA GLU A 440 -13.13 3.53 25.28
C GLU A 440 -13.16 2.42 24.26
N TYR A 441 -13.21 2.78 22.99
CA TYR A 441 -13.14 1.79 21.93
C TYR A 441 -11.64 1.57 21.76
N GLY A 442 -11.22 0.35 21.43
CA GLY A 442 -9.80 0.09 21.28
C GLY A 442 -9.50 -1.13 20.46
N ALA A 443 -8.38 -1.77 20.77
CA ALA A 443 -7.95 -2.97 20.03
C ALA A 443 -7.21 -3.91 20.98
N THR A 444 -7.04 -5.14 20.54
CA THR A 444 -6.37 -6.15 21.35
C THR A 444 -4.89 -6.26 20.97
N ARG A 445 -4.16 -7.07 21.73
CA ARG A 445 -2.77 -7.33 21.40
C ARG A 445 -2.93 -8.32 20.26
N ASP A 446 -2.22 -8.13 19.17
CA ASP A 446 -2.36 -9.01 18.01
C ASP A 446 -1.12 -8.98 17.13
N LYS A 447 -0.92 -10.05 16.36
CA LYS A 447 0.22 -10.13 15.46
C LYS A 447 0.21 -8.97 14.46
N ALA A 448 -0.99 -8.48 14.14
CA ALA A 448 -1.13 -7.39 13.19
C ALA A 448 -0.89 -6.01 13.82
N HIS A 449 -0.91 -5.96 15.14
CA HIS A 449 -0.75 -4.69 15.84
C HIS A 449 0.62 -4.44 16.49
N ASN A 450 1.30 -5.50 16.88
CA ASN A 450 2.58 -5.32 17.55
C ASN A 450 3.61 -6.39 17.19
N THR A 451 4.86 -6.14 17.57
CA THR A 451 5.93 -7.08 17.31
C THR A 451 5.90 -8.18 18.35
N GLU A 452 6.79 -9.16 18.22
CA GLU A 452 6.85 -10.27 19.16
C GLU A 452 7.10 -9.77 20.58
N SER A 453 7.89 -8.71 20.72
CA SER A 453 8.21 -8.14 22.02
C SER A 453 7.11 -7.23 22.56
N GLY A 454 6.08 -7.02 21.76
CA GLY A 454 4.97 -6.19 22.20
C GLY A 454 5.04 -4.72 21.82
N GLU A 455 5.91 -4.37 20.88
CA GLU A 455 6.03 -2.99 20.44
C GLU A 455 4.98 -2.68 19.37
N MSE A 456 4.19 -1.63 19.61
CA MSE A 456 3.14 -1.24 18.68
C MSE A 456 3.67 -0.86 17.30
O MSE A 456 4.57 -0.02 17.19
CB MSE A 456 2.33 -0.07 19.25
CG MSE A 456 1.17 0.35 18.38
SE MSE A 456 0.21 1.85 19.12
CE MSE A 456 1.25 3.27 18.33
N LEU A 457 3.10 -1.45 16.27
CA LEU A 457 3.50 -1.17 14.89
C LEU A 457 2.75 0.02 14.32
N PHE A 458 3.42 0.76 13.43
CA PHE A 458 2.82 1.90 12.77
C PHE A 458 3.68 2.32 11.58
N THR A 459 3.02 2.83 10.54
CA THR A 459 3.72 3.26 9.34
C THR A 459 3.53 4.76 9.11
N VAL A 460 4.65 5.45 8.89
CA VAL A 460 4.61 6.89 8.64
C VAL A 460 4.77 7.13 7.15
N LYS A 461 3.85 7.91 6.58
CA LYS A 461 3.89 8.21 5.16
C LYS A 461 4.12 9.69 4.90
N LYS A 462 5.03 9.98 3.97
CA LYS A 462 5.37 11.34 3.59
C LYS A 462 5.65 11.31 2.10
N GLY A 463 4.75 11.90 1.32
CA GLY A 463 4.92 11.91 -0.12
C GLY A 463 4.78 10.48 -0.63
N ASP A 464 5.87 9.94 -1.16
CA ASP A 464 5.87 8.57 -1.67
C ASP A 464 6.71 7.70 -0.75
N LYS A 465 7.21 8.31 0.32
CA LYS A 465 8.05 7.60 1.29
C LYS A 465 7.23 6.99 2.41
N GLU A 466 7.44 5.70 2.66
CA GLU A 466 6.75 4.99 3.73
C GLU A 466 7.82 4.49 4.69
N GLU A 467 7.49 4.47 5.98
CA GLU A 467 8.44 4.00 6.97
C GLU A 467 7.72 3.33 8.13
N THR A 468 7.85 2.01 8.22
CA THR A 468 7.22 1.25 9.28
C THR A 468 8.11 1.23 10.51
N GLN A 469 7.58 1.71 11.62
CA GLN A 469 8.31 1.76 12.88
C GLN A 469 7.50 1.03 13.95
N SER A 470 8.06 0.95 15.15
CA SER A 470 7.39 0.30 16.26
C SER A 470 7.76 0.99 17.57
N GLY A 471 6.92 0.84 18.58
CA GLY A 471 7.20 1.46 19.86
C GLY A 471 6.34 2.68 20.13
N LEU A 472 5.67 2.68 21.28
CA LEU A 472 4.81 3.78 21.68
C LEU A 472 5.59 5.09 21.75
N ASN A 473 6.81 5.03 22.29
CA ASN A 473 7.64 6.21 22.43
C ASN A 473 7.94 6.84 21.07
N ASN A 474 8.23 6.00 20.07
CA ASN A 474 8.52 6.50 18.74
C ASN A 474 7.25 7.13 18.16
N TYR A 475 6.12 6.49 18.42
CA TYR A 475 4.83 6.99 17.96
C TYR A 475 4.59 8.39 18.49
N ALA A 476 4.74 8.56 19.80
CA ALA A 476 4.54 9.84 20.45
C ALA A 476 5.37 10.96 19.81
N ARG A 477 6.61 10.65 19.47
CA ARG A 477 7.50 11.62 18.86
C ARG A 477 6.96 12.03 17.48
N VAL A 478 6.70 11.04 16.64
CA VAL A 478 6.18 11.29 15.31
C VAL A 478 4.95 12.19 15.33
N VAL A 479 4.03 11.91 16.25
CA VAL A 479 2.82 12.71 16.37
C VAL A 479 3.11 14.13 16.81
N GLU A 480 4.16 14.31 17.61
CA GLU A 480 4.51 15.63 18.08
C GLU A 480 5.06 16.52 16.97
N LYS A 481 5.88 15.95 16.10
CA LYS A 481 6.46 16.71 15.00
C LYS A 481 5.44 17.01 13.92
N GLY A 482 4.57 16.03 13.65
CA GLY A 482 3.54 16.22 12.64
C GLY A 482 4.08 16.46 11.24
N GLN A 483 5.31 16.01 10.99
CA GLN A 483 5.92 16.19 9.67
C GLN A 483 5.62 14.97 8.80
N TYR A 484 4.34 14.71 8.58
CA TYR A 484 3.92 13.58 7.76
C TYR A 484 2.56 13.87 7.14
N ASP A 485 2.19 13.12 6.11
CA ASP A 485 0.91 13.31 5.45
C ASP A 485 -0.13 12.42 6.12
N SER A 486 0.28 11.22 6.51
CA SER A 486 -0.63 10.29 7.17
C SER A 486 0.15 9.29 8.02
N LEU A 487 -0.53 8.75 9.02
CA LEU A 487 0.06 7.78 9.93
C LEU A 487 -0.86 6.56 9.97
N GLU A 488 -0.34 5.41 9.57
CA GLU A 488 -1.11 4.17 9.54
C GLU A 488 -0.77 3.29 10.74
N ILE A 489 -1.74 3.13 11.64
CA ILE A 489 -1.54 2.32 12.83
C ILE A 489 -2.56 1.19 12.84
N PRO A 490 -2.11 -0.04 12.57
CA PRO A 490 -3.01 -1.22 12.54
C PRO A 490 -3.96 -1.34 13.72
N ALA A 491 -3.44 -1.13 14.93
CA ALA A 491 -4.28 -1.22 16.13
C ALA A 491 -5.36 -0.14 16.13
N GLN A 492 -5.02 1.07 15.67
CA GLN A 492 -6.02 2.13 15.65
C GLN A 492 -7.06 1.86 14.56
N VAL A 493 -6.65 1.16 13.51
CA VAL A 493 -7.58 0.81 12.44
C VAL A 493 -8.58 -0.18 13.03
N ALA A 494 -8.07 -1.12 13.82
CA ALA A 494 -8.92 -2.12 14.46
C ALA A 494 -9.87 -1.42 15.43
N ALA A 495 -9.42 -0.32 16.04
CA ALA A 495 -10.26 0.41 16.97
C ALA A 495 -11.45 1.04 16.24
N SER A 496 -11.22 1.46 14.99
CA SER A 496 -12.30 2.05 14.21
C SER A 496 -13.31 0.94 13.89
N TRP A 497 -12.83 -0.29 13.74
CA TRP A 497 -13.74 -1.40 13.46
C TRP A 497 -14.53 -1.71 14.73
N GLU A 498 -13.88 -1.61 15.89
CA GLU A 498 -14.55 -1.89 17.15
C GLU A 498 -15.67 -0.89 17.42
N SER A 499 -15.52 0.33 16.90
CA SER A 499 -16.54 1.37 17.09
C SER A 499 -17.77 1.08 16.21
N GLY A 500 -17.57 0.32 15.14
CA GLY A 500 -18.66 0.01 14.24
C GLY A 500 -18.89 1.04 13.15
N ARG A 501 -18.12 2.13 13.18
CA ARG A 501 -18.23 3.20 12.20
C ARG A 501 -16.82 3.60 11.79
N ASP A 502 -16.21 2.78 10.92
CA ASP A 502 -14.83 2.99 10.49
C ASP A 502 -14.45 4.22 9.67
N ASP A 503 -15.40 5.13 9.44
CA ASP A 503 -15.06 6.32 8.67
C ASP A 503 -15.81 7.53 9.23
N ALA A 504 -16.21 7.43 10.50
CA ALA A 504 -16.96 8.48 11.17
C ALA A 504 -16.10 9.71 11.49
N ALA A 505 -16.71 10.88 11.39
CA ALA A 505 -16.02 12.14 11.65
C ALA A 505 -15.46 12.20 13.06
N VAL A 506 -16.24 11.73 14.04
CA VAL A 506 -15.81 11.78 15.42
C VAL A 506 -14.51 11.01 15.68
N PHE A 507 -14.17 10.05 14.82
CA PHE A 507 -12.95 9.29 15.00
C PHE A 507 -11.78 9.82 14.17
N GLY A 508 -11.90 11.08 13.75
CA GLY A 508 -10.84 11.71 12.98
C GLY A 508 -10.86 11.54 11.47
N PHE A 509 -11.88 10.89 10.94
CA PHE A 509 -11.98 10.66 9.51
C PHE A 509 -12.58 11.85 8.76
N ILE A 510 -11.77 12.43 7.90
CA ILE A 510 -12.18 13.59 7.11
C ILE A 510 -11.28 13.66 5.87
N ASP A 511 -11.85 13.96 4.70
CA ASP A 511 -11.02 14.02 3.50
C ASP A 511 -10.24 15.31 3.37
N LYS A 512 -9.20 15.30 2.54
CA LYS A 512 -8.35 16.46 2.34
C LYS A 512 -9.12 17.74 2.05
N GLU A 513 -10.03 17.69 1.09
CA GLU A 513 -10.83 18.86 0.72
C GLU A 513 -11.55 19.43 1.93
N GLN A 514 -12.25 18.57 2.66
CA GLN A 514 -12.99 18.98 3.84
C GLN A 514 -12.07 19.52 4.93
N LEU A 515 -10.90 18.89 5.11
CA LEU A 515 -9.96 19.33 6.12
C LEU A 515 -9.34 20.67 5.76
N ASP A 516 -8.94 20.84 4.51
CA ASP A 516 -8.34 22.10 4.08
C ASP A 516 -9.34 23.23 4.36
N LYS A 517 -10.61 22.95 4.09
CA LYS A 517 -11.68 23.92 4.31
C LYS A 517 -11.83 24.24 5.80
N TYR A 518 -11.74 23.21 6.63
CA TYR A 518 -11.85 23.36 8.08
C TYR A 518 -10.78 24.32 8.58
N VAL A 519 -9.54 24.06 8.18
CA VAL A 519 -8.41 24.90 8.59
C VAL A 519 -8.53 26.31 8.03
N ALA A 520 -9.03 26.40 6.79
CA ALA A 520 -9.20 27.69 6.14
C ALA A 520 -10.22 28.52 6.92
N ASN A 521 -11.13 27.84 7.61
CA ASN A 521 -12.16 28.52 8.39
C ASN A 521 -11.68 28.88 9.80
N GLY A 522 -10.40 28.70 10.07
CA GLY A 522 -9.86 29.03 11.37
C GLY A 522 -9.59 27.85 12.29
N GLY A 523 -9.90 26.64 11.83
CA GLY A 523 -9.67 25.47 12.65
C GLY A 523 -8.26 24.94 12.53
N LYS A 524 -7.85 24.10 13.48
CA LYS A 524 -6.51 23.51 13.47
C LYS A 524 -6.61 22.08 12.94
N ARG A 525 -5.67 21.68 12.09
CA ARG A 525 -5.68 20.33 11.54
C ARG A 525 -5.54 19.30 12.66
N SER A 526 -4.82 19.67 13.71
CA SER A 526 -4.61 18.76 14.83
C SER A 526 -5.92 18.49 15.58
N ASP A 527 -6.96 19.27 15.28
CA ASP A 527 -8.26 19.07 15.92
C ASP A 527 -8.83 17.72 15.52
N TRP A 528 -8.37 17.19 14.39
CA TRP A 528 -8.87 15.92 13.87
C TRP A 528 -7.94 14.75 14.13
N THR A 529 -6.92 14.98 14.95
CA THR A 529 -5.97 13.92 15.29
C THR A 529 -6.44 13.20 16.54
N VAL A 530 -6.71 11.91 16.41
CA VAL A 530 -7.14 11.11 17.56
C VAL A 530 -5.92 10.35 18.08
N LYS A 531 -5.45 10.74 19.26
CA LYS A 531 -4.30 10.08 19.86
C LYS A 531 -4.62 8.67 20.30
N PHE A 532 -3.59 7.83 20.39
CA PHE A 532 -3.76 6.44 20.73
C PHE A 532 -2.88 6.05 21.92
N ALA A 533 -3.30 5.03 22.66
CA ALA A 533 -2.54 4.59 23.82
C ALA A 533 -2.63 3.09 24.06
N GLU A 534 -1.65 2.56 24.79
CA GLU A 534 -1.66 1.14 25.11
C GLU A 534 -2.19 0.98 26.52
N ASN A 535 -2.77 -0.18 26.80
CA ASN A 535 -3.31 -0.47 28.12
C ASN A 535 -2.51 -1.62 28.70
N ARG A 536 -1.84 -1.38 29.83
CA ARG A 536 -1.04 -2.41 30.47
C ARG A 536 -1.47 -2.63 31.92
N SER A 537 -1.35 -3.88 32.37
CA SER A 537 -1.75 -4.23 33.73
C SER A 537 -0.69 -3.80 34.73
N GLN A 538 -0.96 -4.04 36.01
CA GLN A 538 -0.05 -3.68 37.09
C GLN A 538 1.36 -4.24 36.89
N ASP A 539 1.45 -5.50 36.47
CA ASP A 539 2.75 -6.13 36.25
C ASP A 539 3.37 -5.83 34.91
N GLY A 540 2.79 -4.90 34.16
CA GLY A 540 3.33 -4.52 32.87
C GLY A 540 2.88 -5.30 31.64
N THR A 541 1.96 -6.25 31.83
CA THR A 541 1.48 -7.04 30.70
C THR A 541 0.62 -6.21 29.76
N LEU A 542 0.87 -6.34 28.46
CA LEU A 542 0.11 -5.60 27.45
C LEU A 542 -1.28 -6.22 27.32
N LEU A 543 -2.31 -5.43 27.60
CA LEU A 543 -3.69 -5.91 27.54
C LEU A 543 -4.37 -5.57 26.21
N GLY A 544 -3.91 -4.48 25.61
CA GLY A 544 -4.49 -4.03 24.36
C GLY A 544 -4.26 -2.55 24.19
N TYR A 545 -5.18 -1.89 23.49
CA TYR A 545 -5.06 -0.45 23.22
C TYR A 545 -6.38 0.27 23.35
N SER A 546 -6.31 1.59 23.49
CA SER A 546 -7.50 2.43 23.61
C SER A 546 -7.28 3.74 22.85
N LEU A 547 -8.36 4.28 22.29
CA LEU A 547 -8.27 5.58 21.65
C LEU A 547 -8.20 6.49 22.86
N LEU A 548 -7.45 7.59 22.78
CA LEU A 548 -7.41 8.50 23.92
C LEU A 548 -8.64 9.39 23.72
N GLN A 549 -9.80 8.75 23.81
CA GLN A 549 -11.07 9.41 23.60
C GLN A 549 -12.17 8.50 24.13
N GLU A 550 -13.07 9.06 24.92
CA GLU A 550 -14.19 8.29 25.47
C GLU A 550 -15.41 8.64 24.63
N SER A 551 -15.95 7.64 23.93
CA SER A 551 -17.10 7.85 23.08
C SER A 551 -18.42 7.84 23.83
N VAL A 552 -19.29 8.80 23.48
CA VAL A 552 -20.57 8.92 24.16
C VAL A 552 -21.51 7.76 23.87
N ASP A 553 -21.41 7.14 22.69
CA ASP A 553 -22.27 6.00 22.40
C ASP A 553 -21.73 4.82 23.20
N GLN A 554 -20.40 4.71 23.25
CA GLN A 554 -19.75 3.64 24.01
C GLN A 554 -20.16 3.74 25.48
N ALA A 555 -20.13 4.94 26.03
CA ALA A 555 -20.51 5.14 27.43
C ALA A 555 -21.97 4.79 27.62
N SER A 556 -22.79 5.12 26.63
CA SER A 556 -24.23 4.85 26.68
C SER A 556 -24.52 3.36 26.57
N TYR A 557 -23.69 2.62 25.82
CA TYR A 557 -23.88 1.18 25.70
C TYR A 557 -23.43 0.50 26.99
N MSE A 558 -22.42 1.08 27.66
CA MSE A 558 -21.96 0.52 28.92
C MSE A 558 -23.06 0.79 29.96
O MSE A 558 -23.27 -0.01 30.86
CB MSE A 558 -20.63 1.15 29.35
CG MSE A 558 -19.43 0.87 28.42
SE MSE A 558 -18.81 -0.99 28.32
CE MSE A 558 -19.92 -1.59 26.85
N TYR A 559 -23.74 1.93 29.83
CA TYR A 559 -24.83 2.24 30.74
C TYR A 559 -25.89 1.15 30.53
N SER A 560 -26.20 0.90 29.27
CA SER A 560 -27.17 -0.13 28.88
C SER A 560 -26.79 -1.49 29.46
N ASP A 561 -25.52 -1.84 29.31
CA ASP A 561 -25.03 -3.13 29.80
C ASP A 561 -25.32 -3.27 31.30
N ASN A 562 -24.90 -2.28 32.08
CA ASN A 562 -25.14 -2.28 33.53
C ASN A 562 -26.62 -2.27 33.86
N HIS A 563 -27.37 -1.45 33.12
CA HIS A 563 -28.80 -1.33 33.33
C HIS A 563 -29.51 -2.67 33.15
N TYR A 564 -29.24 -3.34 32.04
CA TYR A 564 -29.88 -4.62 31.77
C TYR A 564 -29.35 -5.74 32.67
N LEU A 565 -28.08 -5.67 33.06
CA LEU A 565 -27.54 -6.68 33.96
C LEU A 565 -28.24 -6.55 35.31
N ALA A 566 -28.56 -5.32 35.71
CA ALA A 566 -29.24 -5.10 36.97
C ALA A 566 -30.64 -5.71 36.89
N GLU A 567 -31.29 -5.53 35.74
CA GLU A 567 -32.62 -6.08 35.53
C GLU A 567 -32.58 -7.61 35.57
N MSE A 568 -31.54 -8.19 34.99
CA MSE A 568 -31.40 -9.63 34.97
C MSE A 568 -31.11 -10.18 36.35
O MSE A 568 -31.65 -11.22 36.75
CB MSE A 568 -30.29 -10.04 34.00
CG MSE A 568 -30.67 -9.91 32.54
SE MSE A 568 -29.26 -10.45 31.37
CE MSE A 568 -29.84 -9.49 29.79
N ALA A 569 -30.26 -9.47 37.10
CA ALA A 569 -29.93 -9.91 38.45
C ALA A 569 -31.21 -9.99 39.28
N THR A 570 -32.07 -8.99 39.11
CA THR A 570 -33.35 -8.97 39.83
C THR A 570 -34.21 -10.16 39.42
N ILE A 571 -34.29 -10.40 38.12
CA ILE A 571 -35.07 -11.51 37.60
C ILE A 571 -34.55 -12.84 38.14
N LEU A 572 -33.24 -12.93 38.32
CA LEU A 572 -32.60 -14.15 38.82
C LEU A 572 -32.49 -14.19 40.35
N GLY A 573 -33.09 -13.20 41.01
CA GLY A 573 -33.06 -13.17 42.47
C GLY A 573 -31.69 -12.91 43.08
N LYS A 574 -30.93 -12.02 42.47
CA LYS A 574 -29.60 -11.65 42.96
C LYS A 574 -29.67 -10.15 43.26
N PRO A 575 -30.39 -9.77 44.32
CA PRO A 575 -30.56 -8.37 44.73
C PRO A 575 -29.31 -7.55 44.98
N GLU A 576 -28.29 -8.16 45.57
CA GLU A 576 -27.06 -7.43 45.84
C GLU A 576 -26.27 -7.16 44.55
N GLU A 577 -26.31 -8.11 43.62
CA GLU A 577 -25.62 -7.92 42.36
C GLU A 577 -26.37 -6.84 41.57
N ALA A 578 -27.69 -6.81 41.72
CA ALA A 578 -28.52 -5.83 41.03
C ALA A 578 -28.16 -4.42 41.51
N LYS A 579 -28.02 -4.27 42.83
CA LYS A 579 -27.67 -2.97 43.40
C LYS A 579 -26.33 -2.46 42.87
N ARG A 580 -25.37 -3.37 42.72
CA ARG A 580 -24.06 -2.99 42.22
C ARG A 580 -24.12 -2.49 40.78
N TYR A 581 -24.87 -3.20 39.93
CA TYR A 581 -24.99 -2.79 38.54
C TYR A 581 -25.77 -1.49 38.41
N ARG A 582 -26.76 -1.30 39.29
CA ARG A 582 -27.55 -0.08 39.25
C ARG A 582 -26.63 1.10 39.58
N GLN A 583 -25.75 0.91 40.56
CA GLN A 583 -24.82 1.96 40.95
C GLN A 583 -23.87 2.30 39.81
N LEU A 584 -23.37 1.27 39.12
CA LEU A 584 -22.47 1.51 38.00
C LEU A 584 -23.20 2.25 36.88
N ALA A 585 -24.44 1.87 36.62
CA ALA A 585 -25.23 2.54 35.59
C ALA A 585 -25.38 4.01 35.95
N GLN A 586 -25.78 4.27 37.19
CA GLN A 586 -25.97 5.63 37.68
C GLN A 586 -24.72 6.50 37.50
N GLN A 587 -23.56 5.96 37.84
CA GLN A 587 -22.31 6.71 37.71
C GLN A 587 -22.02 7.04 36.25
N LEU A 588 -22.31 6.10 35.35
CA LEU A 588 -22.08 6.32 33.93
C LEU A 588 -23.01 7.41 33.42
N ALA A 589 -24.27 7.38 33.85
CA ALA A 589 -25.25 8.38 33.42
C ALA A 589 -24.81 9.76 33.89
N ASP A 590 -24.33 9.85 35.12
CA ASP A 590 -23.88 11.14 35.64
C ASP A 590 -22.70 11.65 34.83
N TYR A 591 -21.80 10.74 34.44
CA TYR A 591 -20.63 11.13 33.65
C TYR A 591 -21.07 11.61 32.27
N ILE A 592 -21.98 10.87 31.65
CA ILE A 592 -22.47 11.23 30.32
C ILE A 592 -23.13 12.61 30.34
N ASN A 593 -24.00 12.84 31.31
CA ASN A 593 -24.69 14.13 31.39
C ASN A 593 -23.79 15.29 31.79
N THR A 594 -22.83 15.04 32.67
CA THR A 594 -21.93 16.09 33.12
C THR A 594 -20.79 16.40 32.14
N CYS A 595 -20.20 15.35 31.58
CA CYS A 595 -19.05 15.50 30.70
C CYS A 595 -19.28 15.57 29.20
N MSE A 596 -20.24 14.82 28.69
CA MSE A 596 -20.49 14.77 27.25
C MSE A 596 -21.58 15.66 26.67
O MSE A 596 -21.70 15.79 25.45
CB MSE A 596 -20.69 13.30 26.85
CG MSE A 596 -19.45 12.46 27.17
SE MSE A 596 -19.81 10.59 27.49
CE MSE A 596 -18.04 9.85 27.20
N PHE A 597 -22.38 16.29 27.52
CA PHE A 597 -23.43 17.18 27.03
C PHE A 597 -22.93 18.62 26.94
N ASP A 598 -23.14 19.24 25.78
CA ASP A 598 -22.73 20.63 25.55
C ASP A 598 -23.98 21.49 25.43
N PRO A 599 -24.28 22.29 26.47
CA PRO A 599 -25.46 23.16 26.48
C PRO A 599 -25.54 24.11 25.29
N THR A 600 -24.40 24.70 24.93
CA THR A 600 -24.33 25.65 23.82
C THR A 600 -24.89 25.12 22.50
N THR A 601 -24.60 23.87 22.16
CA THR A 601 -25.10 23.29 20.93
C THR A 601 -26.23 22.29 21.17
N GLN A 602 -26.66 22.17 22.42
CA GLN A 602 -27.76 21.28 22.79
C GLN A 602 -27.56 19.85 22.27
N PHE A 603 -26.37 19.30 22.44
CA PHE A 603 -26.09 17.97 21.93
C PHE A 603 -25.00 17.26 22.72
N TYR A 604 -24.87 15.94 22.52
CA TYR A 604 -23.85 15.14 23.20
C TYR A 604 -22.71 14.86 22.23
N TYR A 605 -21.50 14.71 22.78
CA TYR A 605 -20.30 14.44 21.97
C TYR A 605 -19.31 13.56 22.73
N ASP A 606 -18.36 12.99 21.99
CA ASP A 606 -17.29 12.20 22.60
C ASP A 606 -16.45 13.25 23.31
N VAL A 607 -15.59 12.80 24.23
CA VAL A 607 -14.66 13.69 24.92
C VAL A 607 -13.28 13.09 24.72
N ARG A 608 -12.26 13.93 24.64
CA ARG A 608 -10.90 13.42 24.50
C ARG A 608 -10.42 13.06 25.89
N ILE A 609 -9.45 12.16 25.97
CA ILE A 609 -8.84 11.87 27.27
C ILE A 609 -7.66 12.83 27.17
N GLU A 610 -7.85 14.03 27.70
CA GLU A 610 -6.81 15.05 27.65
C GLU A 610 -5.63 14.71 28.55
N ASP A 611 -4.51 15.40 28.38
CA ASP A 611 -3.31 15.13 29.18
C ASP A 611 -3.62 15.10 30.66
N LYS A 612 -4.56 15.93 31.09
CA LYS A 612 -4.98 15.96 32.48
C LYS A 612 -6.49 16.15 32.49
N PRO A 613 -7.18 15.58 33.48
CA PRO A 613 -8.63 15.74 33.53
C PRO A 613 -9.03 17.19 33.81
N LEU A 614 -10.27 17.52 33.53
CA LEU A 614 -10.78 18.85 33.79
C LEU A 614 -10.98 18.95 35.30
N ALA A 615 -11.20 20.16 35.80
CA ALA A 615 -11.39 20.37 37.23
C ALA A 615 -12.54 19.53 37.80
N ASN A 616 -13.60 19.35 37.03
CA ASN A 616 -14.74 18.57 37.51
C ASN A 616 -14.55 17.06 37.43
N GLY A 617 -13.36 16.64 37.02
CA GLY A 617 -13.08 15.21 36.93
C GLY A 617 -13.26 14.60 35.56
N CYS A 618 -13.92 15.31 34.65
CA CYS A 618 -14.13 14.80 33.30
C CYS A 618 -12.79 14.62 32.58
N ALA A 619 -12.67 13.55 31.80
CA ALA A 619 -11.43 13.26 31.09
C ALA A 619 -11.04 14.34 30.08
N GLY A 620 -12.01 15.07 29.58
CA GLY A 620 -11.74 16.11 28.61
C GLY A 620 -13.00 16.84 28.19
N LYS A 621 -12.84 17.86 27.37
CA LYS A 621 -13.98 18.64 26.89
C LYS A 621 -14.66 17.91 25.74
N PRO A 622 -15.97 18.13 25.54
CA PRO A 622 -16.65 17.46 24.43
C PRO A 622 -16.03 17.95 23.13
N ILE A 623 -15.86 17.04 22.17
CA ILE A 623 -15.24 17.38 20.89
C ILE A 623 -16.26 17.99 19.93
N VAL A 624 -16.78 19.15 20.32
CA VAL A 624 -17.78 19.85 19.53
C VAL A 624 -17.32 20.27 18.14
N GLU A 625 -16.02 20.53 17.99
CA GLU A 625 -15.47 20.98 16.71
C GLU A 625 -15.56 19.97 15.56
N ARG A 626 -15.71 18.69 15.87
CA ARG A 626 -15.81 17.68 14.81
C ARG A 626 -17.25 17.50 14.33
N GLY A 627 -18.17 18.29 14.88
CA GLY A 627 -19.55 18.21 14.45
C GLY A 627 -20.40 17.15 15.13
N LYS A 628 -21.69 17.18 14.83
CA LYS A 628 -22.66 16.27 15.41
C LYS A 628 -22.86 14.98 14.62
N GLY A 629 -23.14 13.90 15.36
CA GLY A 629 -23.35 12.60 14.74
C GLY A 629 -24.42 11.83 15.50
N PRO A 630 -24.79 10.63 15.03
CA PRO A 630 -25.82 9.82 15.69
C PRO A 630 -25.50 9.44 17.14
N GLU A 631 -24.23 9.46 17.49
CA GLU A 631 -23.82 9.13 18.85
C GLU A 631 -24.47 10.12 19.82
N GLY A 632 -24.79 11.30 19.31
CA GLY A 632 -25.41 12.34 20.10
C GLY A 632 -26.75 11.95 20.72
N TRP A 633 -27.44 10.99 20.12
CA TRP A 633 -28.71 10.57 20.71
C TRP A 633 -28.62 9.18 21.34
N SER A 634 -27.38 8.67 21.45
CA SER A 634 -27.19 7.37 22.07
C SER A 634 -27.61 7.44 23.54
N PRO A 635 -27.37 8.59 24.21
CA PRO A 635 -27.79 8.67 25.62
C PRO A 635 -29.30 8.58 25.75
N LEU A 636 -30.03 9.00 24.71
CA LEU A 636 -31.50 8.95 24.74
C LEU A 636 -31.97 7.52 24.48
N PHE A 637 -31.44 6.90 23.42
CA PHE A 637 -31.82 5.52 23.11
C PHE A 637 -31.55 4.59 24.30
N ASN A 638 -30.40 4.77 24.93
CA ASN A 638 -30.01 3.92 26.06
C ASN A 638 -30.58 4.34 27.41
N GLY A 639 -31.25 5.49 27.46
CA GLY A 639 -31.85 5.96 28.69
C GLY A 639 -30.95 6.55 29.76
N ALA A 640 -29.80 7.07 29.34
CA ALA A 640 -28.85 7.67 30.28
C ALA A 640 -29.09 9.17 30.43
N ALA A 641 -29.74 9.78 29.45
CA ALA A 641 -29.99 11.21 29.48
C ALA A 641 -31.00 11.68 30.49
N THR A 642 -30.86 12.93 30.92
CA THR A 642 -31.80 13.55 31.83
C THR A 642 -32.89 14.04 30.89
N GLN A 643 -34.08 14.29 31.39
CA GLN A 643 -35.17 14.77 30.54
C GLN A 643 -34.81 16.09 29.86
N ALA A 644 -34.19 16.99 30.60
CA ALA A 644 -33.81 18.30 30.06
C ALA A 644 -32.83 18.18 28.90
N ASN A 645 -31.82 17.32 29.06
CA ASN A 645 -30.85 17.14 28.00
C ASN A 645 -31.49 16.46 26.80
N ALA A 646 -32.41 15.54 27.07
CA ALA A 646 -33.11 14.83 26.00
C ALA A 646 -33.93 15.84 25.19
N ASP A 647 -34.65 16.71 25.88
CA ASP A 647 -35.47 17.73 25.20
C ASP A 647 -34.60 18.56 24.26
N ALA A 648 -33.40 18.90 24.70
CA ALA A 648 -32.48 19.69 23.88
C ALA A 648 -32.04 18.93 22.64
N VAL A 649 -31.64 17.68 22.85
CA VAL A 649 -31.19 16.84 21.74
C VAL A 649 -32.29 16.65 20.68
N VAL A 650 -33.52 16.41 21.13
CA VAL A 650 -34.63 16.20 20.21
C VAL A 650 -34.86 17.41 19.31
N LYS A 651 -34.67 18.62 19.84
CA LYS A 651 -34.86 19.81 19.01
C LYS A 651 -33.86 19.80 17.85
N VAL A 652 -32.63 19.37 18.13
CA VAL A 652 -31.58 19.31 17.10
C VAL A 652 -31.92 18.21 16.10
N MSE A 653 -32.42 17.08 16.60
CA MSE A 653 -32.79 15.96 15.73
C MSE A 653 -33.91 16.33 14.76
O MSE A 653 -33.90 15.90 13.60
CB MSE A 653 -33.26 14.76 16.57
CG MSE A 653 -32.17 14.14 17.43
SE MSE A 653 -32.87 12.75 18.59
CE MSE A 653 -33.04 11.35 17.26
N LEU A 654 -34.86 17.13 15.22
CA LEU A 654 -35.99 17.52 14.39
C LEU A 654 -35.73 18.74 13.52
N ASP A 655 -34.52 19.30 13.63
CA ASP A 655 -34.16 20.47 12.83
C ASP A 655 -33.77 19.99 11.43
N PRO A 656 -34.49 20.47 10.39
CA PRO A 656 -34.21 20.09 9.00
C PRO A 656 -32.83 20.52 8.52
N LYS A 657 -32.22 21.45 9.24
CA LYS A 657 -30.89 21.93 8.88
C LYS A 657 -29.80 21.13 9.59
N GLU A 658 -30.21 20.15 10.39
CA GLU A 658 -29.27 19.30 11.11
C GLU A 658 -29.45 17.83 10.74
N PHE A 659 -30.49 17.19 11.29
CA PHE A 659 -30.74 15.77 11.02
C PHE A 659 -32.10 15.44 10.40
N ASN A 660 -33.03 16.39 10.40
CA ASN A 660 -34.36 16.12 9.85
C ASN A 660 -34.40 16.30 8.33
N THR A 661 -33.65 15.45 7.65
CA THR A 661 -33.52 15.47 6.19
C THR A 661 -34.56 14.58 5.48
N PHE A 662 -34.52 14.59 4.14
CA PHE A 662 -35.44 13.80 3.31
C PHE A 662 -35.61 12.41 3.93
N VAL A 663 -34.50 11.76 4.23
CA VAL A 663 -34.52 10.49 4.95
C VAL A 663 -33.80 11.00 6.20
N PRO A 664 -34.52 11.10 7.32
CA PRO A 664 -33.98 11.61 8.60
C PRO A 664 -33.00 10.76 9.41
N LEU A 665 -32.27 11.48 10.27
CA LEU A 665 -31.31 10.91 11.22
C LEU A 665 -30.10 10.15 10.67
N GLY A 666 -29.35 10.81 9.79
CA GLY A 666 -28.16 10.21 9.20
C GLY A 666 -26.95 10.18 10.12
N THR A 667 -25.86 9.61 9.63
CA THR A 667 -24.63 9.46 10.40
C THR A 667 -23.78 10.71 10.64
N ALA A 668 -24.25 11.86 10.16
CA ALA A 668 -23.56 13.13 10.37
C ALA A 668 -24.54 14.25 10.06
N ALA A 669 -24.57 15.27 10.92
CA ALA A 669 -25.45 16.40 10.70
C ALA A 669 -25.02 17.15 9.45
N LEU A 670 -25.97 17.83 8.80
CA LEU A 670 -25.66 18.59 7.59
C LEU A 670 -24.58 19.62 7.89
N THR A 671 -24.49 20.02 9.15
CA THR A 671 -23.52 21.02 9.59
C THR A 671 -22.16 20.45 9.95
N ASN A 672 -22.05 19.13 9.99
CA ASN A 672 -20.77 18.50 10.31
C ASN A 672 -19.74 18.91 9.25
N PRO A 673 -18.55 19.37 9.68
CA PRO A 673 -17.53 19.78 8.71
C PRO A 673 -17.05 18.66 7.78
N ALA A 674 -17.32 17.42 8.15
CA ALA A 674 -16.90 16.28 7.35
C ALA A 674 -18.09 15.60 6.66
N PHE A 675 -19.23 16.28 6.66
CA PHE A 675 -20.44 15.74 6.04
C PHE A 675 -20.30 15.43 4.54
N GLY A 676 -20.92 14.33 4.13
CA GLY A 676 -20.92 13.92 2.74
C GLY A 676 -22.17 13.07 2.56
N ALA A 677 -23.11 13.54 1.74
CA ALA A 677 -24.36 12.82 1.53
C ALA A 677 -24.20 11.38 1.07
N ASP A 678 -23.06 11.05 0.46
CA ASP A 678 -22.84 9.70 -0.01
C ASP A 678 -21.79 8.93 0.80
N ILE A 679 -21.32 9.53 1.88
CA ILE A 679 -20.31 8.89 2.73
C ILE A 679 -21.00 7.97 3.73
N TYR A 680 -20.62 6.71 3.73
CA TYR A 680 -21.21 5.71 4.62
C TYR A 680 -21.43 6.15 6.06
N TRP A 681 -20.38 6.61 6.72
CA TRP A 681 -20.49 7.01 8.11
C TRP A 681 -20.39 8.49 8.41
N ARG A 682 -20.57 9.33 7.38
CA ARG A 682 -20.51 10.76 7.57
C ARG A 682 -21.66 11.45 6.84
N GLY A 683 -22.83 10.81 6.86
CA GLY A 683 -23.99 11.38 6.21
C GLY A 683 -25.09 10.36 5.94
N ARG A 684 -24.71 9.21 5.39
CA ARG A 684 -25.69 8.18 5.06
C ARG A 684 -26.53 7.75 6.25
N VAL A 685 -27.78 7.40 5.98
CA VAL A 685 -28.70 6.97 7.02
C VAL A 685 -28.74 5.44 7.10
N TRP A 686 -28.53 4.91 8.29
CA TRP A 686 -28.59 3.46 8.51
C TRP A 686 -29.85 3.22 9.32
N VAL A 687 -30.51 2.10 9.09
CA VAL A 687 -31.77 1.80 9.77
C VAL A 687 -31.62 1.61 11.29
N ASP A 688 -30.46 1.12 11.74
CA ASP A 688 -30.27 0.92 13.17
C ASP A 688 -30.17 2.26 13.91
N GLN A 689 -29.32 3.16 13.42
CA GLN A 689 -29.18 4.47 14.07
C GLN A 689 -30.49 5.26 13.98
N PHE A 690 -31.24 5.05 12.89
CA PHE A 690 -32.52 5.73 12.69
C PHE A 690 -33.49 5.26 13.77
N TRP A 691 -33.63 3.95 13.90
CA TRP A 691 -34.52 3.36 14.89
C TRP A 691 -34.07 3.73 16.31
N PHE A 692 -32.75 3.73 16.56
CA PHE A 692 -32.24 4.12 17.88
C PHE A 692 -32.73 5.52 18.19
N GLY A 693 -32.71 6.38 17.17
CA GLY A 693 -33.16 7.76 17.34
C GLY A 693 -34.63 7.86 17.68
N LEU A 694 -35.47 7.13 16.94
CA LEU A 694 -36.91 7.15 17.20
C LEU A 694 -37.23 6.60 18.59
N LYS A 695 -36.56 5.51 18.96
CA LYS A 695 -36.79 4.91 20.27
C LYS A 695 -36.33 5.85 21.38
N GLY A 696 -35.22 6.54 21.16
CA GLY A 696 -34.72 7.47 22.16
C GLY A 696 -35.69 8.62 22.34
N MSE A 697 -36.23 9.09 21.21
CA MSE A 697 -37.19 10.17 21.18
C MSE A 697 -38.43 9.77 21.99
O MSE A 697 -38.89 10.51 22.87
CB MSE A 697 -37.58 10.41 19.73
CG MSE A 697 -38.16 11.75 19.41
SE MSE A 697 -38.37 11.82 17.50
CE MSE A 697 -36.59 11.50 17.02
N GLU A 698 -38.96 8.61 21.66
CA GLU A 698 -40.15 8.07 22.31
C GLU A 698 -39.95 7.88 23.81
N ARG A 699 -38.79 7.37 24.20
CA ARG A 699 -38.51 7.13 25.61
C ARG A 699 -38.63 8.41 26.43
N TYR A 700 -38.34 9.55 25.80
CA TYR A 700 -38.40 10.83 26.49
C TYR A 700 -39.64 11.68 26.19
N GLY A 701 -40.72 11.00 25.83
CA GLY A 701 -41.98 11.67 25.57
C GLY A 701 -42.34 12.12 24.17
N TYR A 702 -41.52 11.82 23.18
CA TYR A 702 -41.80 12.26 21.81
C TYR A 702 -42.30 11.20 20.85
N ARG A 703 -43.22 10.34 21.30
CA ARG A 703 -43.72 9.32 20.40
C ARG A 703 -44.39 9.94 19.18
N ASP A 704 -45.11 11.04 19.36
CA ASP A 704 -45.79 11.68 18.24
C ASP A 704 -44.80 12.07 17.14
N ASP A 705 -43.68 12.67 17.54
CA ASP A 705 -42.67 13.07 16.56
C ASP A 705 -41.97 11.86 15.95
N ALA A 706 -41.80 10.80 16.74
CA ALA A 706 -41.14 9.60 16.25
C ALA A 706 -42.04 8.95 15.18
N LEU A 707 -43.34 8.98 15.42
CA LEU A 707 -44.29 8.42 14.47
C LEU A 707 -44.20 9.19 13.16
N LYS A 708 -44.09 10.51 13.25
CA LYS A 708 -44.00 11.35 12.07
C LYS A 708 -42.75 11.01 11.27
N LEU A 709 -41.61 10.88 11.95
CA LEU A 709 -40.37 10.53 11.27
C LEU A 709 -40.45 9.17 10.61
N ALA A 710 -41.13 8.23 11.27
CA ALA A 710 -41.28 6.89 10.72
C ALA A 710 -42.07 6.93 9.42
N ASP A 711 -43.09 7.80 9.38
CA ASP A 711 -43.92 7.95 8.19
C ASP A 711 -43.06 8.58 7.08
N THR A 712 -42.28 9.58 7.44
CA THR A 712 -41.42 10.26 6.47
C THR A 712 -40.46 9.23 5.87
N PHE A 713 -39.89 8.39 6.73
CA PHE A 713 -38.97 7.34 6.29
C PHE A 713 -39.66 6.39 5.32
N PHE A 714 -40.87 5.96 5.67
CA PHE A 714 -41.58 5.01 4.82
C PHE A 714 -41.87 5.59 3.44
N ARG A 715 -42.18 6.87 3.38
CA ARG A 715 -42.49 7.53 2.12
C ARG A 715 -41.28 8.01 1.32
N HIS A 716 -40.12 8.14 1.97
CA HIS A 716 -38.94 8.64 1.29
C HIS A 716 -37.78 7.68 1.02
N ALA A 717 -37.70 6.59 1.78
CA ALA A 717 -36.61 5.63 1.56
C ALA A 717 -36.86 4.89 0.25
N LYS A 718 -35.95 5.07 -0.71
CA LYS A 718 -36.10 4.44 -2.02
C LYS A 718 -36.20 2.91 -1.99
N GLY A 719 -37.09 2.40 -2.83
CA GLY A 719 -37.27 0.96 -2.97
C GLY A 719 -37.97 0.23 -1.83
N LEU A 720 -38.35 0.94 -0.79
CA LEU A 720 -39.00 0.29 0.34
C LEU A 720 -40.19 -0.59 -0.01
N THR A 721 -41.07 -0.12 -0.89
CA THR A 721 -42.24 -0.90 -1.27
C THR A 721 -42.08 -1.68 -2.57
N ALA A 722 -40.86 -1.74 -3.09
CA ALA A 722 -40.58 -2.48 -4.31
C ALA A 722 -40.11 -3.89 -3.95
N ASP A 723 -39.77 -4.69 -4.97
CA ASP A 723 -39.34 -6.07 -4.72
C ASP A 723 -37.83 -6.31 -4.73
N GLY A 724 -37.06 -5.25 -4.48
CA GLY A 724 -35.62 -5.40 -4.45
C GLY A 724 -35.13 -5.88 -3.10
N PRO A 725 -33.90 -6.40 -3.02
CA PRO A 725 -33.40 -6.87 -1.73
C PRO A 725 -33.08 -5.70 -0.80
N ILE A 726 -33.09 -5.97 0.50
CA ILE A 726 -32.80 -4.95 1.51
C ILE A 726 -31.31 -4.61 1.51
N GLN A 727 -30.98 -3.32 1.49
CA GLN A 727 -29.59 -2.92 1.50
C GLN A 727 -29.12 -2.32 2.83
N GLU A 728 -27.99 -1.63 2.81
CA GLU A 728 -27.41 -1.08 4.04
C GLU A 728 -27.73 0.34 4.47
N ASN A 729 -27.79 1.29 3.54
CA ASN A 729 -28.04 2.67 3.94
C ASN A 729 -28.68 3.53 2.87
N TYR A 730 -28.92 4.80 3.20
CA TYR A 730 -29.57 5.74 2.30
C TYR A 730 -28.91 7.11 2.27
N ASN A 731 -28.99 7.76 1.11
CA ASN A 731 -28.47 9.11 0.98
C ASN A 731 -29.53 9.92 1.75
N PRO A 732 -29.11 10.74 2.73
CA PRO A 732 -30.09 11.51 3.51
C PRO A 732 -30.86 12.57 2.72
N LEU A 733 -30.30 12.99 1.60
CA LEU A 733 -30.92 14.02 0.78
C LEU A 733 -31.82 13.47 -0.32
N THR A 734 -31.48 12.30 -0.85
CA THR A 734 -32.23 11.70 -1.96
C THR A 734 -32.92 10.38 -1.66
N GLY A 735 -32.49 9.70 -0.61
CA GLY A 735 -33.08 8.42 -0.27
C GLY A 735 -32.50 7.25 -1.08
N ALA A 736 -31.50 7.53 -1.91
CA ALA A 736 -30.86 6.50 -2.72
C ALA A 736 -30.16 5.43 -1.87
N GLN A 737 -30.33 4.17 -2.26
CA GLN A 737 -29.74 3.06 -1.52
C GLN A 737 -28.33 2.64 -1.95
N GLN A 738 -27.61 2.05 -0.99
CA GLN A 738 -26.27 1.52 -1.22
C GLN A 738 -26.04 0.39 -0.23
N GLY A 739 -25.08 -0.48 -0.54
CA GLY A 739 -24.78 -1.57 0.38
C GLY A 739 -25.11 -2.98 -0.13
N ALA A 740 -24.65 -3.96 0.63
CA ALA A 740 -24.88 -5.37 0.29
C ALA A 740 -26.37 -5.69 0.27
N PRO A 741 -26.82 -6.47 -0.73
CA PRO A 741 -28.23 -6.84 -0.82
C PRO A 741 -28.52 -7.92 0.22
N ASN A 742 -29.75 -7.95 0.73
CA ASN A 742 -30.17 -8.94 1.73
C ASN A 742 -29.41 -8.72 3.04
N PHE A 743 -29.29 -7.46 3.44
CA PHE A 743 -28.56 -7.07 4.66
C PHE A 743 -29.39 -7.30 5.93
N SER A 744 -28.90 -8.20 6.78
CA SER A 744 -29.59 -8.56 8.01
C SER A 744 -29.97 -7.47 8.99
N TRP A 745 -29.02 -6.63 9.41
CA TRP A 745 -29.38 -5.63 10.39
C TRP A 745 -30.35 -4.57 9.89
N SER A 746 -30.38 -4.34 8.58
CA SER A 746 -31.35 -3.40 8.04
C SER A 746 -32.70 -4.09 8.15
N ALA A 747 -32.73 -5.38 7.78
CA ALA A 747 -33.96 -6.15 7.85
C ALA A 747 -34.45 -6.18 9.29
N ALA A 748 -33.54 -6.39 10.24
CA ALA A 748 -33.90 -6.45 11.64
C ALA A 748 -34.59 -5.17 12.10
N HIS A 749 -34.00 -4.02 11.78
CA HIS A 749 -34.58 -2.76 12.20
C HIS A 749 -35.81 -2.33 11.39
N LEU A 750 -35.94 -2.83 10.17
CA LEU A 750 -37.13 -2.50 9.38
C LEU A 750 -38.29 -3.23 10.05
N TYR A 751 -38.01 -4.44 10.54
CA TYR A 751 -39.02 -5.23 11.23
C TYR A 751 -39.40 -4.51 12.53
N MSE A 752 -38.40 -3.99 13.23
CA MSE A 752 -38.67 -3.27 14.48
C MSE A 752 -39.52 -2.05 14.19
O MSE A 752 -40.44 -1.74 14.95
CB MSE A 752 -37.35 -2.84 15.14
CG MSE A 752 -36.55 -3.97 15.75
SE MSE A 752 -34.88 -3.36 16.46
CE MSE A 752 -33.73 -4.65 15.64
N LEU A 753 -39.22 -1.34 13.10
CA LEU A 753 -40.00 -0.16 12.72
C LEU A 753 -41.45 -0.56 12.47
N TYR A 754 -41.65 -1.69 11.79
CA TYR A 754 -42.99 -2.19 11.51
C TYR A 754 -43.73 -2.41 12.83
N ASN A 755 -43.06 -3.01 13.78
CA ASN A 755 -43.67 -3.30 15.07
C ASN A 755 -43.94 -2.06 15.92
N ASP A 756 -42.97 -1.16 15.97
CA ASP A 756 -43.08 0.04 16.81
C ASP A 756 -43.63 1.34 16.25
N PHE A 757 -43.32 1.66 15.00
CA PHE A 757 -43.74 2.95 14.46
C PHE A 757 -44.51 3.03 13.14
N PHE A 758 -44.41 2.04 12.28
CA PHE A 758 -45.16 2.10 11.02
C PHE A 758 -46.65 1.91 11.28
N ARG A 759 -47.47 2.83 10.77
CA ARG A 759 -48.92 2.74 10.96
C ARG A 759 -49.65 3.33 9.77
N LYS A 760 -50.93 2.95 9.62
CA LYS A 760 -51.73 3.48 8.53
C LYS A 760 -52.01 4.95 8.83
N ALA B 3 39.63 26.99 -20.27
CA ALA B 3 38.22 26.92 -19.77
C ALA B 3 37.32 27.90 -20.52
N ASP B 4 37.89 29.01 -20.97
CA ASP B 4 37.12 30.01 -21.70
C ASP B 4 36.59 29.50 -23.03
N ASN B 5 37.10 28.38 -23.50
CA ASN B 5 36.66 27.80 -24.76
C ASN B 5 35.34 27.06 -24.59
N TYR B 6 34.89 26.91 -23.36
CA TYR B 6 33.66 26.18 -23.07
C TYR B 6 32.68 26.98 -22.23
N LYS B 7 32.04 27.96 -22.87
CA LYS B 7 31.07 28.80 -22.17
C LYS B 7 29.66 28.23 -22.22
N ASN B 8 28.98 28.24 -21.07
CA ASN B 8 27.62 27.75 -20.95
C ASN B 8 27.41 26.34 -21.51
N VAL B 9 28.26 25.41 -21.09
CA VAL B 9 28.11 24.03 -21.54
C VAL B 9 26.78 23.50 -21.03
N ILE B 10 26.41 23.95 -19.83
CA ILE B 10 25.15 23.60 -19.20
C ILE B 10 24.47 24.92 -18.85
N ASN B 11 23.17 25.01 -19.07
CA ASN B 11 22.41 26.22 -18.75
C ASN B 11 22.33 26.32 -17.23
N ARG B 12 23.04 27.29 -16.66
CA ARG B 12 23.02 27.46 -15.21
C ARG B 12 22.27 28.72 -14.77
N THR B 13 21.39 29.22 -15.62
CA THR B 13 20.62 30.41 -15.29
C THR B 13 19.37 30.01 -14.52
N GLY B 14 18.81 30.95 -13.77
CA GLY B 14 17.61 30.65 -13.01
C GLY B 14 17.36 31.60 -11.86
N ALA B 15 16.09 31.77 -11.51
CA ALA B 15 15.70 32.62 -10.40
C ALA B 15 14.62 31.87 -9.62
N PRO B 16 15.03 30.92 -8.78
CA PRO B 16 14.13 30.10 -7.96
C PRO B 16 13.20 30.96 -7.09
N GLN B 17 11.95 30.53 -6.97
CA GLN B 17 11.01 31.27 -6.13
C GLN B 17 10.45 30.36 -5.05
N TYR B 18 10.90 29.11 -5.02
CA TYR B 18 10.46 28.12 -4.04
C TYR B 18 11.67 27.35 -3.51
N MSE B 19 11.61 26.91 -2.25
CA MSE B 19 12.70 26.15 -1.67
C MSE B 19 12.85 24.87 -2.49
O MSE B 19 13.95 24.40 -2.76
CB MSE B 19 12.41 25.78 -0.21
CG MSE B 19 13.52 24.97 0.44
SE MSE B 19 13.21 24.59 2.31
CE MSE B 19 12.38 22.85 2.12
N LYS B 20 11.70 24.31 -2.85
CA LYS B 20 11.62 23.10 -3.66
C LYS B 20 11.07 23.56 -5.01
N ASP B 21 11.94 24.01 -5.90
CA ASP B 21 11.53 24.48 -7.23
C ASP B 21 11.83 23.31 -8.16
N TYR B 22 10.97 22.30 -8.08
CA TYR B 22 11.12 21.04 -8.81
C TYR B 22 10.65 20.93 -10.25
N ASP B 23 11.21 19.94 -10.94
CA ASP B 23 10.80 19.63 -12.31
C ASP B 23 9.75 18.54 -12.14
N TYR B 24 9.24 17.99 -13.22
CA TYR B 24 8.20 16.96 -13.11
C TYR B 24 8.52 15.78 -12.21
N ASP B 25 9.80 15.42 -12.06
CA ASP B 25 10.16 14.28 -11.23
C ASP B 25 10.75 14.63 -9.86
N ASP B 26 10.41 15.82 -9.38
CA ASP B 26 10.83 16.32 -8.08
C ASP B 26 12.30 16.69 -7.92
N HIS B 27 12.99 16.95 -9.03
CA HIS B 27 14.40 17.33 -8.96
C HIS B 27 14.44 18.85 -9.10
N GLN B 28 15.42 19.51 -8.48
CA GLN B 28 15.52 20.95 -8.63
C GLN B 28 15.70 21.23 -10.11
N ARG B 29 14.84 22.10 -10.65
CA ARG B 29 14.84 22.42 -12.08
C ARG B 29 15.91 23.35 -12.60
N PHE B 30 16.84 23.76 -11.75
CA PHE B 30 17.94 24.63 -12.16
C PHE B 30 19.23 23.87 -11.88
N ASN B 31 20.32 24.30 -12.52
CA ASN B 31 21.61 23.62 -12.38
C ASN B 31 22.69 24.51 -11.78
N PRO B 32 22.71 24.64 -10.45
CA PRO B 32 23.68 25.46 -9.73
C PRO B 32 25.11 24.96 -9.88
N PHE B 33 26.04 25.89 -9.77
CA PHE B 33 27.47 25.60 -9.86
C PHE B 33 28.02 25.30 -8.47
N PHE B 34 28.59 24.11 -8.31
CA PHE B 34 29.20 23.65 -7.05
C PHE B 34 30.63 23.24 -7.41
N ASP B 35 31.57 23.40 -6.48
CA ASP B 35 32.95 22.99 -6.75
C ASP B 35 33.70 22.76 -5.44
N LEU B 36 34.84 22.09 -5.54
CA LEU B 36 35.69 21.82 -4.38
C LEU B 36 34.99 21.00 -3.28
N GLY B 37 33.88 20.36 -3.65
CA GLY B 37 33.13 19.55 -2.70
C GLY B 37 32.32 20.38 -1.72
N ALA B 38 32.09 21.64 -2.06
CA ALA B 38 31.33 22.54 -1.19
C ALA B 38 29.89 22.12 -0.99
N TRP B 39 29.26 22.71 0.03
CA TRP B 39 27.88 22.39 0.35
C TRP B 39 26.85 23.48 0.03
N HIS B 40 27.18 24.32 -0.94
CA HIS B 40 26.26 25.35 -1.42
C HIS B 40 26.65 25.64 -2.87
N GLY B 41 25.66 26.05 -3.66
CA GLY B 41 25.90 26.33 -5.07
C GLY B 41 25.27 27.64 -5.50
N HIS B 42 25.59 28.08 -6.72
CA HIS B 42 25.09 29.34 -7.25
C HIS B 42 24.59 29.23 -8.70
N LEU B 43 23.68 30.13 -9.07
CA LEU B 43 23.15 30.17 -10.43
C LEU B 43 23.50 31.49 -11.09
N LEU B 44 23.29 31.57 -12.40
CA LEU B 44 23.57 32.79 -13.16
C LEU B 44 22.30 33.62 -13.27
N PRO B 45 22.43 34.95 -13.32
CA PRO B 45 21.24 35.79 -13.45
C PRO B 45 20.61 35.53 -14.82
N ASP B 46 19.29 35.61 -14.90
CA ASP B 46 18.58 35.35 -16.16
C ASP B 46 17.92 36.58 -16.75
N GLY B 47 18.20 37.75 -16.19
CA GLY B 47 17.59 38.96 -16.69
C GLY B 47 17.80 40.16 -15.78
N PRO B 48 17.14 41.30 -16.07
CA PRO B 48 17.25 42.52 -15.28
C PRO B 48 16.90 42.37 -13.80
N ASN B 49 16.01 41.44 -13.49
CA ASN B 49 15.59 41.24 -12.10
C ASN B 49 16.62 40.57 -11.20
N THR B 50 17.59 39.87 -11.78
CA THR B 50 18.61 39.20 -10.98
C THR B 50 20.02 39.70 -11.33
N MSE B 51 20.09 40.54 -12.34
CA MSE B 51 21.35 41.13 -12.80
C MSE B 51 22.05 41.84 -11.63
O MSE B 51 21.43 42.60 -10.90
CB MSE B 51 21.05 42.12 -13.92
CG MSE B 51 22.13 43.11 -14.24
SE MSE B 51 21.50 44.21 -15.71
CE MSE B 51 20.51 45.52 -14.71
N GLY B 52 23.35 41.58 -11.46
CA GLY B 52 24.10 42.21 -10.37
C GLY B 52 24.48 41.22 -9.29
N GLY B 53 23.89 40.03 -9.37
CA GLY B 53 24.20 38.99 -8.40
C GLY B 53 24.03 37.63 -9.02
N PHE B 54 24.39 36.60 -8.25
CA PHE B 54 24.25 35.23 -8.70
C PHE B 54 23.13 34.68 -7.83
N PRO B 55 21.91 34.62 -8.38
CA PRO B 55 20.72 34.16 -7.67
C PRO B 55 20.66 32.67 -7.40
N GLY B 56 19.64 32.27 -6.65
CA GLY B 56 19.43 30.88 -6.35
C GLY B 56 20.46 30.18 -5.49
N VAL B 57 20.77 30.77 -4.34
CA VAL B 57 21.72 30.14 -3.42
C VAL B 57 21.12 28.78 -3.08
N ALA B 58 21.83 27.71 -3.44
CA ALA B 58 21.35 26.36 -3.18
C ALA B 58 22.11 25.79 -2.00
N LEU B 59 21.38 25.41 -0.95
CA LEU B 59 22.01 24.84 0.23
C LEU B 59 21.84 23.33 0.26
N LEU B 60 22.93 22.63 0.52
CA LEU B 60 22.86 21.18 0.62
C LEU B 60 22.71 20.92 2.11
N THR B 61 21.46 20.76 2.54
CA THR B 61 21.16 20.53 3.95
C THR B 61 21.31 19.07 4.34
N GLU B 62 22.57 18.66 4.51
CA GLU B 62 22.98 17.31 4.90
C GLU B 62 22.71 16.21 3.88
N GLU B 63 21.45 16.07 3.45
CA GLU B 63 21.10 15.02 2.50
C GLU B 63 20.19 15.48 1.36
N TYR B 64 19.87 16.78 1.34
CA TYR B 64 18.99 17.33 0.31
C TYR B 64 19.44 18.69 -0.18
N ILE B 65 18.97 19.06 -1.37
CA ILE B 65 19.29 20.37 -1.94
C ILE B 65 18.04 21.23 -1.79
N ASN B 66 18.21 22.39 -1.15
CA ASN B 66 17.10 23.32 -0.93
C ASN B 66 17.54 24.75 -1.22
N PHE B 67 16.73 25.48 -1.97
CA PHE B 67 17.08 26.87 -2.29
C PHE B 67 16.81 27.75 -1.08
N MSE B 68 17.70 28.72 -0.87
CA MSE B 68 17.60 29.64 0.26
C MSE B 68 17.00 30.99 -0.12
O MSE B 68 16.25 31.60 0.66
CB MSE B 68 19.00 29.87 0.85
CG MSE B 68 19.04 30.79 2.07
SE MSE B 68 20.85 31.30 2.54
CE MSE B 68 20.99 32.88 1.43
N ALA B 69 17.32 31.47 -1.32
CA ALA B 69 16.84 32.76 -1.78
C ALA B 69 17.00 32.89 -3.29
N SER B 70 16.32 33.87 -3.88
CA SER B 70 16.48 34.10 -5.31
C SER B 70 17.60 35.15 -5.33
N ASN B 71 17.25 36.42 -5.09
CA ASN B 71 18.28 37.45 -5.06
C ASN B 71 18.90 37.44 -3.66
N PHE B 72 20.23 37.47 -3.59
CA PHE B 72 20.92 37.53 -2.31
C PHE B 72 22.31 38.11 -2.55
N ASP B 73 22.49 39.34 -2.08
CA ASP B 73 23.73 40.10 -2.23
C ASP B 73 23.87 40.58 -3.68
N ARG B 74 22.74 40.98 -4.25
CA ARG B 74 22.69 41.50 -5.61
C ARG B 74 23.12 42.96 -5.58
N LEU B 75 24.10 43.30 -6.40
CA LEU B 75 24.63 44.66 -6.46
C LEU B 75 23.92 45.60 -7.42
N THR B 76 23.70 46.83 -6.99
CA THR B 76 23.14 47.89 -7.82
C THR B 76 24.09 49.06 -7.60
N VAL B 77 24.32 49.86 -8.63
CA VAL B 77 25.25 50.97 -8.53
C VAL B 77 24.55 52.30 -8.73
N TRP B 78 24.91 53.28 -7.92
CA TRP B 78 24.29 54.59 -7.98
C TRP B 78 25.30 55.72 -8.12
N GLN B 79 24.93 56.73 -8.91
CA GLN B 79 25.77 57.89 -9.12
C GLN B 79 24.87 59.11 -8.99
N ASP B 80 25.28 60.05 -8.12
CA ASP B 80 24.50 61.26 -7.87
C ASP B 80 23.06 60.93 -7.50
N GLY B 81 22.88 59.84 -6.76
CA GLY B 81 21.56 59.45 -6.32
C GLY B 81 20.71 58.73 -7.36
N LYS B 82 21.26 58.52 -8.55
CA LYS B 82 20.52 57.84 -9.61
C LYS B 82 21.14 56.49 -9.94
N LYS B 83 20.29 55.48 -10.12
CA LYS B 83 20.76 54.13 -10.42
C LYS B 83 21.35 54.03 -11.83
N VAL B 84 22.51 53.39 -11.93
CA VAL B 84 23.18 53.19 -13.20
C VAL B 84 22.44 52.08 -13.96
N ASP B 85 22.26 52.30 -15.26
CA ASP B 85 21.56 51.35 -16.12
C ASP B 85 22.52 50.44 -16.87
N PHE B 86 22.62 49.20 -16.42
CA PHE B 86 23.52 48.21 -17.02
C PHE B 86 22.87 47.25 -18.01
N THR B 87 23.67 46.73 -18.93
CA THR B 87 23.23 45.71 -19.87
C THR B 87 23.99 44.48 -19.34
N LEU B 88 23.37 43.31 -19.40
CA LEU B 88 23.97 42.10 -18.86
C LEU B 88 24.55 41.09 -19.83
N GLU B 89 25.63 40.45 -19.39
CA GLU B 89 26.28 39.38 -20.13
C GLU B 89 26.70 38.42 -19.02
N ALA B 90 26.17 37.21 -19.05
CA ALA B 90 26.50 36.23 -18.02
C ALA B 90 26.75 34.86 -18.64
N TYR B 91 27.74 34.15 -18.12
CA TYR B 91 28.05 32.83 -18.63
C TYR B 91 28.85 32.01 -17.64
N SER B 92 28.79 30.69 -17.83
CA SER B 92 29.54 29.79 -16.97
C SER B 92 30.70 29.25 -17.79
N ILE B 93 31.74 28.83 -17.09
CA ILE B 93 32.88 28.20 -17.74
C ILE B 93 33.22 27.09 -16.75
N PRO B 94 33.95 26.08 -17.20
CA PRO B 94 34.29 25.01 -16.26
C PRO B 94 35.04 25.60 -15.07
N GLY B 95 34.43 25.55 -13.89
CA GLY B 95 35.09 26.09 -12.71
C GLY B 95 34.71 27.49 -12.25
N ALA B 96 33.82 28.18 -12.96
CA ALA B 96 33.43 29.52 -12.56
C ALA B 96 32.19 30.09 -13.20
N LEU B 97 31.62 31.09 -12.54
CA LEU B 97 30.46 31.80 -13.06
C LEU B 97 30.96 33.23 -13.27
N VAL B 98 30.55 33.83 -14.38
CA VAL B 98 30.97 35.19 -14.73
C VAL B 98 29.81 36.04 -15.21
N GLN B 99 29.81 37.32 -14.84
CA GLN B 99 28.80 38.23 -15.34
C GLN B 99 29.43 39.60 -15.48
N LYS B 100 29.14 40.25 -16.60
CA LYS B 100 29.68 41.56 -16.89
C LYS B 100 28.55 42.54 -17.07
N LEU B 101 28.61 43.64 -16.33
CA LEU B 101 27.59 44.68 -16.40
C LEU B 101 28.22 45.86 -17.11
N THR B 102 27.58 46.34 -18.16
CA THR B 102 28.11 47.45 -18.92
C THR B 102 27.19 48.66 -18.94
N ALA B 103 27.77 49.82 -18.65
CA ALA B 103 27.05 51.08 -18.66
C ALA B 103 28.04 52.09 -19.25
N LYS B 104 27.59 53.31 -19.48
CA LYS B 104 28.47 54.32 -20.07
C LYS B 104 29.68 54.66 -19.21
N ASP B 105 29.45 55.07 -17.97
CA ASP B 105 30.54 55.48 -17.10
C ASP B 105 31.01 54.43 -16.11
N VAL B 106 30.21 53.39 -15.89
CA VAL B 106 30.58 52.35 -14.95
C VAL B 106 30.46 50.95 -15.55
N GLN B 107 31.40 50.08 -15.22
CA GLN B 107 31.37 48.70 -15.68
C GLN B 107 31.74 47.82 -14.49
N VAL B 108 31.16 46.63 -14.45
CA VAL B 108 31.43 45.69 -13.38
C VAL B 108 31.69 44.29 -13.95
N GLU B 109 32.74 43.63 -13.46
CA GLU B 109 33.03 42.28 -13.90
C GLU B 109 33.11 41.42 -12.65
N MSE B 110 32.15 40.51 -12.50
CA MSE B 110 32.12 39.63 -11.34
C MSE B 110 32.51 38.21 -11.71
O MSE B 110 32.00 37.66 -12.69
CB MSE B 110 30.72 39.66 -10.72
CG MSE B 110 30.39 40.98 -10.01
SE MSE B 110 28.52 41.15 -9.49
CE MSE B 110 27.83 41.77 -11.16
N THR B 111 33.40 37.64 -10.93
CA THR B 111 33.86 36.27 -11.17
C THR B 111 33.67 35.51 -9.85
N LEU B 112 32.97 34.39 -9.93
CA LEU B 112 32.71 33.56 -8.75
C LEU B 112 33.35 32.19 -8.91
N ARG B 113 34.22 31.85 -7.97
CA ARG B 113 34.92 30.57 -7.96
C ARG B 113 34.87 30.04 -6.53
N PHE B 114 35.22 28.77 -6.34
CA PHE B 114 35.23 28.23 -4.99
C PHE B 114 36.63 28.27 -4.41
N ALA B 115 36.71 28.61 -3.12
CA ALA B 115 37.99 28.73 -2.41
C ALA B 115 38.31 27.61 -1.43
N THR B 116 37.27 27.07 -0.78
CA THR B 116 37.44 25.97 0.17
C THR B 116 36.22 25.06 0.08
N PRO B 117 36.26 23.90 0.77
CA PRO B 117 35.12 22.98 0.74
C PRO B 117 33.86 23.55 1.40
N ARG B 118 33.90 24.81 1.84
CA ARG B 118 32.74 25.42 2.47
C ARG B 118 32.55 26.87 2.05
N THR B 119 33.45 27.38 1.21
CA THR B 119 33.39 28.78 0.83
C THR B 119 33.65 29.12 -0.62
N SER B 120 32.80 29.98 -1.19
CA SER B 120 32.99 30.43 -2.56
C SER B 120 33.50 31.87 -2.47
N LEU B 121 34.24 32.30 -3.48
CA LEU B 121 34.80 33.65 -3.52
C LEU B 121 34.31 34.44 -4.72
N LEU B 122 33.83 35.66 -4.47
CA LEU B 122 33.33 36.54 -5.51
C LEU B 122 34.22 37.75 -5.67
N GLU B 123 34.75 37.94 -6.87
CA GLU B 123 35.58 39.10 -7.16
C GLU B 123 34.67 40.09 -7.88
N THR B 124 34.54 41.29 -7.33
CA THR B 124 33.70 42.32 -7.94
C THR B 124 34.65 43.42 -8.42
N LYS B 125 34.98 43.37 -9.70
CA LYS B 125 35.90 44.32 -10.31
C LYS B 125 35.09 45.48 -10.87
N ILE B 126 35.26 46.65 -10.26
CA ILE B 126 34.52 47.84 -10.67
C ILE B 126 35.38 48.90 -11.37
N THR B 127 34.95 49.32 -12.55
CA THR B 127 35.66 50.35 -13.30
C THR B 127 34.80 51.60 -13.33
N SER B 128 35.32 52.68 -12.74
CA SER B 128 34.59 53.94 -12.70
C SER B 128 35.54 55.11 -12.61
N ASN B 129 35.27 56.14 -13.41
CA ASN B 129 36.07 57.35 -13.47
C ASN B 129 35.68 58.35 -12.38
N LYS B 130 34.63 58.04 -11.63
CA LYS B 130 34.17 58.91 -10.55
C LYS B 130 33.68 58.09 -9.36
N PRO B 131 33.53 58.73 -8.19
CA PRO B 131 33.07 58.02 -7.00
C PRO B 131 31.68 57.44 -7.24
N LEU B 132 31.34 56.38 -6.50
CA LEU B 132 30.04 55.73 -6.65
C LEU B 132 29.53 55.22 -5.32
N ASP B 133 28.22 54.97 -5.28
CA ASP B 133 27.58 54.41 -4.10
C ASP B 133 27.12 53.02 -4.49
N LEU B 134 27.44 52.04 -3.66
CA LEU B 134 27.07 50.66 -3.94
C LEU B 134 25.98 50.21 -2.97
N VAL B 135 25.07 49.38 -3.49
CA VAL B 135 23.98 48.84 -2.70
C VAL B 135 23.82 47.36 -3.02
N TRP B 136 23.71 46.53 -2.00
CA TRP B 136 23.51 45.10 -2.18
C TRP B 136 22.21 44.77 -1.47
N ASP B 137 21.39 43.93 -2.07
CA ASP B 137 20.13 43.57 -1.44
C ASP B 137 19.96 42.06 -1.52
N GLY B 138 19.04 41.54 -0.71
CA GLY B 138 18.80 40.11 -0.70
C GLY B 138 17.50 39.80 0.00
N GLU B 139 16.93 38.64 -0.28
CA GLU B 139 15.67 38.26 0.34
C GLU B 139 15.53 36.74 0.38
N LEU B 140 15.23 36.20 1.55
CA LEU B 140 15.07 34.77 1.70
C LEU B 140 13.75 34.35 1.05
N LEU B 141 13.72 33.12 0.52
CA LEU B 141 12.49 32.63 -0.09
C LEU B 141 11.41 32.48 0.96
N GLU B 142 10.16 32.48 0.53
CA GLU B 142 9.03 32.33 1.44
C GLU B 142 8.20 31.10 1.07
N LYS B 143 8.03 30.88 -0.23
CA LYS B 143 7.23 29.77 -0.74
C LYS B 143 7.95 28.42 -0.69
N LEU B 144 7.19 27.39 -0.31
CA LEU B 144 7.73 26.05 -0.16
C LEU B 144 7.97 25.17 -1.38
N GLU B 145 6.91 24.93 -2.15
CA GLU B 145 7.04 24.00 -3.28
C GLU B 145 6.33 24.35 -4.57
N ALA B 146 6.95 23.95 -5.68
CA ALA B 146 6.41 24.16 -7.01
C ALA B 146 6.91 23.05 -7.94
N LYS B 147 6.13 22.77 -8.97
CA LYS B 147 6.51 21.76 -9.94
C LYS B 147 6.39 22.41 -11.31
N GLU B 148 7.52 22.46 -12.03
CA GLU B 148 7.58 23.09 -13.34
C GLU B 148 7.07 24.52 -13.35
N GLY B 149 7.51 25.29 -12.35
CA GLY B 149 7.12 26.69 -12.25
C GLY B 149 5.77 26.99 -11.63
N LYS B 150 4.97 25.96 -11.37
CA LYS B 150 3.65 26.13 -10.80
C LYS B 150 3.61 25.68 -9.34
N PRO B 151 3.06 26.53 -8.45
CA PRO B 151 3.00 26.13 -7.04
C PRO B 151 2.20 24.84 -6.83
N LEU B 152 2.70 23.97 -5.96
CA LEU B 152 2.02 22.72 -5.67
C LEU B 152 1.01 22.96 -4.56
N SER B 153 1.23 24.03 -3.80
CA SER B 153 0.36 24.41 -2.70
C SER B 153 0.75 25.82 -2.28
N ASP B 154 0.04 26.36 -1.30
CA ASP B 154 0.35 27.70 -0.80
C ASP B 154 1.13 27.60 0.50
N LYS B 155 1.69 26.42 0.77
CA LYS B 155 2.46 26.22 1.99
C LYS B 155 3.71 27.09 1.95
N THR B 156 4.09 27.61 3.11
CA THR B 156 5.29 28.45 3.20
C THR B 156 6.38 27.67 3.92
N ILE B 157 7.62 28.12 3.73
CA ILE B 157 8.77 27.48 4.37
C ILE B 157 8.62 27.51 5.89
N ALA B 158 8.32 28.69 6.43
CA ALA B 158 8.17 28.86 7.86
C ALA B 158 6.97 28.11 8.43
N GLY B 159 5.89 28.03 7.65
CA GLY B 159 4.70 27.34 8.11
C GLY B 159 4.93 25.83 8.14
N GLU B 160 5.68 25.33 7.18
CA GLU B 160 5.97 23.92 7.09
C GLU B 160 7.01 23.49 8.13
N TYR B 161 7.98 24.37 8.40
CA TYR B 161 9.03 24.08 9.35
C TYR B 161 9.13 25.20 10.39
N PRO B 162 8.24 25.18 11.39
CA PRO B 162 8.21 26.20 12.46
C PRO B 162 9.53 26.38 13.22
N ASP B 163 10.35 25.34 13.28
CA ASP B 163 11.62 25.43 14.00
C ASP B 163 12.79 25.93 13.15
N TYR B 164 12.57 26.09 11.84
CA TYR B 164 13.64 26.57 10.96
C TYR B 164 14.09 27.94 11.46
N GLN B 165 13.13 28.76 11.86
CA GLN B 165 13.40 30.10 12.42
C GLN B 165 14.58 30.83 11.80
N ARG B 166 14.54 31.02 10.49
CA ARG B 166 15.61 31.71 9.79
C ARG B 166 15.73 33.16 10.26
N LYS B 167 16.96 33.62 10.40
CA LYS B 167 17.20 35.00 10.82
C LYS B 167 18.45 35.56 10.16
N ILE B 168 18.40 36.84 9.81
CA ILE B 168 19.53 37.52 9.20
C ILE B 168 20.07 38.47 10.26
N SER B 169 21.37 38.40 10.52
CA SER B 169 22.01 39.25 11.51
C SER B 169 23.23 39.94 10.92
N ALA B 170 23.45 41.19 11.34
CA ALA B 170 24.61 41.94 10.86
C ALA B 170 25.84 41.44 11.60
N THR B 171 27.00 41.59 10.97
CA THR B 171 28.25 41.17 11.59
C THR B 171 29.24 42.32 11.42
N ARG B 172 30.44 42.15 11.94
CA ARG B 172 31.47 43.18 11.84
C ARG B 172 31.97 43.38 10.41
N ASP B 173 31.75 42.40 9.54
CA ASP B 173 32.22 42.51 8.16
C ASP B 173 31.25 41.97 7.12
N GLY B 174 29.96 42.06 7.42
CA GLY B 174 28.96 41.58 6.49
C GLY B 174 27.68 41.19 7.21
N LEU B 175 27.23 39.97 6.97
CA LEU B 175 26.01 39.49 7.61
C LEU B 175 25.97 37.98 7.53
N LYS B 176 25.02 37.38 8.24
CA LYS B 176 24.89 35.93 8.24
C LYS B 176 23.45 35.54 8.42
N VAL B 177 23.10 34.36 7.93
CA VAL B 177 21.77 33.84 8.09
C VAL B 177 21.94 32.65 9.01
N THR B 178 21.13 32.57 10.05
CA THR B 178 21.20 31.45 10.98
C THR B 178 19.93 30.61 10.85
N PHE B 179 20.08 29.30 11.09
CA PHE B 179 18.97 28.38 10.95
C PHE B 179 18.77 27.53 12.20
N GLY B 180 17.51 27.29 12.55
CA GLY B 180 17.21 26.48 13.71
C GLY B 180 17.31 25.01 13.32
N LYS B 181 17.20 24.13 14.31
CA LYS B 181 17.31 22.69 14.07
C LYS B 181 16.04 22.08 13.49
N VAL B 182 16.15 21.50 12.30
CA VAL B 182 15.03 20.86 11.63
C VAL B 182 15.44 19.45 11.23
N ARG B 183 14.72 18.45 11.74
CA ARG B 183 15.03 17.06 11.43
C ARG B 183 13.94 16.43 10.58
N ALA B 184 13.68 17.02 9.41
CA ALA B 184 12.69 16.52 8.47
C ALA B 184 13.39 15.50 7.60
N THR B 185 13.38 14.26 8.09
CA THR B 185 14.03 13.11 7.45
C THR B 185 14.09 13.06 5.93
N TRP B 186 12.99 13.40 5.26
CA TRP B 186 12.95 13.33 3.82
C TRP B 186 12.91 14.67 3.09
N ASP B 187 13.16 15.77 3.81
CA ASP B 187 13.08 17.08 3.18
C ASP B 187 14.15 18.10 3.52
N LEU B 188 14.38 18.27 4.82
CA LEU B 188 15.31 19.28 5.30
C LEU B 188 15.95 18.84 6.61
N LEU B 189 17.28 18.81 6.64
CA LEU B 189 18.01 18.39 7.82
C LEU B 189 19.07 19.42 8.20
N THR B 190 18.95 19.96 9.40
CA THR B 190 19.89 20.96 9.89
C THR B 190 20.24 20.65 11.35
N SER B 191 21.40 21.12 11.78
CA SER B 191 21.90 20.87 13.13
C SER B 191 21.42 21.88 14.17
N GLY B 192 20.96 23.04 13.71
CA GLY B 192 20.54 24.08 14.62
C GLY B 192 21.71 25.03 14.81
N GLU B 193 22.83 24.70 14.18
CA GLU B 193 24.04 25.51 14.26
C GLU B 193 24.57 25.88 12.87
N SER B 194 23.82 25.55 11.84
CA SER B 194 24.27 25.88 10.48
C SER B 194 24.06 27.36 10.19
N GLU B 195 24.91 27.90 9.31
CA GLU B 195 24.82 29.31 8.97
C GLU B 195 25.26 29.53 7.53
N TYR B 196 24.84 30.66 6.96
CA TYR B 196 25.27 31.05 5.62
C TYR B 196 25.88 32.42 5.87
N GLN B 197 27.20 32.51 5.73
CA GLN B 197 27.90 33.77 5.99
C GLN B 197 28.37 34.53 4.77
N VAL B 198 28.34 35.85 4.90
CA VAL B 198 28.79 36.76 3.86
C VAL B 198 29.84 37.68 4.49
N HIS B 199 31.07 37.60 4.01
CA HIS B 199 32.16 38.45 4.52
C HIS B 199 32.66 39.32 3.37
N LYS B 200 32.89 40.60 3.63
CA LYS B 200 33.36 41.49 2.58
C LYS B 200 34.65 42.25 2.90
N SER B 201 35.33 42.70 1.85
CA SER B 201 36.61 43.39 1.97
C SER B 201 36.54 44.88 2.25
N LEU B 202 35.33 45.43 2.32
CA LEU B 202 35.17 46.85 2.60
C LEU B 202 34.05 47.08 3.62
N PRO B 203 34.08 48.21 4.32
CA PRO B 203 33.05 48.52 5.31
C PRO B 203 31.70 48.73 4.64
N VAL B 204 30.66 48.09 5.16
CA VAL B 204 29.34 48.26 4.60
C VAL B 204 28.32 48.63 5.67
N GLN B 205 27.23 49.23 5.22
CA GLN B 205 26.12 49.67 6.05
C GLN B 205 24.95 48.74 5.80
N THR B 206 24.51 48.02 6.82
CA THR B 206 23.42 47.08 6.62
C THR B 206 22.13 47.34 7.39
N GLU B 207 21.03 47.23 6.66
CA GLU B 207 19.69 47.42 7.20
C GLU B 207 18.96 46.10 6.99
N ILE B 208 18.50 45.49 8.07
CA ILE B 208 17.78 44.23 7.97
C ILE B 208 16.28 44.45 8.21
N ASN B 209 15.46 43.91 7.31
CA ASN B 209 14.00 44.03 7.42
C ASN B 209 13.40 42.63 7.36
N GLY B 210 13.43 41.92 8.49
CA GLY B 210 12.89 40.58 8.49
C GLY B 210 13.76 39.67 7.65
N ASN B 211 13.17 39.05 6.62
CA ASN B 211 13.93 38.16 5.76
C ASN B 211 14.58 38.79 4.54
N ARG B 212 14.71 40.12 4.55
CA ARG B 212 15.37 40.81 3.45
C ARG B 212 16.38 41.79 4.03
N PHE B 213 17.37 42.18 3.23
CA PHE B 213 18.38 43.12 3.70
C PHE B 213 18.83 44.05 2.59
N THR B 214 19.45 45.15 3.00
CA THR B 214 20.01 46.15 2.08
C THR B 214 21.31 46.61 2.72
N SER B 215 22.41 46.57 1.96
CA SER B 215 23.72 47.00 2.46
C SER B 215 24.25 48.10 1.56
N LYS B 216 24.94 49.07 2.14
CA LYS B 216 25.50 50.19 1.38
C LYS B 216 26.97 50.41 1.60
N ALA B 217 27.63 51.01 0.62
CA ALA B 217 29.05 51.32 0.71
C ALA B 217 29.37 52.39 -0.32
N HIS B 218 30.36 53.23 -0.01
CA HIS B 218 30.77 54.28 -0.94
C HIS B 218 32.23 54.07 -1.34
N ILE B 219 32.51 54.15 -2.63
CA ILE B 219 33.87 53.99 -3.13
C ILE B 219 34.31 55.24 -3.87
N ASN B 220 35.62 55.45 -3.97
CA ASN B 220 36.16 56.65 -4.63
C ASN B 220 36.38 56.52 -6.12
N GLY B 221 36.39 55.29 -6.62
CA GLY B 221 36.61 55.06 -8.04
C GLY B 221 36.91 53.60 -8.31
N SER B 222 37.48 53.32 -9.48
CA SER B 222 37.81 51.95 -9.86
C SER B 222 38.46 51.20 -8.71
N THR B 223 37.94 50.01 -8.42
CA THR B 223 38.47 49.19 -7.33
C THR B 223 37.92 47.77 -7.46
N THR B 224 38.58 46.83 -6.81
CA THR B 224 38.13 45.44 -6.84
C THR B 224 37.85 45.00 -5.42
N LEU B 225 36.62 44.56 -5.19
CA LEU B 225 36.26 44.12 -3.85
C LEU B 225 36.12 42.61 -3.85
N TYR B 226 36.21 42.03 -2.66
CA TYR B 226 36.11 40.59 -2.52
C TYR B 226 35.06 40.23 -1.48
N THR B 227 34.30 39.19 -1.79
CA THR B 227 33.25 38.73 -0.91
C THR B 227 33.28 37.22 -0.81
N THR B 228 33.11 36.68 0.39
CA THR B 228 33.07 35.24 0.55
C THR B 228 31.66 34.82 0.96
N TYR B 229 31.24 33.65 0.47
CA TYR B 229 29.94 33.10 0.77
C TYR B 229 30.21 31.72 1.37
N SER B 230 29.69 31.45 2.57
CA SER B 230 29.96 30.16 3.20
C SER B 230 28.74 29.51 3.81
N HIS B 231 28.53 28.24 3.49
CA HIS B 231 27.43 27.48 4.09
C HIS B 231 28.17 26.53 5.02
N LEU B 232 27.98 26.73 6.31
CA LEU B 232 28.63 25.94 7.35
C LEU B 232 27.53 25.16 8.07
N LEU B 233 27.71 23.85 8.16
CA LEU B 233 26.68 22.99 8.75
C LEU B 233 26.71 22.68 10.23
N THR B 234 27.83 22.95 10.90
CA THR B 234 27.93 22.70 12.34
C THR B 234 28.69 23.84 13.01
N ALA B 235 28.59 23.91 14.34
CA ALA B 235 29.28 24.95 15.09
C ALA B 235 30.79 24.82 14.89
N GLN B 236 31.27 23.58 14.83
CA GLN B 236 32.69 23.33 14.63
C GLN B 236 33.13 23.86 13.27
N GLU B 237 32.30 23.64 12.26
CA GLU B 237 32.60 24.12 10.92
C GLU B 237 32.66 25.65 10.90
N VAL B 238 31.72 26.29 11.60
CA VAL B 238 31.67 27.74 11.67
C VAL B 238 32.99 28.27 12.25
N SER B 239 33.39 27.70 13.39
CA SER B 239 34.63 28.14 14.03
C SER B 239 35.85 27.96 13.15
N LYS B 240 36.01 26.76 12.60
CA LYS B 240 37.14 26.43 11.74
C LYS B 240 37.29 27.27 10.48
N GLU B 241 36.17 27.67 9.89
CA GLU B 241 36.21 28.43 8.65
C GLU B 241 36.65 29.88 8.78
N GLN B 242 36.47 30.48 9.95
CA GLN B 242 36.84 31.88 10.13
C GLN B 242 38.27 32.20 9.73
N MSE B 243 39.24 31.37 10.12
CA MSE B 243 40.63 31.63 9.77
C MSE B 243 40.84 31.48 8.27
O MSE B 243 41.71 32.15 7.69
CB MSE B 243 41.56 30.69 10.54
CG MSE B 243 41.40 29.22 10.24
SE MSE B 243 42.61 28.17 11.32
CE MSE B 243 44.26 28.58 10.42
N GLN B 244 40.06 30.62 7.62
CA GLN B 244 40.16 30.41 6.18
C GLN B 244 39.63 31.65 5.48
N ILE B 245 38.50 32.15 5.94
CA ILE B 245 37.90 33.35 5.37
C ILE B 245 38.89 34.51 5.47
N ARG B 246 39.54 34.63 6.62
CA ARG B 246 40.51 35.70 6.80
C ARG B 246 41.65 35.55 5.79
N ASP B 247 42.06 34.31 5.56
CA ASP B 247 43.13 34.02 4.61
C ASP B 247 42.71 34.39 3.18
N ILE B 248 41.49 34.02 2.81
CA ILE B 248 40.96 34.30 1.48
C ILE B 248 40.90 35.79 1.18
N LEU B 249 40.41 36.56 2.14
CA LEU B 249 40.30 38.00 1.96
C LEU B 249 41.66 38.71 1.96
N ALA B 250 42.66 38.06 2.55
CA ALA B 250 44.00 38.63 2.62
C ALA B 250 44.80 38.36 1.35
N ARG B 251 44.53 37.22 0.71
CA ARG B 251 45.25 36.84 -0.49
C ARG B 251 44.29 36.22 -1.51
N PRO B 252 43.26 36.98 -1.92
CA PRO B 252 42.28 36.46 -2.89
C PRO B 252 42.85 35.99 -4.22
N ALA B 253 43.91 36.63 -4.70
CA ALA B 253 44.50 36.25 -5.98
C ALA B 253 45.00 34.80 -5.95
N PHE B 254 45.51 34.37 -4.81
CA PHE B 254 46.01 33.01 -4.68
C PHE B 254 44.90 31.98 -4.84
N TYR B 255 43.72 32.29 -4.28
CA TYR B 255 42.60 31.38 -4.38
C TYR B 255 41.97 31.36 -5.78
N LEU B 256 41.95 32.51 -6.44
CA LEU B 256 41.39 32.57 -7.79
C LEU B 256 42.30 31.78 -8.71
N THR B 257 43.61 32.00 -8.56
CA THR B 257 44.60 31.29 -9.36
C THR B 257 44.55 29.80 -9.12
N ALA B 258 44.45 29.39 -7.86
CA ALA B 258 44.40 27.97 -7.54
C ALA B 258 43.22 27.28 -8.23
N SER B 259 42.08 27.95 -8.23
CA SER B 259 40.89 27.39 -8.88
C SER B 259 41.09 27.31 -10.38
N GLN B 260 41.63 28.39 -10.95
CA GLN B 260 41.88 28.45 -12.39
C GLN B 260 42.81 27.33 -12.84
N GLN B 261 43.93 27.16 -12.14
CA GLN B 261 44.90 26.13 -12.50
C GLN B 261 44.35 24.72 -12.28
N ARG B 262 43.57 24.54 -11.22
CA ARG B 262 42.98 23.24 -10.94
C ARG B 262 42.08 22.82 -12.10
N TRP B 263 41.32 23.77 -12.64
CA TRP B 263 40.43 23.46 -13.74
C TRP B 263 41.16 23.29 -15.07
N GLU B 264 42.23 24.06 -15.27
CA GLU B 264 42.99 23.91 -16.50
C GLU B 264 43.54 22.48 -16.54
N GLU B 265 43.89 21.98 -15.37
CA GLU B 265 44.42 20.63 -15.25
C GLU B 265 43.36 19.56 -15.50
N TYR B 266 42.13 19.77 -15.04
CA TYR B 266 41.07 18.80 -15.28
C TYR B 266 40.85 18.62 -16.77
N LEU B 267 40.82 19.74 -17.49
CA LEU B 267 40.60 19.72 -18.94
C LEU B 267 41.81 19.13 -19.69
N LYS B 268 43.01 19.52 -19.26
CA LYS B 268 44.23 19.02 -19.91
C LYS B 268 44.35 17.51 -19.78
N LYS B 269 44.06 17.00 -18.59
CA LYS B 269 44.14 15.57 -18.34
C LYS B 269 42.97 14.78 -18.91
N GLY B 270 41.78 15.37 -18.92
CA GLY B 270 40.61 14.66 -19.39
C GLY B 270 40.31 14.63 -20.88
N LEU B 271 40.60 15.71 -21.59
CA LEU B 271 40.31 15.76 -23.03
C LEU B 271 41.44 15.12 -23.82
N THR B 272 41.48 13.79 -23.79
CA THR B 272 42.52 13.02 -24.44
C THR B 272 42.21 12.40 -25.79
N ASN B 273 41.11 12.77 -26.43
CA ASN B 273 40.78 12.21 -27.73
C ASN B 273 40.88 13.24 -28.85
N PRO B 274 42.00 13.25 -29.59
CA PRO B 274 42.23 14.19 -30.69
C PRO B 274 41.34 13.95 -31.91
N ASP B 275 40.67 12.82 -31.97
CA ASP B 275 39.78 12.52 -33.11
C ASP B 275 38.37 13.04 -32.88
N ALA B 276 38.10 13.50 -31.66
CA ALA B 276 36.77 14.00 -31.32
C ALA B 276 36.52 15.37 -31.95
N THR B 277 35.27 15.59 -32.34
CA THR B 277 34.86 16.87 -32.93
C THR B 277 34.66 17.86 -31.79
N PRO B 278 34.58 19.16 -32.09
CA PRO B 278 34.38 20.12 -31.01
C PRO B 278 33.11 19.81 -30.21
N GLU B 279 32.06 19.38 -30.92
CA GLU B 279 30.79 19.04 -30.29
C GLU B 279 30.95 17.87 -29.33
N GLN B 280 31.73 16.88 -29.75
CA GLN B 280 31.95 15.70 -28.92
C GLN B 280 32.82 16.07 -27.73
N THR B 281 33.76 16.99 -27.94
CA THR B 281 34.63 17.42 -26.85
C THR B 281 33.80 18.18 -25.82
N ARG B 282 32.80 18.93 -26.28
CA ARG B 282 31.94 19.70 -25.40
C ARG B 282 31.14 18.76 -24.50
N VAL B 283 30.76 17.60 -25.03
CA VAL B 283 30.01 16.64 -24.22
C VAL B 283 30.94 16.19 -23.09
N ALA B 284 32.20 15.93 -23.43
CA ALA B 284 33.18 15.52 -22.42
C ALA B 284 33.31 16.58 -21.32
N VAL B 285 33.34 17.85 -21.71
CA VAL B 285 33.45 18.91 -20.73
C VAL B 285 32.20 18.95 -19.85
N LYS B 286 31.03 18.72 -20.44
CA LYS B 286 29.80 18.73 -19.65
C LYS B 286 29.90 17.62 -18.61
N ALA B 287 30.43 16.47 -19.02
CA ALA B 287 30.59 15.34 -18.11
C ALA B 287 31.51 15.70 -16.97
N ILE B 288 32.62 16.39 -17.28
CA ILE B 288 33.58 16.78 -16.25
C ILE B 288 32.94 17.78 -15.28
N GLU B 289 32.20 18.75 -15.80
CA GLU B 289 31.54 19.73 -14.94
C GLU B 289 30.53 19.04 -14.03
N THR B 290 29.78 18.09 -14.61
CA THR B 290 28.76 17.38 -13.86
C THR B 290 29.33 16.55 -12.71
N LEU B 291 30.33 15.74 -13.01
CA LEU B 291 30.95 14.90 -11.99
C LEU B 291 31.59 15.73 -10.89
N ASN B 292 32.31 16.79 -11.26
CA ASN B 292 32.94 17.62 -10.25
C ASN B 292 31.91 18.37 -9.40
N GLY B 293 30.75 18.67 -10.00
CA GLY B 293 29.71 19.36 -9.26
C GLY B 293 29.02 18.44 -8.27
N ASN B 294 29.06 17.14 -8.53
CA ASN B 294 28.43 16.15 -7.67
C ASN B 294 29.36 15.63 -6.58
N TRP B 295 30.59 16.13 -6.59
CA TRP B 295 31.60 15.77 -5.61
C TRP B 295 31.35 16.56 -4.33
N ARG B 296 31.30 15.85 -3.20
CA ARG B 296 31.07 16.47 -1.90
C ARG B 296 32.26 16.20 -0.98
N SER B 297 32.64 17.19 -0.18
CA SER B 297 33.73 17.04 0.76
C SER B 297 33.18 16.25 1.95
N PRO B 298 34.06 15.81 2.86
CA PRO B 298 33.56 15.05 4.02
C PRO B 298 32.45 15.78 4.76
N GLY B 299 31.50 15.02 5.28
CA GLY B 299 30.39 15.61 6.00
C GLY B 299 29.64 14.59 6.84
N GLY B 300 29.41 14.90 8.11
CA GLY B 300 28.71 13.99 8.99
C GLY B 300 29.44 12.67 9.14
N ALA B 301 28.71 11.56 8.97
CA ALA B 301 29.30 10.23 9.10
C ALA B 301 30.28 9.83 8.00
N VAL B 302 30.29 10.56 6.90
CA VAL B 302 31.21 10.25 5.79
C VAL B 302 32.46 11.11 5.97
N LYS B 303 33.56 10.46 6.33
CA LYS B 303 34.82 11.17 6.58
C LYS B 303 35.71 11.37 5.36
N PHE B 304 35.19 11.03 4.18
CA PHE B 304 35.96 11.18 2.95
C PHE B 304 35.20 11.97 1.91
N ASN B 305 35.91 12.48 0.91
CA ASN B 305 35.27 13.18 -0.19
C ASN B 305 34.52 12.09 -0.92
N THR B 306 33.37 12.41 -1.48
CA THR B 306 32.61 11.41 -2.21
C THR B 306 31.90 12.08 -3.38
N VAL B 307 31.21 11.29 -4.19
CA VAL B 307 30.47 11.81 -5.34
C VAL B 307 29.10 11.12 -5.33
N THR B 308 28.04 11.93 -5.41
CA THR B 308 26.68 11.40 -5.39
C THR B 308 26.12 11.33 -6.82
N PRO B 309 25.00 10.62 -7.01
CA PRO B 309 24.38 10.48 -8.33
C PRO B 309 23.95 11.81 -8.95
N SER B 310 23.60 12.78 -8.12
CA SER B 310 23.18 14.10 -8.60
C SER B 310 22.93 15.10 -7.50
N VAL B 311 23.66 16.22 -7.53
CA VAL B 311 23.50 17.24 -6.51
C VAL B 311 22.12 17.89 -6.55
N THR B 312 21.45 17.82 -7.69
CA THR B 312 20.12 18.40 -7.84
C THR B 312 18.99 17.38 -7.71
N GLY B 313 19.35 16.11 -7.56
CA GLY B 313 18.33 15.07 -7.46
C GLY B 313 17.53 15.08 -6.17
N ARG B 314 16.26 14.68 -6.28
CA ARG B 314 15.37 14.63 -5.12
C ARG B 314 15.88 13.74 -4.01
N TRP B 315 16.44 12.59 -4.39
CA TRP B 315 16.95 11.62 -3.43
C TRP B 315 18.43 11.30 -3.60
N PHE B 316 19.12 12.06 -4.45
CA PHE B 316 20.54 11.80 -4.70
C PHE B 316 21.47 12.89 -4.20
N SER B 317 20.96 13.87 -3.47
CA SER B 317 21.78 14.98 -3.01
C SER B 317 22.52 14.83 -1.67
N GLY B 318 22.96 15.96 -1.11
CA GLY B 318 23.73 15.91 0.11
C GLY B 318 24.93 15.07 -0.26
N ASN B 319 25.35 14.16 0.61
CA ASN B 319 26.49 13.30 0.27
C ASN B 319 26.09 11.83 0.21
N GLN B 320 24.82 11.58 -0.13
CA GLN B 320 24.32 10.21 -0.27
C GLN B 320 25.15 9.50 -1.34
N THR B 321 25.73 8.37 -0.98
CA THR B 321 26.61 7.63 -1.89
C THR B 321 26.24 6.15 -2.03
N TRP B 322 26.29 5.65 -3.27
CA TRP B 322 25.99 4.25 -3.60
C TRP B 322 27.24 3.60 -4.21
N PRO B 323 27.44 2.30 -3.97
CA PRO B 323 28.60 1.56 -4.50
C PRO B 323 28.65 1.50 -6.03
N TRP B 324 27.55 1.06 -6.62
CA TRP B 324 27.40 0.91 -8.08
C TRP B 324 27.85 2.19 -8.79
N ASP B 325 27.26 3.31 -8.39
CA ASP B 325 27.56 4.60 -8.97
C ASP B 325 29.02 4.96 -8.77
N THR B 326 29.53 4.73 -7.57
CA THR B 326 30.92 5.03 -7.24
C THR B 326 31.92 4.32 -8.15
N TRP B 327 31.68 3.05 -8.49
CA TRP B 327 32.64 2.33 -9.32
C TRP B 327 32.79 3.00 -10.68
N LYS B 328 31.67 3.35 -11.31
CA LYS B 328 31.71 3.99 -12.61
C LYS B 328 32.21 5.43 -12.52
N GLN B 329 31.81 6.14 -11.47
CA GLN B 329 32.24 7.51 -11.26
C GLN B 329 33.77 7.60 -11.14
N ALA B 330 34.33 6.74 -10.28
CA ALA B 330 35.76 6.72 -10.05
C ALA B 330 36.55 6.27 -11.28
N PHE B 331 35.98 5.33 -12.04
CA PHE B 331 36.64 4.84 -13.24
C PHE B 331 36.88 6.00 -14.19
N ALA B 332 35.86 6.83 -14.38
CA ALA B 332 35.97 7.98 -15.26
C ALA B 332 36.84 9.08 -14.66
N MSE B 333 36.60 9.42 -13.40
CA MSE B 333 37.34 10.49 -12.74
C MSE B 333 38.83 10.20 -12.56
O MSE B 333 39.62 11.10 -12.32
CB MSE B 333 36.68 10.84 -11.41
CG MSE B 333 35.32 11.50 -11.62
SE MSE B 333 34.31 11.93 -10.04
CE MSE B 333 35.20 13.58 -9.58
N ALA B 334 39.20 8.93 -12.69
CA ALA B 334 40.61 8.56 -12.57
C ALA B 334 41.37 9.30 -13.67
N HIS B 335 40.67 9.60 -14.76
CA HIS B 335 41.29 10.28 -15.89
C HIS B 335 41.34 11.79 -15.91
N PHE B 336 40.86 12.44 -14.86
CA PHE B 336 40.93 13.90 -14.81
C PHE B 336 40.94 14.47 -13.40
N ASN B 337 40.34 13.74 -12.46
CA ASN B 337 40.32 14.16 -11.06
C ASN B 337 40.57 12.93 -10.20
N PRO B 338 41.75 12.30 -10.37
CA PRO B 338 42.14 11.10 -9.63
C PRO B 338 42.08 11.17 -8.10
N ASP B 339 42.39 12.34 -7.54
CA ASP B 339 42.35 12.49 -6.08
C ASP B 339 40.96 12.17 -5.53
N ILE B 340 39.94 12.70 -6.21
CA ILE B 340 38.57 12.48 -5.77
C ILE B 340 38.07 11.09 -6.15
N ALA B 341 38.59 10.54 -7.24
CA ALA B 341 38.21 9.19 -7.65
C ALA B 341 38.58 8.26 -6.51
N LYS B 342 39.80 8.42 -6.01
CA LYS B 342 40.29 7.61 -4.91
C LYS B 342 39.46 7.81 -3.65
N GLU B 343 39.16 9.07 -3.33
CA GLU B 343 38.36 9.39 -2.15
C GLU B 343 36.96 8.77 -2.20
N ASN B 344 36.32 8.85 -3.36
CA ASN B 344 34.98 8.29 -3.54
C ASN B 344 35.00 6.81 -3.21
N ILE B 345 36.02 6.11 -3.69
CA ILE B 345 36.16 4.68 -3.43
C ILE B 345 36.38 4.46 -1.93
N ARG B 346 37.22 5.29 -1.33
CA ARG B 346 37.49 5.17 0.10
C ARG B 346 36.22 5.39 0.92
N ALA B 347 35.42 6.36 0.52
CA ALA B 347 34.18 6.67 1.22
C ALA B 347 33.28 5.44 1.35
N VAL B 348 33.07 4.76 0.24
CA VAL B 348 32.23 3.58 0.23
C VAL B 348 32.79 2.46 1.10
N PHE B 349 34.09 2.23 1.02
CA PHE B 349 34.71 1.17 1.81
C PHE B 349 34.94 1.55 3.28
N SER B 350 34.85 2.85 3.58
CA SER B 350 35.06 3.29 4.96
C SER B 350 33.98 2.73 5.89
N TRP B 351 32.84 2.34 5.33
CA TRP B 351 31.77 1.78 6.15
C TRP B 351 31.55 0.31 5.85
N GLN B 352 32.58 -0.33 5.31
CA GLN B 352 32.55 -1.76 5.02
C GLN B 352 32.44 -2.44 6.39
N ILE B 353 31.60 -3.47 6.49
CA ILE B 353 31.42 -4.15 7.77
C ILE B 353 32.67 -4.84 8.28
N GLN B 354 33.00 -4.55 9.54
CA GLN B 354 34.18 -5.12 10.19
C GLN B 354 33.78 -6.21 11.19
N PRO B 355 34.69 -7.14 11.48
CA PRO B 355 34.38 -8.20 12.44
C PRO B 355 33.88 -7.61 13.75
N GLY B 356 32.83 -8.20 14.31
CA GLY B 356 32.30 -7.71 15.57
C GLY B 356 31.41 -6.48 15.44
N ASP B 357 30.95 -6.21 14.21
CA ASP B 357 30.08 -5.07 13.95
C ASP B 357 28.90 -5.12 14.91
N SER B 358 28.48 -3.96 15.40
CA SER B 358 27.37 -3.88 16.36
C SER B 358 25.99 -4.21 15.79
N VAL B 359 25.82 -4.05 14.48
CA VAL B 359 24.53 -4.31 13.86
C VAL B 359 24.44 -5.64 13.11
N ARG B 360 25.40 -5.90 12.24
CA ARG B 360 25.40 -7.11 11.44
C ARG B 360 26.75 -7.80 11.38
N PRO B 361 27.15 -8.44 12.50
CA PRO B 361 28.43 -9.14 12.54
C PRO B 361 28.52 -10.29 11.54
N GLN B 362 27.37 -10.72 11.02
CA GLN B 362 27.33 -11.81 10.05
C GLN B 362 27.59 -11.32 8.63
N ASP B 363 27.84 -10.03 8.47
CA ASP B 363 28.09 -9.44 7.15
C ASP B 363 29.48 -8.84 6.96
N VAL B 364 30.50 -9.44 7.56
CA VAL B 364 31.85 -8.91 7.42
C VAL B 364 32.23 -8.80 5.93
N GLY B 365 32.70 -7.62 5.52
CA GLY B 365 33.10 -7.42 4.14
C GLY B 365 32.03 -6.73 3.31
N PHE B 366 30.80 -6.73 3.81
CA PHE B 366 29.66 -6.10 3.15
C PHE B 366 29.84 -4.58 3.00
N VAL B 367 29.42 -4.06 1.86
CA VAL B 367 29.50 -2.63 1.57
C VAL B 367 28.05 -2.13 1.46
N PRO B 368 27.65 -1.18 2.33
CA PRO B 368 26.30 -0.63 2.33
C PRO B 368 25.79 -0.06 1.01
N ASP B 369 24.50 -0.26 0.75
CA ASP B 369 23.84 0.25 -0.45
C ASP B 369 23.90 1.77 -0.46
N LEU B 370 23.70 2.36 0.72
CA LEU B 370 23.66 3.82 0.81
C LEU B 370 24.20 4.37 2.12
N ILE B 371 25.20 5.26 2.01
CA ILE B 371 25.77 5.91 3.19
C ILE B 371 25.54 7.40 3.00
N ALA B 372 25.41 8.13 4.09
CA ALA B 372 25.15 9.56 4.01
C ALA B 372 25.52 10.25 5.31
N TRP B 373 25.31 11.56 5.35
CA TRP B 373 25.62 12.38 6.51
C TRP B 373 25.13 11.76 7.81
N ASN B 374 23.87 11.34 7.82
CA ASN B 374 23.27 10.77 9.01
C ASN B 374 23.17 9.26 9.06
N LEU B 375 23.69 8.69 10.14
CA LEU B 375 23.64 7.24 10.36
C LEU B 375 22.20 6.85 10.65
N SER B 376 21.89 5.58 10.42
CA SER B 376 20.55 5.07 10.67
C SER B 376 20.34 4.98 12.19
N PRO B 377 19.09 4.87 12.64
CA PRO B 377 18.83 4.77 14.08
C PRO B 377 19.55 3.58 14.68
N GLU B 378 19.72 2.53 13.89
CA GLU B 378 20.41 1.32 14.34
C GLU B 378 21.85 1.61 14.68
N ARG B 379 22.41 2.67 14.09
CA ARG B 379 23.79 3.04 14.37
C ARG B 379 23.93 4.32 15.18
N GLY B 380 22.82 4.76 15.77
CA GLY B 380 22.85 5.95 16.60
C GLY B 380 22.40 7.28 16.04
N GLY B 381 22.07 7.33 14.75
CA GLY B 381 21.63 8.59 14.17
C GLY B 381 20.14 8.64 13.91
N ASP B 382 19.71 9.65 13.16
CA ASP B 382 18.30 9.79 12.83
C ASP B 382 18.12 9.85 11.31
N GLY B 383 19.11 9.31 10.59
CA GLY B 383 19.05 9.30 9.14
C GLY B 383 18.09 8.26 8.60
N GLY B 384 17.28 8.64 7.62
CA GLY B 384 16.33 7.71 7.05
C GLY B 384 16.78 7.10 5.74
N ASN B 385 17.85 7.62 5.16
CA ASN B 385 18.36 7.13 3.90
C ASN B 385 19.40 6.01 4.05
N TRP B 386 20.28 6.13 5.04
CA TRP B 386 21.31 5.13 5.29
C TRP B 386 20.67 3.75 5.17
N ASN B 387 21.17 2.93 4.24
CA ASN B 387 20.59 1.61 4.01
C ASN B 387 21.59 0.46 3.93
N GLU B 388 21.28 -0.62 4.65
CA GLU B 388 22.12 -1.81 4.67
C GLU B 388 21.30 -3.06 4.38
N ARG B 389 20.19 -2.89 3.69
CA ARG B 389 19.31 -4.00 3.32
C ARG B 389 19.90 -4.79 2.16
N ASN B 390 20.86 -4.18 1.48
CA ASN B 390 21.48 -4.77 0.30
C ASN B 390 22.71 -3.96 -0.10
N THR B 391 23.42 -4.45 -1.11
CA THR B 391 24.59 -3.75 -1.63
C THR B 391 24.30 -3.54 -3.12
N LYS B 392 25.32 -3.56 -3.97
CA LYS B 392 25.12 -3.39 -5.42
C LYS B 392 26.08 -4.30 -6.19
N PRO B 393 25.91 -4.41 -7.52
CA PRO B 393 26.81 -5.27 -8.29
C PRO B 393 28.22 -4.75 -8.09
N SER B 394 29.19 -5.65 -8.01
CA SER B 394 30.55 -5.21 -7.76
C SER B 394 31.52 -5.11 -8.92
N LEU B 395 31.91 -3.87 -9.20
CA LEU B 395 32.89 -3.55 -10.23
C LEU B 395 33.93 -2.75 -9.46
N ALA B 396 34.02 -3.02 -8.16
CA ALA B 396 34.96 -2.33 -7.29
C ALA B 396 36.41 -2.52 -7.70
N ALA B 397 36.82 -3.76 -7.97
CA ALA B 397 38.20 -4.05 -8.38
C ALA B 397 38.51 -3.35 -9.70
N TRP B 398 37.57 -3.42 -10.62
CA TRP B 398 37.68 -2.80 -11.93
C TRP B 398 37.97 -1.30 -11.75
N SER B 399 37.23 -0.68 -10.85
CA SER B 399 37.37 0.75 -10.57
C SER B 399 38.72 1.05 -9.93
N VAL B 400 39.09 0.27 -8.91
CA VAL B 400 40.37 0.46 -8.23
C VAL B 400 41.53 0.30 -9.22
N MSE B 401 41.43 -0.69 -10.09
CA MSE B 401 42.49 -0.92 -11.06
C MSE B 401 42.63 0.25 -12.05
O MSE B 401 43.74 0.56 -12.48
CB MSE B 401 42.22 -2.21 -11.84
CG MSE B 401 43.35 -2.60 -12.79
SE MSE B 401 45.04 -2.88 -11.85
CE MSE B 401 44.69 -4.66 -11.18
N GLU B 402 41.53 0.90 -12.39
CA GLU B 402 41.62 2.01 -13.33
C GLU B 402 42.41 3.16 -12.74
N VAL B 403 42.24 3.42 -11.44
CA VAL B 403 42.99 4.48 -10.80
C VAL B 403 44.48 4.11 -10.89
N TYR B 404 44.78 2.83 -10.72
CA TYR B 404 46.16 2.39 -10.81
C TYR B 404 46.69 2.57 -12.23
N ASN B 405 45.88 2.19 -13.23
CA ASN B 405 46.31 2.33 -14.61
C ASN B 405 46.78 3.75 -14.90
N VAL B 406 46.12 4.72 -14.27
CA VAL B 406 46.48 6.13 -14.47
C VAL B 406 47.64 6.59 -13.60
N THR B 407 47.58 6.28 -12.31
CA THR B 407 48.61 6.72 -11.37
C THR B 407 49.84 5.82 -11.24
N GLN B 408 49.68 4.52 -11.49
CA GLN B 408 50.78 3.58 -11.36
C GLN B 408 51.29 3.61 -9.92
N ASP B 409 50.40 3.96 -9.01
CA ASP B 409 50.71 4.06 -7.58
C ASP B 409 50.45 2.73 -6.86
N LYS B 410 51.51 1.98 -6.60
CA LYS B 410 51.35 0.70 -5.93
C LYS B 410 50.81 0.81 -4.49
N THR B 411 51.04 1.93 -3.82
CA THR B 411 50.54 2.09 -2.47
C THR B 411 49.01 2.16 -2.46
N TRP B 412 48.44 2.58 -3.59
CA TRP B 412 46.99 2.66 -3.74
C TRP B 412 46.45 1.24 -3.79
N VAL B 413 47.15 0.38 -4.52
CA VAL B 413 46.75 -1.01 -4.63
C VAL B 413 46.87 -1.70 -3.27
N ALA B 414 47.96 -1.42 -2.57
CA ALA B 414 48.18 -2.00 -1.24
C ALA B 414 47.08 -1.58 -0.27
N GLU B 415 46.63 -0.34 -0.38
CA GLU B 415 45.58 0.18 0.48
C GLU B 415 44.23 -0.49 0.25
N MSE B 416 43.84 -0.61 -1.00
CA MSE B 416 42.55 -1.17 -1.34
C MSE B 416 42.44 -2.69 -1.43
O MSE B 416 41.37 -3.24 -1.19
CB MSE B 416 42.06 -0.56 -2.66
CG MSE B 416 41.94 0.97 -2.61
SE MSE B 416 40.78 1.59 -1.21
CE MSE B 416 41.63 3.23 -0.77
N TYR B 417 43.53 -3.37 -1.74
CA TYR B 417 43.52 -4.83 -1.88
C TYR B 417 42.77 -5.60 -0.79
N PRO B 418 43.13 -5.42 0.49
CA PRO B 418 42.44 -6.16 1.55
C PRO B 418 40.95 -5.88 1.65
N LYS B 419 40.54 -4.66 1.29
CA LYS B 419 39.13 -4.29 1.34
C LYS B 419 38.38 -5.01 0.23
N LEU B 420 38.99 -5.07 -0.95
CA LEU B 420 38.39 -5.75 -2.09
C LEU B 420 38.27 -7.25 -1.83
N VAL B 421 39.29 -7.81 -1.17
CA VAL B 421 39.27 -9.23 -0.86
C VAL B 421 38.14 -9.55 0.12
N ALA B 422 37.98 -8.71 1.13
CA ALA B 422 36.94 -8.91 2.13
C ALA B 422 35.54 -8.85 1.51
N TYR B 423 35.36 -7.95 0.54
CA TYR B 423 34.07 -7.80 -0.15
C TYR B 423 33.85 -9.02 -1.02
N HIS B 424 34.92 -9.45 -1.69
CA HIS B 424 34.89 -10.63 -2.55
C HIS B 424 34.47 -11.85 -1.73
N ASP B 425 35.06 -12.01 -0.56
CA ASP B 425 34.75 -13.14 0.30
C ASP B 425 33.33 -13.08 0.84
N TRP B 426 32.82 -11.88 1.10
CA TRP B 426 31.46 -11.71 1.60
C TRP B 426 30.45 -12.27 0.60
N TRP B 427 30.65 -12.00 -0.69
CA TRP B 427 29.74 -12.51 -1.71
C TRP B 427 29.65 -14.03 -1.65
N LEU B 428 30.81 -14.68 -1.53
CA LEU B 428 30.86 -16.13 -1.50
C LEU B 428 30.25 -16.76 -0.25
N ARG B 429 30.23 -16.02 0.86
CA ARG B 429 29.66 -16.56 2.10
C ARG B 429 28.17 -16.27 2.22
N ASN B 430 27.76 -15.07 1.85
CA ASN B 430 26.37 -14.65 1.99
C ASN B 430 25.49 -14.55 0.75
N ARG B 431 26.07 -14.74 -0.43
CA ARG B 431 25.29 -14.66 -1.67
C ARG B 431 25.56 -15.86 -2.58
N ASP B 432 25.66 -17.04 -1.99
CA ASP B 432 25.90 -18.27 -2.76
C ASP B 432 25.12 -19.38 -2.08
N HIS B 433 23.79 -19.31 -2.21
CA HIS B 433 22.86 -20.25 -1.62
C HIS B 433 23.17 -21.74 -1.78
N ASN B 434 23.51 -22.16 -2.99
CA ASN B 434 23.80 -23.57 -3.24
C ASN B 434 25.30 -23.89 -3.21
N GLY B 435 26.10 -22.93 -2.75
CA GLY B 435 27.53 -23.11 -2.63
C GLY B 435 28.31 -23.64 -3.83
N ASN B 436 28.01 -23.15 -5.03
CA ASN B 436 28.72 -23.63 -6.21
C ASN B 436 29.74 -22.60 -6.70
N GLY B 437 29.96 -21.55 -5.92
CA GLY B 437 30.93 -20.53 -6.28
C GLY B 437 30.45 -19.47 -7.25
N VAL B 438 29.17 -19.52 -7.62
CA VAL B 438 28.58 -18.56 -8.56
C VAL B 438 27.55 -17.77 -7.75
N PRO B 439 27.82 -16.48 -7.47
CA PRO B 439 26.87 -15.68 -6.69
C PRO B 439 25.47 -15.41 -7.26
N GLU B 440 24.57 -14.99 -6.37
CA GLU B 440 23.20 -14.60 -6.72
C GLU B 440 22.99 -13.23 -6.10
N TYR B 441 22.04 -12.46 -6.64
CA TYR B 441 21.74 -11.17 -6.03
C TYR B 441 20.83 -11.55 -4.86
N GLY B 442 20.84 -10.75 -3.80
CA GLY B 442 20.02 -11.07 -2.65
C GLY B 442 19.84 -9.90 -1.69
N ALA B 443 19.64 -10.23 -0.42
CA ALA B 443 19.43 -9.22 0.61
C ALA B 443 20.01 -9.67 1.95
N THR B 444 20.16 -8.73 2.87
CA THR B 444 20.71 -9.01 4.18
C THR B 444 19.60 -9.27 5.19
N ARG B 445 19.97 -9.70 6.38
CA ARG B 445 19.00 -9.89 7.44
C ARG B 445 18.76 -8.44 7.86
N ASP B 446 17.51 -8.03 7.97
CA ASP B 446 17.20 -6.65 8.32
C ASP B 446 15.85 -6.52 9.00
N LYS B 447 15.65 -5.44 9.74
CA LYS B 447 14.40 -5.21 10.43
C LYS B 447 13.24 -5.07 9.45
N ALA B 448 13.56 -4.67 8.22
CA ALA B 448 12.52 -4.50 7.19
C ALA B 448 12.25 -5.81 6.46
N HIS B 449 13.13 -6.79 6.64
CA HIS B 449 13.00 -8.08 5.96
C HIS B 449 12.48 -9.23 6.82
N ASN B 450 12.64 -9.13 8.13
CA ASN B 450 12.23 -10.22 9.00
C ASN B 450 11.82 -9.79 10.41
N THR B 451 11.16 -10.71 11.11
CA THR B 451 10.73 -10.46 12.48
C THR B 451 11.94 -10.52 13.40
N GLU B 452 11.72 -10.25 14.68
CA GLU B 452 12.79 -10.29 15.67
C GLU B 452 13.45 -11.66 15.73
N SER B 453 12.65 -12.70 15.59
CA SER B 453 13.14 -14.07 15.65
C SER B 453 13.77 -14.56 14.34
N GLY B 454 13.80 -13.70 13.33
CA GLY B 454 14.40 -14.07 12.07
C GLY B 454 13.48 -14.67 11.02
N GLU B 455 12.17 -14.53 11.19
CA GLU B 455 11.22 -15.05 10.22
C GLU B 455 11.02 -14.06 9.09
N MSE B 456 11.20 -14.52 7.85
CA MSE B 456 11.05 -13.65 6.69
C MSE B 456 9.63 -13.13 6.52
O MSE B 456 8.67 -13.90 6.49
CB MSE B 456 11.46 -14.40 5.43
CG MSE B 456 11.39 -13.53 4.18
SE MSE B 456 11.86 -14.52 2.61
CE MSE B 456 10.10 -15.22 2.16
N LEU B 457 9.50 -11.81 6.41
CA LEU B 457 8.21 -11.15 6.26
C LEU B 457 7.77 -11.08 4.79
N PHE B 458 6.46 -11.07 4.58
CA PHE B 458 5.91 -10.97 3.23
C PHE B 458 4.42 -10.69 3.28
N THR B 459 3.92 -9.99 2.28
CA THR B 459 2.51 -9.65 2.21
C THR B 459 1.87 -10.18 0.94
N VAL B 460 0.78 -10.91 1.09
CA VAL B 460 0.07 -11.48 -0.05
C VAL B 460 -1.08 -10.56 -0.41
N LYS B 461 -1.20 -10.23 -1.70
CA LYS B 461 -2.24 -9.35 -2.17
C LYS B 461 -3.18 -10.04 -3.15
N LYS B 462 -4.48 -9.92 -2.88
CA LYS B 462 -5.52 -10.52 -3.72
C LYS B 462 -6.70 -9.57 -3.74
N GLY B 463 -6.93 -8.92 -4.88
CA GLY B 463 -8.01 -7.98 -4.99
C GLY B 463 -7.71 -6.77 -4.13
N ASP B 464 -8.49 -6.57 -3.07
CA ASP B 464 -8.28 -5.45 -2.17
C ASP B 464 -7.85 -5.97 -0.80
N LYS B 465 -7.58 -7.27 -0.72
CA LYS B 465 -7.17 -7.90 0.51
C LYS B 465 -5.65 -7.96 0.63
N GLU B 466 -5.12 -7.54 1.77
CA GLU B 466 -3.68 -7.57 2.02
C GLU B 466 -3.40 -8.28 3.33
N GLU B 467 -2.74 -9.43 3.24
CA GLU B 467 -2.43 -10.22 4.43
C GLU B 467 -0.92 -10.38 4.60
N THR B 468 -0.40 -9.88 5.71
CA THR B 468 1.02 -9.99 5.99
C THR B 468 1.30 -11.25 6.79
N GLN B 469 2.31 -12.00 6.36
CA GLN B 469 2.69 -13.24 7.03
C GLN B 469 4.21 -13.30 7.16
N SER B 470 4.70 -14.32 7.86
CA SER B 470 6.13 -14.48 8.05
C SER B 470 6.48 -15.96 8.08
N GLY B 471 7.72 -16.28 7.74
CA GLY B 471 8.16 -17.67 7.73
C GLY B 471 8.37 -18.18 6.32
N LEU B 472 9.57 -18.70 6.07
CA LEU B 472 9.90 -19.23 4.75
C LEU B 472 8.93 -20.33 4.35
N ASN B 473 8.53 -21.15 5.33
CA ASN B 473 7.62 -22.26 5.09
C ASN B 473 6.27 -21.77 4.56
N ASN B 474 5.73 -20.74 5.19
CA ASN B 474 4.44 -20.18 4.77
C ASN B 474 4.59 -19.61 3.36
N TYR B 475 5.72 -18.96 3.11
CA TYR B 475 6.00 -18.39 1.80
C TYR B 475 5.94 -19.49 0.74
N ALA B 476 6.61 -20.61 1.01
CA ALA B 476 6.64 -21.73 0.09
C ALA B 476 5.22 -22.19 -0.26
N ARG B 477 4.37 -22.29 0.77
CA ARG B 477 3.00 -22.72 0.57
C ARG B 477 2.23 -21.73 -0.31
N VAL B 478 2.40 -20.45 -0.05
CA VAL B 478 1.73 -19.41 -0.82
C VAL B 478 2.14 -19.44 -2.29
N VAL B 479 3.43 -19.49 -2.54
CA VAL B 479 3.94 -19.52 -3.91
C VAL B 479 3.43 -20.73 -4.67
N GLU B 480 3.29 -21.85 -3.97
CA GLU B 480 2.82 -23.08 -4.58
C GLU B 480 1.42 -22.93 -5.16
N LYS B 481 0.48 -22.46 -4.34
CA LYS B 481 -0.90 -22.28 -4.77
C LYS B 481 -1.01 -21.19 -5.85
N GLY B 482 -0.22 -20.13 -5.70
CA GLY B 482 -0.25 -19.05 -6.67
C GLY B 482 -1.60 -18.35 -6.76
N GLN B 483 -2.39 -18.44 -5.70
CA GLN B 483 -3.71 -17.81 -5.68
C GLN B 483 -3.61 -16.41 -5.11
N TYR B 484 -2.98 -15.51 -5.87
CA TYR B 484 -2.79 -14.13 -5.45
C TYR B 484 -2.48 -13.26 -6.66
N ASP B 485 -2.75 -11.96 -6.55
CA ASP B 485 -2.47 -11.05 -7.65
C ASP B 485 -1.01 -10.65 -7.63
N SER B 486 -0.45 -10.52 -6.42
CA SER B 486 0.95 -10.15 -6.26
C SER B 486 1.45 -10.56 -4.89
N LEU B 487 2.77 -10.71 -4.78
CA LEU B 487 3.39 -11.10 -3.53
C LEU B 487 4.52 -10.12 -3.25
N GLU B 488 4.41 -9.37 -2.15
CA GLU B 488 5.43 -8.40 -1.79
C GLU B 488 6.33 -8.91 -0.67
N ILE B 489 7.60 -9.14 -1.01
CA ILE B 489 8.57 -9.61 -0.04
C ILE B 489 9.66 -8.55 0.06
N PRO B 490 9.70 -7.81 1.19
CA PRO B 490 10.71 -6.76 1.37
C PRO B 490 12.13 -7.20 1.01
N ALA B 491 12.50 -8.41 1.41
CA ALA B 491 13.84 -8.90 1.12
C ALA B 491 14.07 -9.06 -0.37
N GLN B 492 13.06 -9.56 -1.09
CA GLN B 492 13.21 -9.75 -2.53
C GLN B 492 13.21 -8.40 -3.25
N VAL B 493 12.54 -7.41 -2.66
CA VAL B 493 12.52 -6.07 -3.26
C VAL B 493 13.96 -5.54 -3.14
N ALA B 494 14.58 -5.77 -1.99
CA ALA B 494 15.95 -5.32 -1.75
C ALA B 494 16.92 -6.03 -2.72
N ALA B 495 16.60 -7.27 -3.06
CA ALA B 495 17.43 -8.02 -3.99
C ALA B 495 17.37 -7.38 -5.37
N SER B 496 16.21 -6.84 -5.73
CA SER B 496 16.07 -6.18 -7.02
C SER B 496 16.94 -4.92 -7.00
N TRP B 497 17.02 -4.28 -5.85
CA TRP B 497 17.87 -3.08 -5.72
C TRP B 497 19.33 -3.50 -5.84
N GLU B 498 19.66 -4.66 -5.26
CA GLU B 498 21.03 -5.14 -5.30
C GLU B 498 21.46 -5.44 -6.73
N SER B 499 20.52 -5.82 -7.59
CA SER B 499 20.86 -6.13 -8.98
C SER B 499 21.17 -4.87 -9.78
N GLY B 500 20.70 -3.73 -9.29
CA GLY B 500 20.93 -2.47 -9.98
C GLY B 500 19.88 -2.17 -11.05
N ARG B 501 18.97 -3.13 -11.27
CA ARG B 501 17.91 -2.99 -12.27
C ARG B 501 16.63 -3.55 -11.67
N ASP B 502 16.03 -2.80 -10.75
CA ASP B 502 14.83 -3.24 -10.04
C ASP B 502 13.54 -3.45 -10.83
N ASP B 503 13.58 -3.31 -12.15
CA ASP B 503 12.37 -3.50 -12.94
C ASP B 503 12.63 -4.35 -14.18
N ALA B 504 13.81 -4.97 -14.22
CA ALA B 504 14.22 -5.80 -15.35
C ALA B 504 13.37 -7.07 -15.52
N ALA B 505 13.12 -7.43 -16.77
CA ALA B 505 12.33 -8.61 -17.10
C ALA B 505 12.93 -9.90 -16.54
N VAL B 506 14.25 -10.01 -16.58
CA VAL B 506 14.93 -11.20 -16.10
C VAL B 506 14.66 -11.50 -14.63
N PHE B 507 14.31 -10.47 -13.86
CA PHE B 507 14.03 -10.68 -12.45
C PHE B 507 12.53 -10.85 -12.15
N GLY B 508 11.78 -11.21 -13.18
CA GLY B 508 10.35 -11.45 -13.02
C GLY B 508 9.39 -10.29 -13.20
N PHE B 509 9.91 -9.12 -13.56
CA PHE B 509 9.07 -7.95 -13.73
C PHE B 509 8.44 -7.84 -15.11
N ILE B 510 7.11 -7.91 -15.14
CA ILE B 510 6.35 -7.82 -16.36
C ILE B 510 4.94 -7.38 -15.99
N ASP B 511 4.34 -6.48 -16.76
CA ASP B 511 3.00 -6.00 -16.43
C ASP B 511 1.91 -6.95 -16.92
N LYS B 512 0.71 -6.80 -16.35
CA LYS B 512 -0.43 -7.63 -16.69
C LYS B 512 -0.64 -7.80 -18.20
N GLU B 513 -0.71 -6.68 -18.91
CA GLU B 513 -0.91 -6.71 -20.35
C GLU B 513 0.11 -7.60 -21.05
N GLN B 514 1.39 -7.41 -20.72
CA GLN B 514 2.46 -8.19 -21.32
C GLN B 514 2.39 -9.66 -20.92
N LEU B 515 2.10 -9.92 -19.64
CA LEU B 515 2.02 -11.28 -19.15
C LEU B 515 0.85 -12.04 -19.78
N ASP B 516 -0.26 -11.36 -20.03
CA ASP B 516 -1.41 -12.02 -20.64
C ASP B 516 -1.07 -12.44 -22.05
N LYS B 517 -0.39 -11.56 -22.78
CA LYS B 517 0.00 -11.85 -24.16
C LYS B 517 0.98 -13.01 -24.17
N TYR B 518 1.89 -13.03 -23.21
CA TYR B 518 2.88 -14.08 -23.09
C TYR B 518 2.21 -15.45 -22.96
N VAL B 519 1.24 -15.52 -22.04
CA VAL B 519 0.51 -16.75 -21.80
C VAL B 519 -0.31 -17.12 -23.04
N ALA B 520 -0.81 -16.11 -23.74
CA ALA B 520 -1.61 -16.33 -24.93
C ALA B 520 -0.79 -16.92 -26.06
N ASN B 521 0.53 -16.70 -26.02
CA ASN B 521 1.42 -17.23 -27.04
C ASN B 521 1.95 -18.62 -26.71
N GLY B 522 1.51 -19.17 -25.58
CA GLY B 522 1.95 -20.50 -25.20
C GLY B 522 2.75 -20.60 -23.91
N GLY B 523 3.11 -19.46 -23.35
CA GLY B 523 3.88 -19.47 -22.11
C GLY B 523 3.02 -19.63 -20.87
N LYS B 524 3.67 -19.83 -19.73
CA LYS B 524 2.96 -19.98 -18.47
C LYS B 524 3.37 -18.83 -17.55
N ARG B 525 2.41 -18.27 -16.83
CA ARG B 525 2.72 -17.16 -15.95
C ARG B 525 3.77 -17.53 -14.91
N SER B 526 3.86 -18.82 -14.59
CA SER B 526 4.83 -19.27 -13.60
C SER B 526 6.27 -19.12 -14.11
N ASP B 527 6.43 -18.97 -15.42
CA ASP B 527 7.76 -18.81 -16.01
C ASP B 527 8.40 -17.51 -15.52
N TRP B 528 7.57 -16.61 -15.01
CA TRP B 528 8.05 -15.32 -14.53
C TRP B 528 8.18 -15.22 -13.02
N THR B 529 7.95 -16.33 -12.34
CA THR B 529 8.06 -16.35 -10.88
C THR B 529 9.50 -16.64 -10.47
N VAL B 530 10.12 -15.69 -9.77
CA VAL B 530 11.48 -15.86 -9.30
C VAL B 530 11.41 -16.28 -7.84
N LYS B 531 11.77 -17.53 -7.56
CA LYS B 531 11.72 -18.04 -6.20
C LYS B 531 12.79 -17.39 -5.33
N PHE B 532 12.54 -17.40 -4.02
CA PHE B 532 13.44 -16.78 -3.06
C PHE B 532 13.86 -17.75 -1.97
N ALA B 533 15.06 -17.57 -1.43
CA ALA B 533 15.56 -18.46 -0.40
C ALA B 533 16.40 -17.72 0.64
N GLU B 534 16.55 -18.34 1.80
CA GLU B 534 17.35 -17.76 2.86
C GLU B 534 18.71 -18.45 2.90
N ASN B 535 19.73 -17.71 3.31
CA ASN B 535 21.07 -18.25 3.41
C ASN B 535 21.48 -18.34 4.87
N ARG B 536 21.69 -19.55 5.36
CA ARG B 536 22.07 -19.77 6.75
C ARG B 536 23.41 -20.50 6.85
N SER B 537 24.19 -20.18 7.87
CA SER B 537 25.48 -20.83 8.07
C SER B 537 25.26 -22.25 8.57
N GLN B 538 26.34 -23.02 8.63
CA GLN B 538 26.26 -24.40 9.08
C GLN B 538 25.68 -24.54 10.49
N ASP B 539 25.66 -23.45 11.25
CA ASP B 539 25.13 -23.48 12.61
C ASP B 539 23.69 -22.98 12.67
N GLY B 540 23.12 -22.62 11.52
CA GLY B 540 21.75 -22.15 11.49
C GLY B 540 21.58 -20.64 11.54
N THR B 541 22.67 -19.91 11.63
CA THR B 541 22.62 -18.46 11.68
C THR B 541 22.17 -17.88 10.35
N LEU B 542 21.19 -17.00 10.39
CA LEU B 542 20.66 -16.35 9.19
C LEU B 542 21.68 -15.34 8.68
N LEU B 543 22.20 -15.59 7.48
CA LEU B 543 23.20 -14.70 6.89
C LEU B 543 22.59 -13.69 5.95
N GLY B 544 21.46 -14.05 5.35
CA GLY B 544 20.79 -13.17 4.42
C GLY B 544 19.84 -13.94 3.52
N TYR B 545 19.67 -13.47 2.29
CA TYR B 545 18.78 -14.10 1.33
C TYR B 545 19.36 -14.11 -0.07
N SER B 546 18.83 -14.97 -0.93
CA SER B 546 19.27 -15.06 -2.31
C SER B 546 18.11 -15.38 -3.24
N LEU B 547 18.16 -14.82 -4.45
CA LEU B 547 17.15 -15.14 -5.44
C LEU B 547 17.59 -16.56 -5.81
N LEU B 548 16.64 -17.46 -6.08
CA LEU B 548 17.03 -18.80 -6.50
C LEU B 548 17.28 -18.69 -7.99
N GLN B 549 18.27 -17.86 -8.31
CA GLN B 549 18.64 -17.57 -9.68
C GLN B 549 20.04 -16.96 -9.70
N GLU B 550 20.87 -17.42 -10.62
CA GLU B 550 22.23 -16.90 -10.73
C GLU B 550 22.28 -16.01 -11.98
N SER B 551 22.66 -14.76 -11.78
CA SER B 551 22.70 -13.79 -12.87
C SER B 551 23.99 -13.81 -13.66
N VAL B 552 23.86 -13.78 -14.99
CA VAL B 552 25.03 -13.81 -15.86
C VAL B 552 25.89 -12.55 -15.76
N ASP B 553 25.28 -11.39 -15.48
CA ASP B 553 26.07 -10.17 -15.34
C ASP B 553 26.83 -10.29 -14.03
N GLN B 554 26.13 -10.70 -12.98
CA GLN B 554 26.72 -10.89 -11.65
C GLN B 554 27.93 -11.84 -11.73
N ALA B 555 27.76 -12.96 -12.43
CA ALA B 555 28.82 -13.94 -12.60
C ALA B 555 29.98 -13.34 -13.37
N SER B 556 29.67 -12.55 -14.38
CA SER B 556 30.70 -11.91 -15.19
C SER B 556 31.47 -10.86 -14.38
N TYR B 557 30.77 -10.15 -13.49
CA TYR B 557 31.44 -9.15 -12.66
C TYR B 557 32.35 -9.87 -11.67
N MSE B 558 31.95 -11.07 -11.25
CA MSE B 558 32.75 -11.87 -10.33
C MSE B 558 34.00 -12.33 -11.07
O MSE B 558 35.09 -12.41 -10.50
CB MSE B 558 31.96 -13.07 -9.82
CG MSE B 558 30.94 -12.74 -8.75
SE MSE B 558 31.74 -12.54 -7.00
CE MSE B 558 32.48 -10.76 -7.20
N TYR B 559 33.84 -12.66 -12.35
CA TYR B 559 34.98 -13.09 -13.16
C TYR B 559 35.96 -11.93 -13.18
N SER B 560 35.44 -10.74 -13.44
CA SER B 560 36.22 -9.50 -13.47
C SER B 560 36.93 -9.27 -12.15
N ASP B 561 36.19 -9.42 -11.05
CA ASP B 561 36.74 -9.23 -9.71
C ASP B 561 37.96 -10.12 -9.51
N ASN B 562 37.83 -11.41 -9.81
CA ASN B 562 38.96 -12.33 -9.65
C ASN B 562 40.13 -11.96 -10.55
N HIS B 563 39.83 -11.58 -11.79
CA HIS B 563 40.85 -11.20 -12.75
C HIS B 563 41.69 -10.03 -12.24
N TYR B 564 41.02 -8.99 -11.75
CA TYR B 564 41.73 -7.82 -11.24
C TYR B 564 42.40 -8.09 -9.90
N LEU B 565 41.80 -8.93 -9.07
CA LEU B 565 42.41 -9.25 -7.78
C LEU B 565 43.70 -10.04 -8.02
N ALA B 566 43.69 -10.86 -9.06
CA ALA B 566 44.88 -11.64 -9.40
C ALA B 566 46.00 -10.70 -9.82
N GLU B 567 45.67 -9.69 -10.62
CA GLU B 567 46.67 -8.72 -11.07
C GLU B 567 47.22 -7.92 -9.90
N MSE B 568 46.35 -7.55 -8.97
CA MSE B 568 46.78 -6.79 -7.80
C MSE B 568 47.67 -7.63 -6.90
O MSE B 568 48.66 -7.14 -6.34
CB MSE B 568 45.56 -6.29 -7.02
CG MSE B 568 44.88 -5.12 -7.68
SE MSE B 568 43.33 -4.55 -6.71
CE MSE B 568 42.22 -4.03 -8.20
N ALA B 569 47.32 -8.90 -6.76
CA ALA B 569 48.10 -9.81 -5.93
C ALA B 569 49.51 -9.90 -6.50
N THR B 570 49.60 -9.99 -7.83
CA THR B 570 50.89 -10.05 -8.51
C THR B 570 51.66 -8.76 -8.26
N ILE B 571 50.97 -7.62 -8.38
CA ILE B 571 51.60 -6.34 -8.15
C ILE B 571 52.16 -6.24 -6.73
N LEU B 572 51.45 -6.84 -5.77
CA LEU B 572 51.86 -6.81 -4.37
C LEU B 572 52.80 -7.94 -3.95
N GLY B 573 53.21 -8.76 -4.91
CA GLY B 573 54.11 -9.86 -4.60
C GLY B 573 53.46 -10.97 -3.77
N LYS B 574 52.26 -11.36 -4.16
CA LYS B 574 51.52 -12.42 -3.48
C LYS B 574 51.15 -13.44 -4.57
N PRO B 575 52.16 -14.13 -5.11
CA PRO B 575 52.00 -15.14 -6.17
C PRO B 575 50.98 -16.25 -5.94
N GLU B 576 50.92 -16.77 -4.72
CA GLU B 576 49.98 -17.85 -4.44
C GLU B 576 48.54 -17.34 -4.45
N GLU B 577 48.34 -16.13 -3.96
CA GLU B 577 47.01 -15.55 -3.94
C GLU B 577 46.61 -15.23 -5.38
N ALA B 578 47.58 -14.79 -6.17
CA ALA B 578 47.32 -14.47 -7.57
C ALA B 578 46.85 -15.72 -8.32
N LYS B 579 47.53 -16.84 -8.08
CA LYS B 579 47.17 -18.09 -8.74
C LYS B 579 45.77 -18.55 -8.33
N ARG B 580 45.41 -18.33 -7.07
CA ARG B 580 44.09 -18.72 -6.58
C ARG B 580 43.01 -17.93 -7.31
N TYR B 581 43.21 -16.62 -7.43
CA TYR B 581 42.23 -15.78 -8.11
C TYR B 581 42.16 -16.12 -9.59
N ARG B 582 43.29 -16.48 -10.17
CA ARG B 582 43.34 -16.84 -11.57
C ARG B 582 42.51 -18.11 -11.76
N GLN B 583 42.60 -19.01 -10.79
CA GLN B 583 41.86 -20.26 -10.85
C GLN B 583 40.37 -19.98 -10.67
N LEU B 584 40.04 -19.07 -9.75
CA LEU B 584 38.64 -18.72 -9.51
C LEU B 584 38.03 -18.10 -10.76
N ALA B 585 38.81 -17.27 -11.45
CA ALA B 585 38.35 -16.63 -12.68
C ALA B 585 38.06 -17.67 -13.75
N GLN B 586 38.99 -18.60 -13.95
CA GLN B 586 38.81 -19.64 -14.95
C GLN B 586 37.56 -20.47 -14.68
N GLN B 587 37.32 -20.80 -13.42
CA GLN B 587 36.14 -21.59 -13.05
C GLN B 587 34.85 -20.84 -13.39
N LEU B 588 34.83 -19.54 -13.12
CA LEU B 588 33.65 -18.73 -13.42
C LEU B 588 33.44 -18.60 -14.92
N ALA B 589 34.53 -18.44 -15.67
CA ALA B 589 34.43 -18.32 -17.12
C ALA B 589 33.81 -19.60 -17.68
N ASP B 590 34.28 -20.74 -17.21
CA ASP B 590 33.76 -22.02 -17.67
C ASP B 590 32.27 -22.17 -17.34
N TYR B 591 31.87 -21.75 -16.14
CA TYR B 591 30.46 -21.85 -15.72
C TYR B 591 29.61 -20.93 -16.59
N ILE B 592 30.10 -19.71 -16.82
CA ILE B 592 29.36 -18.74 -17.64
C ILE B 592 29.15 -19.28 -19.06
N ASN B 593 30.21 -19.78 -19.67
CA ASN B 593 30.13 -20.30 -21.02
C ASN B 593 29.33 -21.59 -21.15
N THR B 594 29.51 -22.51 -20.20
CA THR B 594 28.79 -23.78 -20.26
C THR B 594 27.34 -23.65 -19.84
N CYS B 595 27.10 -22.92 -18.76
CA CYS B 595 25.77 -22.78 -18.20
C CYS B 595 24.84 -21.67 -18.67
N MSE B 596 25.40 -20.48 -18.89
CA MSE B 596 24.56 -19.35 -19.26
C MSE B 596 24.44 -19.01 -20.73
O MSE B 596 23.62 -18.16 -21.10
CB MSE B 596 25.03 -18.14 -18.43
CG MSE B 596 24.92 -18.44 -16.94
SE MSE B 596 26.07 -17.40 -15.81
CE MSE B 596 25.01 -17.44 -14.18
N PHE B 597 25.21 -19.67 -21.58
CA PHE B 597 25.13 -19.44 -23.03
C PHE B 597 24.16 -20.43 -23.65
N ASP B 598 23.14 -19.93 -24.34
CA ASP B 598 22.18 -20.80 -25.02
C ASP B 598 22.61 -20.96 -26.47
N PRO B 599 23.03 -22.18 -26.86
CA PRO B 599 23.46 -22.46 -28.23
C PRO B 599 22.41 -22.11 -29.28
N THR B 600 21.14 -22.31 -28.94
CA THR B 600 20.06 -22.05 -29.90
C THR B 600 19.82 -20.58 -30.22
N THR B 601 19.61 -19.75 -29.21
CA THR B 601 19.36 -18.33 -29.45
C THR B 601 20.67 -17.52 -29.54
N GLN B 602 21.80 -18.20 -29.39
CA GLN B 602 23.12 -17.56 -29.48
C GLN B 602 23.24 -16.34 -28.57
N PHE B 603 22.85 -16.49 -27.31
CA PHE B 603 22.90 -15.38 -26.36
C PHE B 603 23.07 -15.92 -24.95
N TYR B 604 23.43 -15.03 -24.02
CA TYR B 604 23.62 -15.39 -22.61
C TYR B 604 22.38 -15.00 -21.79
N TYR B 605 22.09 -15.80 -20.78
CA TYR B 605 20.94 -15.55 -19.90
C TYR B 605 21.26 -15.98 -18.47
N ASP B 606 20.41 -15.56 -17.54
CA ASP B 606 20.52 -15.96 -16.15
C ASP B 606 20.08 -17.42 -16.15
N VAL B 607 20.33 -18.13 -15.06
CA VAL B 607 19.88 -19.50 -14.94
C VAL B 607 19.20 -19.61 -13.58
N ARG B 608 18.19 -20.46 -13.48
CA ARG B 608 17.49 -20.64 -12.21
C ARG B 608 18.31 -21.61 -11.38
N ILE B 609 18.15 -21.55 -10.07
CA ILE B 609 18.80 -22.51 -9.20
C ILE B 609 17.66 -23.49 -9.05
N GLU B 610 17.63 -24.49 -9.93
CA GLU B 610 16.58 -25.49 -9.92
C GLU B 610 16.65 -26.42 -8.71
N ASP B 611 15.59 -27.17 -8.46
CA ASP B 611 15.57 -28.08 -7.31
C ASP B 611 16.76 -29.02 -7.30
N LYS B 612 17.26 -29.36 -8.48
CA LYS B 612 18.42 -30.23 -8.58
C LYS B 612 19.28 -29.72 -9.74
N PRO B 613 20.60 -29.72 -9.58
CA PRO B 613 21.46 -29.25 -10.67
C PRO B 613 21.40 -30.17 -11.87
N LEU B 614 21.87 -29.67 -13.01
CA LEU B 614 21.88 -30.45 -14.24
C LEU B 614 23.06 -31.40 -14.24
N ALA B 615 23.05 -32.37 -15.15
CA ALA B 615 24.12 -33.36 -15.24
C ALA B 615 25.48 -32.72 -15.44
N ASN B 616 25.52 -31.56 -16.09
CA ASN B 616 26.78 -30.88 -16.35
C ASN B 616 27.23 -30.03 -15.16
N GLY B 617 26.50 -30.12 -14.05
CA GLY B 617 26.86 -29.35 -12.87
C GLY B 617 26.24 -27.96 -12.77
N CYS B 618 25.57 -27.53 -13.83
CA CYS B 618 24.95 -26.21 -13.83
C CYS B 618 23.73 -26.19 -12.89
N ALA B 619 23.51 -25.07 -12.22
CA ALA B 619 22.39 -24.96 -11.28
C ALA B 619 21.04 -25.07 -11.97
N GLY B 620 20.99 -24.68 -13.24
CA GLY B 620 19.74 -24.73 -13.98
C GLY B 620 19.96 -24.31 -15.41
N LYS B 621 18.90 -24.38 -16.21
CA LYS B 621 18.99 -23.99 -17.62
C LYS B 621 18.86 -22.49 -17.78
N PRO B 622 19.38 -21.94 -18.89
CA PRO B 622 19.27 -20.49 -19.10
C PRO B 622 17.80 -20.11 -19.26
N ILE B 623 17.42 -18.98 -18.67
CA ILE B 623 16.04 -18.50 -18.71
C ILE B 623 15.76 -17.76 -20.02
N VAL B 624 15.79 -18.50 -21.13
CA VAL B 624 15.55 -17.91 -22.43
C VAL B 624 14.14 -17.36 -22.61
N GLU B 625 13.16 -17.97 -21.95
CA GLU B 625 11.77 -17.53 -22.10
C GLU B 625 11.46 -16.11 -21.64
N ARG B 626 12.29 -15.53 -20.76
CA ARG B 626 12.03 -14.17 -20.31
C ARG B 626 12.62 -13.11 -21.23
N GLY B 627 13.21 -13.56 -22.34
CA GLY B 627 13.77 -12.63 -23.31
C GLY B 627 15.21 -12.22 -23.07
N LYS B 628 15.76 -11.50 -24.06
CA LYS B 628 17.15 -11.05 -24.01
C LYS B 628 17.30 -9.66 -23.40
N GLY B 629 18.41 -9.46 -22.70
CA GLY B 629 18.69 -8.18 -22.05
C GLY B 629 20.16 -7.84 -22.13
N PRO B 630 20.56 -6.66 -21.63
CA PRO B 630 21.97 -6.22 -21.65
C PRO B 630 22.92 -7.14 -20.88
N GLU B 631 22.37 -7.91 -19.94
CA GLU B 631 23.21 -8.83 -19.17
C GLU B 631 23.81 -9.84 -20.16
N GLY B 632 23.17 -9.96 -21.32
CA GLY B 632 23.63 -10.88 -22.35
C GLY B 632 25.02 -10.60 -22.87
N TRP B 633 25.45 -9.33 -22.85
CA TRP B 633 26.79 -9.03 -23.31
C TRP B 633 27.74 -8.75 -22.14
N SER B 634 27.30 -9.05 -20.94
CA SER B 634 28.15 -8.84 -19.78
C SER B 634 29.38 -9.74 -19.88
N PRO B 635 29.23 -10.98 -20.38
CA PRO B 635 30.40 -11.84 -20.50
C PRO B 635 31.44 -11.29 -21.48
N LEU B 636 30.98 -10.51 -22.45
CA LEU B 636 31.89 -9.91 -23.42
C LEU B 636 32.62 -8.74 -22.80
N PHE B 637 31.87 -7.84 -22.16
CA PHE B 637 32.48 -6.68 -21.51
C PHE B 637 33.54 -7.11 -20.50
N ASN B 638 33.21 -8.11 -19.69
CA ASN B 638 34.10 -8.59 -18.65
C ASN B 638 35.17 -9.57 -19.12
N GLY B 639 35.09 -9.98 -20.38
CA GLY B 639 36.09 -10.88 -20.94
C GLY B 639 36.01 -12.34 -20.56
N ALA B 640 34.85 -12.81 -20.11
CA ALA B 640 34.69 -14.21 -19.73
C ALA B 640 34.30 -15.07 -20.94
N ALA B 641 33.74 -14.43 -21.96
CA ALA B 641 33.28 -15.14 -23.16
C ALA B 641 34.37 -15.73 -24.04
N THR B 642 34.03 -16.85 -24.69
CA THR B 642 34.95 -17.47 -25.64
C THR B 642 34.72 -16.65 -26.90
N GLN B 643 35.66 -16.69 -27.84
CA GLN B 643 35.53 -15.92 -29.07
C GLN B 643 34.27 -16.31 -29.85
N ALA B 644 34.01 -17.62 -29.94
CA ALA B 644 32.84 -18.10 -30.68
C ALA B 644 31.53 -17.58 -30.09
N ASN B 645 31.41 -17.61 -28.77
CA ASN B 645 30.19 -17.14 -28.13
C ASN B 645 30.06 -15.63 -28.28
N ALA B 646 31.19 -14.93 -28.30
CA ALA B 646 31.17 -13.48 -28.45
C ALA B 646 30.70 -13.13 -29.87
N ASP B 647 31.19 -13.88 -30.86
CA ASP B 647 30.80 -13.64 -32.24
C ASP B 647 29.28 -13.77 -32.36
N ALA B 648 28.72 -14.77 -31.67
CA ALA B 648 27.29 -15.02 -31.69
C ALA B 648 26.49 -13.87 -31.07
N VAL B 649 26.93 -13.41 -29.92
CA VAL B 649 26.25 -12.32 -29.22
C VAL B 649 26.30 -11.02 -30.01
N VAL B 650 27.43 -10.73 -30.63
CA VAL B 650 27.56 -9.51 -31.41
C VAL B 650 26.56 -9.48 -32.56
N LYS B 651 26.30 -10.63 -33.16
CA LYS B 651 25.33 -10.69 -34.27
C LYS B 651 23.95 -10.29 -33.77
N VAL B 652 23.60 -10.72 -32.56
CA VAL B 652 22.30 -10.38 -31.99
C VAL B 652 22.26 -8.89 -31.68
N MSE B 653 23.35 -8.37 -31.11
CA MSE B 653 23.42 -6.96 -30.77
C MSE B 653 23.23 -6.07 -31.99
O MSE B 653 22.55 -5.03 -31.92
CB MSE B 653 24.77 -6.64 -30.12
CG MSE B 653 24.99 -7.34 -28.78
SE MSE B 653 26.78 -7.10 -28.09
CE MSE B 653 26.58 -5.31 -27.36
N LEU B 654 23.82 -6.46 -33.12
CA LEU B 654 23.72 -5.66 -34.34
C LEU B 654 22.43 -5.90 -35.14
N ASP B 655 21.60 -6.82 -34.67
CA ASP B 655 20.35 -7.12 -35.36
C ASP B 655 19.33 -6.03 -35.06
N PRO B 656 18.79 -5.38 -36.11
CA PRO B 656 17.80 -4.31 -35.95
C PRO B 656 16.50 -4.78 -35.29
N LYS B 657 16.26 -6.09 -35.32
CA LYS B 657 15.04 -6.65 -34.72
C LYS B 657 15.28 -7.00 -33.26
N GLU B 658 16.52 -6.86 -32.81
CA GLU B 658 16.88 -7.16 -31.43
C GLU B 658 17.33 -5.93 -30.62
N PHE B 659 18.58 -5.52 -30.80
CA PHE B 659 19.10 -4.37 -30.05
C PHE B 659 19.57 -3.19 -30.89
N ASN B 660 19.71 -3.37 -32.19
CA ASN B 660 20.20 -2.27 -33.03
C ASN B 660 19.08 -1.32 -33.42
N THR B 661 18.62 -0.55 -32.44
CA THR B 661 17.54 0.41 -32.61
C THR B 661 18.02 1.85 -32.83
N PHE B 662 17.06 2.77 -32.96
CA PHE B 662 17.34 4.19 -33.19
C PHE B 662 18.49 4.61 -32.27
N VAL B 663 18.35 4.27 -30.99
CA VAL B 663 19.42 4.49 -30.01
C VAL B 663 19.62 3.02 -29.62
N PRO B 664 20.73 2.41 -30.07
CA PRO B 664 21.10 1.01 -29.83
C PRO B 664 21.42 0.54 -28.42
N LEU B 665 21.34 -0.77 -28.25
CA LEU B 665 21.68 -1.47 -27.02
C LEU B 665 20.89 -1.11 -25.76
N GLY B 666 19.57 -1.16 -25.88
CA GLY B 666 18.69 -0.86 -24.76
C GLY B 666 18.67 -1.96 -23.70
N THR B 667 17.91 -1.73 -22.64
CA THR B 667 17.83 -2.67 -21.53
C THR B 667 16.96 -3.92 -21.74
N ALA B 668 16.43 -4.07 -22.95
CA ALA B 668 15.61 -5.23 -23.30
C ALA B 668 15.49 -5.24 -24.82
N ALA B 669 15.67 -6.41 -25.43
CA ALA B 669 15.57 -6.54 -26.87
C ALA B 669 14.12 -6.26 -27.30
N LEU B 670 13.94 -5.80 -28.52
CA LEU B 670 12.60 -5.51 -29.03
C LEU B 670 11.73 -6.75 -28.93
N THR B 671 12.37 -7.92 -28.99
CA THR B 671 11.71 -9.22 -28.94
C THR B 671 11.36 -9.71 -27.54
N ASN B 672 11.88 -9.04 -26.52
CA ASN B 672 11.61 -9.43 -25.14
C ASN B 672 10.11 -9.28 -24.87
N PRO B 673 9.46 -10.33 -24.34
CA PRO B 673 8.02 -10.28 -24.05
C PRO B 673 7.59 -9.17 -23.09
N ALA B 674 8.53 -8.66 -22.31
CA ALA B 674 8.26 -7.61 -21.34
C ALA B 674 8.82 -6.26 -21.79
N PHE B 675 9.14 -6.17 -23.07
CA PHE B 675 9.69 -4.94 -23.63
C PHE B 675 8.74 -3.75 -23.58
N GLY B 676 9.31 -2.58 -23.35
CA GLY B 676 8.56 -1.34 -23.28
C GLY B 676 9.53 -0.22 -23.59
N ALA B 677 9.30 0.51 -24.67
CA ALA B 677 10.19 1.59 -25.08
C ALA B 677 10.41 2.66 -24.02
N ASP B 678 9.45 2.81 -23.10
CA ASP B 678 9.57 3.81 -22.05
C ASP B 678 9.86 3.21 -20.66
N ILE B 679 10.00 1.89 -20.59
CA ILE B 679 10.28 1.23 -19.33
C ILE B 679 11.77 1.33 -19.00
N TYR B 680 12.08 1.89 -17.84
CA TYR B 680 13.46 2.07 -17.39
C TYR B 680 14.40 0.90 -17.63
N TRP B 681 14.05 -0.27 -17.12
CA TRP B 681 14.91 -1.43 -17.27
C TRP B 681 14.41 -2.52 -18.21
N ARG B 682 13.44 -2.19 -19.05
CA ARG B 682 12.90 -3.15 -20.00
C ARG B 682 12.76 -2.52 -21.39
N GLY B 683 13.75 -1.71 -21.76
CA GLY B 683 13.73 -1.07 -23.06
C GLY B 683 14.60 0.16 -23.18
N ARG B 684 14.53 1.05 -22.18
CA ARG B 684 15.33 2.27 -22.21
C ARG B 684 16.82 2.00 -22.28
N VAL B 685 17.53 2.89 -22.94
CA VAL B 685 18.97 2.78 -23.09
C VAL B 685 19.68 3.58 -22.00
N TRP B 686 20.57 2.91 -21.28
CA TRP B 686 21.37 3.58 -20.24
C TRP B 686 22.78 3.65 -20.79
N VAL B 687 23.49 4.73 -20.49
CA VAL B 687 24.84 4.90 -21.02
C VAL B 687 25.86 3.88 -20.51
N ASP B 688 25.66 3.36 -19.30
CA ASP B 688 26.60 2.39 -18.79
C ASP B 688 26.47 1.05 -19.54
N GLN B 689 25.25 0.54 -19.65
CA GLN B 689 25.06 -0.73 -20.38
C GLN B 689 25.45 -0.56 -21.84
N PHE B 690 25.23 0.63 -22.40
CA PHE B 690 25.59 0.91 -23.78
C PHE B 690 27.10 0.81 -23.94
N TRP B 691 27.84 1.50 -23.08
CA TRP B 691 29.30 1.48 -23.15
C TRP B 691 29.84 0.07 -22.87
N PHE B 692 29.24 -0.65 -21.93
CA PHE B 692 29.67 -2.02 -21.64
C PHE B 692 29.57 -2.82 -22.94
N GLY B 693 28.47 -2.58 -23.66
CA GLY B 693 28.24 -3.28 -24.92
C GLY B 693 29.32 -2.99 -25.95
N LEU B 694 29.63 -1.71 -26.15
CA LEU B 694 30.65 -1.34 -27.13
C LEU B 694 32.02 -1.89 -26.74
N LYS B 695 32.35 -1.85 -25.46
CA LYS B 695 33.64 -2.36 -25.00
C LYS B 695 33.71 -3.87 -25.18
N GLY B 696 32.60 -4.55 -24.95
CA GLY B 696 32.57 -5.99 -25.13
C GLY B 696 32.80 -6.31 -26.59
N MSE B 697 32.14 -5.55 -27.47
CA MSE B 697 32.25 -5.71 -28.90
C MSE B 697 33.71 -5.51 -29.33
O MSE B 697 34.28 -6.34 -30.06
CB MSE B 697 31.36 -4.65 -29.59
CG MSE B 697 31.04 -4.89 -31.06
SE MSE B 697 29.64 -3.69 -31.67
CE MSE B 697 28.61 -3.72 -30.13
N GLU B 698 34.30 -4.42 -28.85
CA GLU B 698 35.68 -4.09 -29.15
C GLU B 698 36.67 -5.16 -28.67
N ARG B 699 36.45 -5.66 -27.46
CA ARG B 699 37.32 -6.67 -26.89
C ARG B 699 37.46 -7.91 -27.78
N TYR B 700 36.40 -8.27 -28.48
CA TYR B 700 36.43 -9.45 -29.33
C TYR B 700 36.63 -9.17 -30.83
N GLY B 701 37.22 -8.02 -31.14
CA GLY B 701 37.51 -7.68 -32.51
C GLY B 701 36.48 -6.95 -33.35
N TYR B 702 35.50 -6.32 -32.71
CA TYR B 702 34.47 -5.61 -33.43
C TYR B 702 34.45 -4.11 -33.18
N ARG B 703 35.64 -3.50 -33.09
CA ARG B 703 35.71 -2.07 -32.84
C ARG B 703 35.07 -1.23 -33.95
N ASP B 704 35.20 -1.69 -35.19
CA ASP B 704 34.60 -0.94 -36.30
C ASP B 704 33.09 -0.83 -36.13
N ASP B 705 32.46 -1.94 -35.75
CA ASP B 705 31.02 -1.94 -35.54
C ASP B 705 30.63 -1.11 -34.32
N ALA B 706 31.49 -1.12 -33.31
CA ALA B 706 31.23 -0.36 -32.10
C ALA B 706 31.26 1.13 -32.43
N LEU B 707 32.22 1.52 -33.27
CA LEU B 707 32.34 2.92 -33.67
C LEU B 707 31.08 3.35 -34.41
N LYS B 708 30.51 2.45 -35.21
CA LYS B 708 29.29 2.75 -35.94
C LYS B 708 28.13 3.01 -34.98
N LEU B 709 27.99 2.14 -33.97
CA LEU B 709 26.91 2.30 -33.00
C LEU B 709 27.08 3.58 -32.20
N ALA B 710 28.33 3.94 -31.91
CA ALA B 710 28.62 5.14 -31.16
C ALA B 710 28.20 6.37 -31.98
N ASP B 711 28.42 6.29 -33.29
CA ASP B 711 28.04 7.38 -34.18
C ASP B 711 26.52 7.51 -34.17
N THR B 712 25.83 6.37 -34.23
CA THR B 712 24.37 6.35 -34.22
C THR B 712 23.89 7.01 -32.92
N PHE B 713 24.51 6.63 -31.81
CA PHE B 713 24.17 7.18 -30.51
C PHE B 713 24.36 8.69 -30.52
N PHE B 714 25.51 9.15 -31.02
CA PHE B 714 25.79 10.58 -31.03
C PHE B 714 24.78 11.38 -31.86
N ARG B 715 24.33 10.80 -32.96
CA ARG B 715 23.38 11.48 -33.84
C ARG B 715 21.93 11.37 -33.40
N HIS B 716 21.61 10.34 -32.62
CA HIS B 716 20.21 10.12 -32.21
C HIS B 716 19.83 10.37 -30.75
N ALA B 717 20.78 10.29 -29.84
CA ALA B 717 20.48 10.55 -28.43
C ALA B 717 20.08 12.02 -28.27
N LYS B 718 18.81 12.25 -27.92
CA LYS B 718 18.32 13.62 -27.78
C LYS B 718 19.03 14.49 -26.75
N GLY B 719 19.28 15.74 -27.15
CA GLY B 719 19.91 16.71 -26.28
C GLY B 719 21.40 16.62 -26.06
N LEU B 720 22.04 15.64 -26.67
CA LEU B 720 23.48 15.46 -26.50
C LEU B 720 24.30 16.72 -26.78
N THR B 721 24.01 17.40 -27.88
CA THR B 721 24.76 18.61 -28.23
C THR B 721 24.10 19.93 -27.76
N ALA B 722 23.04 19.81 -26.96
CA ALA B 722 22.35 20.99 -26.42
C ALA B 722 22.94 21.34 -25.06
N ASP B 723 22.43 22.38 -24.41
CA ASP B 723 22.96 22.81 -23.12
C ASP B 723 22.19 22.35 -21.89
N GLY B 724 21.43 21.27 -22.01
CA GLY B 724 20.67 20.77 -20.88
C GLY B 724 21.50 19.87 -19.99
N PRO B 725 21.04 19.60 -18.75
CA PRO B 725 21.79 18.73 -17.85
C PRO B 725 21.73 17.27 -18.32
N ILE B 726 22.72 16.50 -17.91
CA ILE B 726 22.79 15.08 -18.28
C ILE B 726 21.75 14.29 -17.50
N GLN B 727 21.02 13.43 -18.18
CA GLN B 727 20.00 12.64 -17.51
C GLN B 727 20.35 11.16 -17.41
N GLU B 728 19.36 10.32 -17.15
CA GLU B 728 19.60 8.89 -16.95
C GLU B 728 19.49 7.92 -18.12
N ASN B 729 18.44 8.06 -18.93
CA ASN B 729 18.26 7.11 -20.03
C ASN B 729 17.57 7.66 -21.27
N TYR B 730 17.41 6.81 -22.26
CA TYR B 730 16.79 7.18 -23.53
C TYR B 730 15.78 6.17 -24.06
N ASN B 731 14.77 6.67 -24.75
CA ASN B 731 13.79 5.79 -25.38
C ASN B 731 14.59 5.25 -26.57
N PRO B 732 14.60 3.92 -26.77
CA PRO B 732 15.35 3.33 -27.88
C PRO B 732 14.78 3.58 -29.28
N LEU B 733 13.52 3.98 -29.35
CA LEU B 733 12.88 4.22 -30.62
C LEU B 733 12.85 5.69 -31.01
N THR B 734 12.82 6.57 -30.02
CA THR B 734 12.76 8.01 -30.27
C THR B 734 13.96 8.79 -29.78
N GLY B 735 14.69 8.23 -28.83
CA GLY B 735 15.86 8.91 -28.29
C GLY B 735 15.53 9.92 -27.20
N ALA B 736 14.25 10.00 -26.82
CA ALA B 736 13.82 10.94 -25.78
C ALA B 736 14.42 10.61 -24.41
N GLN B 737 14.85 11.66 -23.71
CA GLN B 737 15.47 11.54 -22.39
C GLN B 737 14.52 11.49 -21.20
N GLN B 738 14.99 10.86 -20.13
CA GLN B 738 14.25 10.74 -18.88
C GLN B 738 15.25 10.57 -17.75
N GLY B 739 14.85 10.93 -16.54
CA GLY B 739 15.74 10.77 -15.40
C GLY B 739 16.20 12.06 -14.75
N ALA B 740 16.84 11.91 -13.60
CA ALA B 740 17.33 13.04 -12.84
C ALA B 740 18.41 13.82 -13.59
N PRO B 741 18.34 15.16 -13.52
CA PRO B 741 19.32 16.02 -14.21
C PRO B 741 20.66 15.98 -13.47
N ASN B 742 21.74 16.14 -14.23
CA ASN B 742 23.11 16.11 -13.69
C ASN B 742 23.45 14.74 -13.09
N PHE B 743 23.04 13.69 -13.79
CA PHE B 743 23.26 12.30 -13.35
C PHE B 743 24.72 11.86 -13.53
N SER B 744 25.37 11.54 -12.42
CA SER B 744 26.78 11.13 -12.43
C SER B 744 27.20 9.96 -13.32
N TRP B 745 26.57 8.80 -13.17
CA TRP B 745 27.04 7.69 -13.98
C TRP B 745 26.81 7.85 -15.48
N SER B 746 25.83 8.65 -15.87
CA SER B 746 25.63 8.90 -17.29
C SER B 746 26.81 9.76 -17.72
N ALA B 747 27.14 10.76 -16.90
CA ALA B 747 28.28 11.64 -17.20
C ALA B 747 29.56 10.83 -17.30
N ALA B 748 29.75 9.88 -16.40
CA ALA B 748 30.94 9.06 -16.40
C ALA B 748 31.10 8.24 -17.69
N HIS B 749 30.02 7.60 -18.11
CA HIS B 749 30.10 6.79 -19.33
C HIS B 749 30.06 7.62 -20.60
N LEU B 750 29.53 8.84 -20.52
CA LEU B 750 29.54 9.72 -21.70
C LEU B 750 30.99 10.13 -21.92
N TYR B 751 31.70 10.38 -20.82
CA TYR B 751 33.11 10.75 -20.89
C TYR B 751 33.90 9.57 -21.50
N MSE B 752 33.60 8.36 -21.06
CA MSE B 752 34.27 7.16 -21.57
C MSE B 752 34.01 7.03 -23.07
O MSE B 752 34.91 6.70 -23.84
CB MSE B 752 33.78 5.92 -20.84
CG MSE B 752 34.23 5.83 -19.37
SE MSE B 752 33.52 4.26 -18.49
CE MSE B 752 32.93 5.07 -16.84
N LEU B 753 32.76 7.26 -23.48
CA LEU B 753 32.40 7.17 -24.90
C LEU B 753 33.18 8.19 -25.70
N TYR B 754 33.33 9.39 -25.14
CA TYR B 754 34.09 10.45 -25.80
C TYR B 754 35.52 9.98 -26.07
N ASN B 755 36.14 9.36 -25.08
CA ASN B 755 37.51 8.91 -25.22
C ASN B 755 37.69 7.65 -26.06
N ASP B 756 36.75 6.71 -25.93
CA ASP B 756 36.85 5.44 -26.64
C ASP B 756 36.18 5.28 -28.00
N PHE B 757 35.00 5.87 -28.18
CA PHE B 757 34.29 5.65 -29.43
C PHE B 757 33.79 6.83 -30.26
N PHE B 758 33.75 8.03 -29.69
CA PHE B 758 33.30 9.19 -30.46
C PHE B 758 34.44 9.70 -31.33
N ARG B 759 34.09 10.16 -32.54
CA ARG B 759 35.08 10.70 -33.46
C ARG B 759 34.46 11.39 -34.66
N LYS B 760 35.26 12.24 -35.30
CA LYS B 760 34.83 12.98 -36.48
C LYS B 760 34.55 11.99 -37.62
CA CA C . -11.91 5.77 30.56
C1 GOL D . -21.84 -5.65 8.68
O1 GOL D . -22.06 -6.69 7.73
C2 GOL D . -20.90 -6.16 9.77
O2 GOL D . -19.64 -6.55 9.19
C3 GOL D . -20.67 -5.04 10.79
O3 GOL D . -19.80 -5.51 11.82
C1 GOL E . -15.17 -5.14 10.61
O1 GOL E . -15.70 -5.53 11.87
C2 GOL E . -13.87 -5.91 10.34
O2 GOL E . -14.16 -7.31 10.35
C3 GOL E . -13.31 -5.50 8.99
O3 GOL E . -12.10 -6.22 8.73
CA CA F . 25.33 -20.10 -6.51
C1 GOL G . 21.31 6.06 -9.05
O1 GOL G . 21.09 7.39 -8.62
C2 GOL G . 21.61 5.17 -7.85
O2 GOL G . 20.50 5.20 -6.94
C3 GOL G . 21.85 3.74 -8.33
O3 GOL G . 22.14 2.90 -7.21
C1 GOL H . 18.27 1.51 -4.23
O1 GOL H . 19.64 1.16 -4.40
C2 GOL H . 17.99 1.80 -2.77
O2 GOL H . 18.82 2.89 -2.33
C3 GOL H . 16.51 2.17 -2.59
O3 GOL H . 16.25 2.44 -1.20
#